data_2JQP
#
_entry.id   2JQP
#
_cell.length_a   1.000
_cell.length_b   1.000
_cell.length_c   1.000
_cell.angle_alpha   90.00
_cell.angle_beta   90.00
_cell.angle_gamma   90.00
#
_symmetry.space_group_name_H-M   'P 1'
#
_entity_poly.entity_id   1
_entity_poly.type   'polypeptide(L)'
_entity_poly.pdbx_seq_one_letter_code
;LTCLICPEKDCQKVHTCRNEEKICVKRFYDKNQLGWRAQRGCAVSCPKAKPNETVQCCSTDKCNK
;
_entity_poly.pdbx_strand_id   A
#
# COMPACT_ATOMS: atom_id res chain seq x y z
N LEU A 1 2.49 13.66 -3.74
CA LEU A 1 1.19 13.26 -3.21
C LEU A 1 1.32 12.71 -1.79
N THR A 2 0.26 12.85 -1.01
CA THR A 2 0.26 12.36 0.37
C THR A 2 -0.63 11.13 0.52
N CYS A 3 -0.10 10.10 1.15
CA CYS A 3 -0.85 8.87 1.36
C CYS A 3 -0.57 8.29 2.75
N LEU A 4 -1.56 7.61 3.30
CA LEU A 4 -1.44 7.00 4.63
C LEU A 4 -0.82 5.61 4.54
N ILE A 5 0.22 5.38 5.34
CA ILE A 5 0.90 4.08 5.35
C ILE A 5 1.17 3.63 6.78
N CYS A 6 1.13 2.31 6.99
CA CYS A 6 1.38 1.74 8.31
C CYS A 6 1.07 0.25 8.32
N PRO A 7 2.12 -0.57 8.37
CA PRO A 7 1.97 -2.03 8.39
C PRO A 7 1.39 -2.54 9.71
N GLU A 8 0.07 -2.41 9.85
CA GLU A 8 -0.61 -2.85 11.06
C GLU A 8 -2.12 -2.93 10.84
N LYS A 9 -2.78 -3.77 11.62
CA LYS A 9 -4.23 -3.93 11.51
C LYS A 9 -4.93 -2.58 11.57
N ASP A 10 -4.90 -1.95 12.75
CA ASP A 10 -5.53 -0.65 12.94
C ASP A 10 -4.49 0.43 13.17
N CYS A 11 -4.08 1.10 12.09
CA CYS A 11 -3.08 2.16 12.18
C CYS A 11 -2.79 2.74 10.79
N GLN A 12 -2.66 4.05 10.73
CA GLN A 12 -2.38 4.73 9.47
C GLN A 12 -1.67 6.06 9.70
N LYS A 13 -0.46 6.19 9.16
CA LYS A 13 0.32 7.41 9.31
C LYS A 13 0.51 8.10 7.98
N VAL A 14 0.24 9.41 7.94
CA VAL A 14 0.39 10.19 6.72
C VAL A 14 1.83 10.17 6.22
N HIS A 15 1.99 10.06 4.91
CA HIS A 15 3.32 10.03 4.30
C HIS A 15 3.35 10.87 3.02
N THR A 16 4.56 11.25 2.61
CA THR A 16 4.72 12.06 1.41
C THR A 16 5.59 11.34 0.38
N CYS A 17 4.97 10.94 -0.73
CA CYS A 17 5.68 10.24 -1.79
C CYS A 17 6.31 11.23 -2.77
N ARG A 18 7.08 12.17 -2.24
CA ARG A 18 7.72 13.17 -3.08
C ARG A 18 8.86 12.56 -3.89
N ASN A 19 8.64 12.38 -5.19
CA ASN A 19 9.65 11.80 -6.06
C ASN A 19 9.09 11.61 -7.48
N GLU A 20 9.84 10.89 -8.31
CA GLU A 20 9.41 10.64 -9.68
C GLU A 20 8.04 9.97 -9.72
N GLU A 21 7.69 9.30 -8.63
CA GLU A 21 6.40 8.61 -8.54
C GLU A 21 5.26 9.62 -8.39
N LYS A 22 4.06 9.12 -8.17
CA LYS A 22 2.89 9.96 -8.01
C LYS A 22 1.82 9.26 -7.17
N ILE A 23 1.60 7.98 -7.45
CA ILE A 23 0.61 7.21 -6.72
C ILE A 23 1.27 6.33 -5.66
N CYS A 24 0.45 5.77 -4.77
CA CYS A 24 0.94 4.91 -3.70
C CYS A 24 0.27 3.55 -3.74
N VAL A 25 1.07 2.50 -3.86
CA VAL A 25 0.55 1.14 -3.90
C VAL A 25 0.91 0.36 -2.64
N LYS A 26 0.01 -0.52 -2.21
CA LYS A 26 0.24 -1.32 -1.01
C LYS A 26 0.03 -2.80 -1.31
N ARG A 27 0.87 -3.65 -0.73
CA ARG A 27 0.78 -5.08 -0.92
C ARG A 27 1.01 -5.83 0.39
N PHE A 28 0.08 -6.70 0.75
CA PHE A 28 0.19 -7.48 1.98
C PHE A 28 -0.28 -8.92 1.75
N TYR A 29 0.20 -9.82 2.59
CA TYR A 29 -0.17 -11.23 2.48
C TYR A 29 -0.80 -11.73 3.78
N ASP A 30 -1.86 -12.53 3.64
CA ASP A 30 -2.56 -13.07 4.80
C ASP A 30 -2.95 -14.52 4.55
N LYS A 31 -2.36 -15.43 5.33
CA LYS A 31 -2.65 -16.85 5.20
C LYS A 31 -2.66 -17.54 6.57
N ASN A 32 -2.92 -18.83 6.58
CA ASN A 32 -2.96 -19.60 7.82
C ASN A 32 -1.58 -19.64 8.47
N GLN A 33 -1.44 -20.48 9.49
CA GLN A 33 -0.18 -20.60 10.21
C GLN A 33 0.28 -19.25 10.75
N LEU A 34 -0.67 -18.44 11.18
CA LEU A 34 -0.36 -17.11 11.71
C LEU A 34 0.57 -16.34 10.77
N GLY A 35 0.04 -15.98 9.60
CA GLY A 35 0.83 -15.24 8.64
C GLY A 35 0.18 -13.93 8.24
N TRP A 36 0.91 -12.83 8.41
CA TRP A 36 0.39 -11.51 8.07
C TRP A 36 1.52 -10.51 7.89
N ARG A 37 1.69 -10.01 6.67
CA ARG A 37 2.74 -9.05 6.37
C ARG A 37 2.25 -8.00 5.37
N ALA A 38 2.60 -6.75 5.62
CA ALA A 38 2.19 -5.66 4.74
C ALA A 38 3.40 -4.84 4.28
N GLN A 39 3.27 -4.19 3.13
CA GLN A 39 4.36 -3.39 2.58
C GLN A 39 3.83 -2.44 1.51
N ARG A 40 4.15 -1.16 1.65
CA ARG A 40 3.71 -0.15 0.70
C ARG A 40 4.89 0.39 -0.10
N GLY A 41 4.60 1.11 -1.17
CA GLY A 41 5.64 1.67 -2.00
C GLY A 41 5.12 2.68 -3.00
N CYS A 42 5.88 3.74 -3.24
CA CYS A 42 5.49 4.79 -4.18
C CYS A 42 5.78 4.36 -5.62
N ALA A 43 4.93 4.80 -6.54
CA ALA A 43 5.11 4.47 -7.95
C ALA A 43 4.16 5.30 -8.83
N VAL A 44 4.09 4.95 -10.11
CA VAL A 44 3.23 5.67 -11.05
C VAL A 44 2.40 4.69 -11.88
N SER A 45 2.32 3.45 -11.41
CA SER A 45 1.56 2.42 -12.12
C SER A 45 0.89 1.47 -11.13
N CYS A 46 -0.24 0.89 -11.54
CA CYS A 46 -0.97 -0.04 -10.70
C CYS A 46 -1.00 -1.43 -11.31
N PRO A 47 0.08 -2.20 -11.11
CA PRO A 47 0.21 -3.56 -11.63
C PRO A 47 -0.74 -4.53 -10.94
N LYS A 48 -0.50 -5.82 -11.15
CA LYS A 48 -1.33 -6.86 -10.54
C LYS A 48 -0.49 -7.77 -9.66
N ALA A 49 -1.11 -8.83 -9.13
CA ALA A 49 -0.43 -9.77 -8.27
C ALA A 49 -1.17 -11.10 -8.21
N LYS A 50 -0.61 -12.06 -7.49
CA LYS A 50 -1.22 -13.37 -7.34
C LYS A 50 -2.61 -13.26 -6.72
N PRO A 51 -3.46 -14.26 -6.99
CA PRO A 51 -4.82 -14.30 -6.46
C PRO A 51 -4.85 -14.55 -4.95
N ASN A 52 -3.68 -14.85 -4.38
CA ASN A 52 -3.59 -15.11 -2.95
C ASN A 52 -3.26 -13.83 -2.18
N GLU A 53 -2.28 -13.08 -2.68
CA GLU A 53 -1.88 -11.83 -2.04
C GLU A 53 -2.90 -10.73 -2.31
N THR A 54 -2.70 -9.58 -1.66
CA THR A 54 -3.61 -8.45 -1.82
C THR A 54 -2.85 -7.18 -2.21
N VAL A 55 -3.32 -6.51 -3.25
CA VAL A 55 -2.69 -5.29 -3.72
C VAL A 55 -3.71 -4.18 -3.92
N GLN A 56 -3.32 -2.94 -3.63
CA GLN A 56 -4.21 -1.80 -3.79
C GLN A 56 -3.41 -0.50 -3.84
N CYS A 57 -3.70 0.32 -4.85
CA CYS A 57 -3.01 1.60 -5.01
C CYS A 57 -4.02 2.74 -5.09
N CYS A 58 -3.53 3.96 -4.84
CA CYS A 58 -4.38 5.15 -4.88
C CYS A 58 -3.67 6.29 -5.59
N SER A 59 -4.44 7.08 -6.34
CA SER A 59 -3.88 8.21 -7.07
C SER A 59 -4.50 9.53 -6.59
N THR A 60 -4.97 9.53 -5.35
CA THR A 60 -5.58 10.72 -4.76
C THR A 60 -4.99 11.03 -3.40
N ASP A 61 -5.08 12.30 -2.99
CA ASP A 61 -4.56 12.72 -1.70
C ASP A 61 -5.36 12.12 -0.55
N LYS A 62 -4.66 11.52 0.41
CA LYS A 62 -5.30 10.90 1.56
C LYS A 62 -6.21 9.76 1.12
N CYS A 63 -5.99 9.26 -0.10
CA CYS A 63 -6.78 8.16 -0.63
C CYS A 63 -6.23 6.82 -0.17
N ASN A 64 -4.95 6.58 -0.46
CA ASN A 64 -4.31 5.33 -0.07
C ASN A 64 -4.53 5.04 1.41
N LYS A 65 -5.37 4.04 1.70
CA LYS A 65 -5.66 3.66 3.07
C LYS A 65 -4.38 3.41 3.85
N LEU A 1 1.97 14.52 -3.54
CA LEU A 1 0.72 13.93 -3.09
C LEU A 1 0.88 13.31 -1.70
N THR A 2 -0.21 13.31 -0.93
CA THR A 2 -0.19 12.74 0.41
C THR A 2 -0.88 11.38 0.44
N CYS A 3 -0.23 10.42 1.09
CA CYS A 3 -0.79 9.07 1.20
C CYS A 3 -0.54 8.49 2.58
N LEU A 4 -1.39 7.56 2.99
CA LEU A 4 -1.26 6.92 4.30
C LEU A 4 -0.46 5.63 4.20
N ILE A 5 0.21 5.27 5.29
CA ILE A 5 1.02 4.06 5.32
C ILE A 5 1.36 3.66 6.75
N CYS A 6 1.28 2.37 7.05
CA CYS A 6 1.59 1.87 8.39
C CYS A 6 1.31 0.37 8.47
N PRO A 7 2.38 -0.43 8.41
CA PRO A 7 2.28 -1.89 8.48
C PRO A 7 1.89 -2.38 9.88
N GLU A 8 0.59 -2.63 10.06
CA GLU A 8 0.09 -3.11 11.35
C GLU A 8 -1.42 -3.38 11.27
N LYS A 9 -1.95 -3.99 12.32
CA LYS A 9 -3.37 -4.30 12.38
C LYS A 9 -4.21 -3.08 12.05
N ASP A 10 -4.34 -2.17 13.01
CA ASP A 10 -5.12 -0.95 12.83
C ASP A 10 -4.26 0.28 13.11
N CYS A 11 -3.71 0.86 12.05
CA CYS A 11 -2.86 2.05 12.17
C CYS A 11 -2.56 2.65 10.80
N GLN A 12 -2.61 3.97 10.72
CA GLN A 12 -2.34 4.67 9.48
C GLN A 12 -1.43 5.88 9.70
N LYS A 13 -0.20 5.80 9.20
CA LYS A 13 0.76 6.88 9.35
C LYS A 13 0.92 7.64 8.05
N VAL A 14 0.62 8.94 8.09
CA VAL A 14 0.74 9.79 6.91
C VAL A 14 2.14 9.72 6.31
N HIS A 15 2.23 9.89 5.00
CA HIS A 15 3.51 9.85 4.31
C HIS A 15 3.43 10.59 2.97
N THR A 16 4.38 11.50 2.75
CA THR A 16 4.41 12.27 1.51
C THR A 16 5.07 11.48 0.39
N CYS A 17 4.32 11.24 -0.68
CA CYS A 17 4.83 10.50 -1.82
C CYS A 17 5.92 11.28 -2.54
N ARG A 18 7.09 10.66 -2.71
CA ARG A 18 8.21 11.30 -3.37
C ARG A 18 7.80 11.86 -4.73
N ASN A 19 8.58 12.79 -5.25
CA ASN A 19 8.30 13.41 -6.54
C ASN A 19 8.51 12.41 -7.68
N GLU A 20 9.52 11.56 -7.52
CA GLU A 20 9.82 10.55 -8.54
C GLU A 20 8.58 9.76 -8.91
N GLU A 21 7.66 9.61 -7.97
CA GLU A 21 6.43 8.86 -8.20
C GLU A 21 5.22 9.80 -8.17
N LYS A 22 4.03 9.22 -8.17
CA LYS A 22 2.80 9.99 -8.15
C LYS A 22 1.70 9.24 -7.40
N ILE A 23 1.59 7.94 -7.65
CA ILE A 23 0.58 7.12 -6.99
C ILE A 23 1.20 6.30 -5.85
N CYS A 24 0.35 5.85 -4.95
CA CYS A 24 0.81 5.05 -3.81
C CYS A 24 0.13 3.69 -3.79
N VAL A 25 0.94 2.63 -3.75
CA VAL A 25 0.41 1.27 -3.73
C VAL A 25 0.99 0.48 -2.56
N LYS A 26 0.28 -0.57 -2.15
CA LYS A 26 0.73 -1.40 -1.04
C LYS A 26 0.32 -2.86 -1.27
N ARG A 27 1.19 -3.78 -0.88
CA ARG A 27 0.92 -5.20 -1.04
C ARG A 27 1.22 -5.96 0.25
N PHE A 28 0.22 -6.72 0.72
CA PHE A 28 0.37 -7.48 1.95
C PHE A 28 -0.10 -8.92 1.76
N TYR A 29 0.45 -9.84 2.55
CA TYR A 29 0.09 -11.25 2.45
C TYR A 29 -0.49 -11.75 3.78
N ASP A 30 -1.53 -12.57 3.68
CA ASP A 30 -2.18 -13.12 4.86
C ASP A 30 -2.39 -14.63 4.72
N LYS A 31 -1.82 -15.40 5.62
CA LYS A 31 -1.95 -16.85 5.60
C LYS A 31 -3.13 -17.31 6.45
N ASN A 32 -3.28 -18.61 6.60
CA ASN A 32 -4.36 -19.18 7.39
C ASN A 32 -3.95 -19.33 8.85
N GLN A 33 -3.11 -20.32 9.13
CA GLN A 33 -2.64 -20.57 10.48
C GLN A 33 -2.07 -19.29 11.10
N LEU A 34 -0.97 -18.81 10.54
CA LEU A 34 -0.32 -17.60 11.04
C LEU A 34 0.50 -16.93 9.94
N GLY A 35 0.34 -15.63 9.79
CA GLY A 35 1.07 -14.90 8.77
C GLY A 35 0.36 -13.62 8.34
N TRP A 36 1.06 -12.49 8.47
CA TRP A 36 0.49 -11.21 8.09
C TRP A 36 1.58 -10.16 7.92
N ARG A 37 1.90 -9.84 6.67
CA ARG A 37 2.93 -8.85 6.37
C ARG A 37 2.46 -7.89 5.28
N ALA A 38 2.70 -6.60 5.50
CA ALA A 38 2.31 -5.58 4.55
C ALA A 38 3.47 -4.67 4.20
N GLN A 39 3.52 -4.22 2.95
CA GLN A 39 4.60 -3.34 2.49
C GLN A 39 4.06 -2.32 1.48
N ARG A 40 4.16 -1.05 1.84
CA ARG A 40 3.69 0.03 0.96
C ARG A 40 4.83 0.57 0.11
N GLY A 41 4.48 1.38 -0.89
CA GLY A 41 5.49 1.95 -1.77
C GLY A 41 4.89 2.83 -2.83
N CYS A 42 5.59 3.92 -3.15
CA CYS A 42 5.11 4.86 -4.16
C CYS A 42 5.57 4.44 -5.55
N ALA A 43 4.84 4.88 -6.58
CA ALA A 43 5.19 4.55 -7.95
C ALA A 43 4.34 5.35 -8.94
N VAL A 44 4.40 4.98 -10.21
CA VAL A 44 3.63 5.67 -11.24
C VAL A 44 2.81 4.68 -12.06
N SER A 45 2.77 3.43 -11.61
CA SER A 45 2.02 2.38 -12.30
C SER A 45 1.27 1.51 -11.31
N CYS A 46 0.10 1.04 -11.71
CA CYS A 46 -0.73 0.19 -10.86
C CYS A 46 -0.79 -1.24 -11.41
N PRO A 47 0.27 -2.02 -11.13
CA PRO A 47 0.36 -3.41 -11.59
C PRO A 47 -0.64 -4.32 -10.87
N LYS A 48 -0.45 -5.63 -11.03
CA LYS A 48 -1.33 -6.60 -10.40
C LYS A 48 -0.53 -7.57 -9.54
N ALA A 49 -1.22 -8.58 -9.00
CA ALA A 49 -0.56 -9.58 -8.15
C ALA A 49 -1.33 -10.90 -8.18
N LYS A 50 -0.85 -11.86 -7.40
CA LYS A 50 -1.50 -13.17 -7.32
C LYS A 50 -2.82 -13.08 -6.55
N PRO A 51 -3.68 -14.09 -6.75
CA PRO A 51 -4.99 -14.15 -6.08
C PRO A 51 -4.86 -14.42 -4.59
N ASN A 52 -3.70 -14.90 -4.17
CA ASN A 52 -3.45 -15.21 -2.77
C ASN A 52 -3.16 -13.92 -1.98
N GLU A 53 -2.23 -13.12 -2.48
CA GLU A 53 -1.87 -11.87 -1.83
C GLU A 53 -2.93 -10.81 -2.06
N THR A 54 -2.67 -9.60 -1.57
CA THR A 54 -3.61 -8.49 -1.72
C THR A 54 -2.87 -7.19 -1.99
N VAL A 55 -3.15 -6.58 -3.14
CA VAL A 55 -2.52 -5.33 -3.52
C VAL A 55 -3.56 -4.23 -3.75
N GLN A 56 -3.23 -3.02 -3.33
CA GLN A 56 -4.13 -1.89 -3.50
C GLN A 56 -3.36 -0.62 -3.85
N CYS A 57 -3.78 0.03 -4.93
CA CYS A 57 -3.12 1.26 -5.37
C CYS A 57 -4.11 2.43 -5.38
N CYS A 58 -3.58 3.64 -5.24
CA CYS A 58 -4.41 4.84 -5.22
C CYS A 58 -3.72 5.99 -5.94
N SER A 59 -4.51 6.83 -6.60
CA SER A 59 -3.97 7.97 -7.33
C SER A 59 -4.66 9.26 -6.91
N THR A 60 -4.78 9.46 -5.60
CA THR A 60 -5.43 10.65 -5.07
C THR A 60 -4.98 10.91 -3.63
N ASP A 61 -5.10 12.16 -3.20
CA ASP A 61 -4.72 12.55 -1.85
C ASP A 61 -5.67 11.93 -0.82
N LYS A 62 -5.11 11.41 0.26
CA LYS A 62 -5.90 10.79 1.31
C LYS A 62 -6.65 9.57 0.79
N CYS A 63 -6.21 9.07 -0.36
CA CYS A 63 -6.84 7.90 -0.97
C CYS A 63 -6.18 6.61 -0.49
N ASN A 64 -4.85 6.57 -0.56
CA ASN A 64 -4.11 5.40 -0.14
C ASN A 64 -4.53 4.97 1.26
N LYS A 65 -5.20 3.82 1.35
CA LYS A 65 -5.67 3.29 2.62
C LYS A 65 -4.51 2.66 3.39
N LEU A 1 2.21 14.23 -3.66
CA LEU A 1 0.93 13.63 -3.32
C LEU A 1 0.96 13.08 -1.89
N THR A 2 -0.17 13.19 -1.20
CA THR A 2 -0.29 12.71 0.16
C THR A 2 -1.03 11.38 0.22
N CYS A 3 -0.41 10.38 0.82
CA CYS A 3 -1.01 9.06 0.94
C CYS A 3 -0.68 8.43 2.29
N LEU A 4 -1.67 7.77 2.90
CA LEU A 4 -1.48 7.13 4.19
C LEU A 4 -0.64 5.86 4.05
N ILE A 5 -0.03 5.44 5.15
CA ILE A 5 0.79 4.24 5.15
C ILE A 5 1.06 3.75 6.57
N CYS A 6 0.98 2.44 6.76
CA CYS A 6 1.21 1.84 8.07
C CYS A 6 0.91 0.35 8.04
N PRO A 7 1.97 -0.48 7.97
CA PRO A 7 1.85 -1.94 7.95
C PRO A 7 1.38 -2.50 9.28
N GLU A 8 0.11 -2.30 9.59
CA GLU A 8 -0.47 -2.78 10.84
C GLU A 8 -1.96 -3.07 10.67
N LYS A 9 -2.54 -3.77 11.64
CA LYS A 9 -3.95 -4.11 11.61
C LYS A 9 -4.80 -2.87 11.35
N ASP A 10 -4.99 -2.07 12.38
CA ASP A 10 -5.79 -0.84 12.25
C ASP A 10 -4.94 0.38 12.55
N CYS A 11 -4.28 0.91 11.52
CA CYS A 11 -3.43 2.09 11.67
C CYS A 11 -3.05 2.66 10.30
N GLN A 12 -3.06 3.98 10.20
CA GLN A 12 -2.72 4.66 8.95
C GLN A 12 -2.02 5.98 9.22
N LYS A 13 -0.76 6.07 8.84
CA LYS A 13 0.02 7.29 9.04
C LYS A 13 0.23 8.03 7.72
N VAL A 14 -0.23 9.27 7.66
CA VAL A 14 -0.08 10.08 6.45
C VAL A 14 1.38 10.19 6.04
N HIS A 15 1.64 10.00 4.75
CA HIS A 15 3.00 10.09 4.21
C HIS A 15 2.99 10.64 2.79
N THR A 16 3.75 11.70 2.58
CA THR A 16 3.83 12.33 1.27
C THR A 16 4.82 11.60 0.36
N CYS A 17 4.34 11.08 -0.75
CA CYS A 17 5.18 10.35 -1.69
C CYS A 17 6.04 11.32 -2.51
N ARG A 18 7.20 11.68 -1.96
CA ARG A 18 8.09 12.60 -2.64
C ARG A 18 9.30 11.86 -3.20
N ASN A 19 9.20 11.43 -4.46
CA ASN A 19 10.27 10.71 -5.12
C ASN A 19 9.97 10.51 -6.61
N GLU A 20 10.82 9.75 -7.28
CA GLU A 20 10.65 9.48 -8.70
C GLU A 20 9.23 8.98 -8.99
N GLU A 21 8.64 8.32 -8.01
CA GLU A 21 7.29 7.78 -8.14
C GLU A 21 6.25 8.88 -7.98
N LYS A 22 4.99 8.47 -7.87
CA LYS A 22 3.89 9.43 -7.70
C LYS A 22 2.76 8.81 -6.88
N ILE A 23 2.27 7.67 -7.33
CA ILE A 23 1.19 6.97 -6.65
C ILE A 23 1.71 6.16 -5.47
N CYS A 24 0.79 5.62 -4.67
CA CYS A 24 1.17 4.83 -3.51
C CYS A 24 0.35 3.54 -3.45
N VAL A 25 1.05 2.41 -3.44
CA VAL A 25 0.40 1.10 -3.40
C VAL A 25 0.99 0.24 -2.29
N LYS A 26 0.14 -0.61 -1.69
CA LYS A 26 0.59 -1.50 -0.62
C LYS A 26 0.03 -2.89 -0.83
N ARG A 27 0.80 -3.90 -0.41
CA ARG A 27 0.38 -5.29 -0.55
C ARG A 27 0.69 -6.07 0.73
N PHE A 28 -0.33 -6.68 1.30
CA PHE A 28 -0.17 -7.46 2.53
C PHE A 28 -0.73 -8.86 2.35
N TYR A 29 -0.19 -9.82 3.11
CA TYR A 29 -0.63 -11.20 3.03
C TYR A 29 -1.11 -11.70 4.40
N ASP A 30 -2.23 -12.39 4.41
CA ASP A 30 -2.79 -12.92 5.65
C ASP A 30 -3.11 -14.40 5.51
N LYS A 31 -2.53 -15.21 6.38
CA LYS A 31 -2.75 -16.65 6.36
C LYS A 31 -1.96 -17.34 7.47
N ASN A 32 -2.26 -18.61 7.71
CA ASN A 32 -1.59 -19.38 8.74
C ASN A 32 -0.14 -19.68 8.34
N GLN A 33 0.04 -20.13 7.10
CA GLN A 33 1.37 -20.45 6.60
C GLN A 33 2.22 -19.18 6.44
N LEU A 34 1.59 -18.11 5.98
CA LEU A 34 2.29 -16.85 5.79
C LEU A 34 1.86 -15.83 6.84
N GLY A 35 2.75 -15.56 7.80
CA GLY A 35 2.44 -14.61 8.85
C GLY A 35 1.95 -13.28 8.30
N TRP A 36 1.01 -12.68 9.02
CA TRP A 36 0.45 -11.39 8.60
C TRP A 36 1.56 -10.39 8.31
N ARG A 37 1.72 -10.04 7.04
CA ARG A 37 2.75 -9.08 6.63
C ARG A 37 2.17 -8.06 5.66
N ALA A 38 2.62 -6.82 5.78
CA ALA A 38 2.16 -5.74 4.92
C ALA A 38 3.31 -4.85 4.48
N GLN A 39 3.36 -4.52 3.19
CA GLN A 39 4.41 -3.68 2.65
C GLN A 39 3.83 -2.60 1.74
N ARG A 40 4.23 -1.35 1.99
CA ARG A 40 3.75 -0.22 1.20
C ARG A 40 4.90 0.45 0.45
N GLY A 41 4.58 1.17 -0.62
CA GLY A 41 5.59 1.86 -1.39
C GLY A 41 5.01 2.66 -2.54
N CYS A 42 5.70 3.72 -2.93
CA CYS A 42 5.25 4.56 -4.03
C CYS A 42 5.51 3.90 -5.37
N ALA A 43 4.80 4.36 -6.40
CA ALA A 43 4.96 3.82 -7.74
C ALA A 43 4.49 4.82 -8.80
N VAL A 44 4.51 4.40 -10.05
CA VAL A 44 4.10 5.25 -11.16
C VAL A 44 2.95 4.62 -11.95
N SER A 45 2.53 3.43 -11.52
CA SER A 45 1.45 2.71 -12.19
C SER A 45 0.63 1.91 -11.19
N CYS A 46 -0.37 1.20 -11.68
CA CYS A 46 -1.23 0.39 -10.83
C CYS A 46 -1.22 -1.07 -11.28
N PRO A 47 -0.19 -1.81 -10.87
CA PRO A 47 -0.04 -3.23 -11.23
C PRO A 47 -1.08 -4.11 -10.53
N LYS A 48 -0.87 -5.42 -10.59
CA LYS A 48 -1.78 -6.37 -9.96
C LYS A 48 -1.02 -7.34 -9.07
N ALA A 49 -1.75 -8.30 -8.50
CA ALA A 49 -1.14 -9.31 -7.62
C ALA A 49 -1.96 -10.58 -7.61
N LYS A 50 -1.52 -11.55 -6.81
CA LYS A 50 -2.21 -12.84 -6.70
C LYS A 50 -3.56 -12.66 -6.04
N PRO A 51 -4.49 -13.59 -6.32
CA PRO A 51 -5.84 -13.57 -5.76
C PRO A 51 -5.85 -13.87 -4.26
N ASN A 52 -4.74 -14.40 -3.76
CA ASN A 52 -4.62 -14.74 -2.34
C ASN A 52 -4.24 -13.51 -1.52
N GLU A 53 -3.21 -12.80 -1.98
CA GLU A 53 -2.73 -11.61 -1.29
C GLU A 53 -3.73 -10.46 -1.45
N THR A 54 -3.39 -9.30 -0.89
CA THR A 54 -4.25 -8.13 -0.96
C THR A 54 -3.45 -6.88 -1.30
N VAL A 55 -3.63 -6.37 -2.53
CA VAL A 55 -2.92 -5.18 -2.97
C VAL A 55 -3.89 -4.03 -3.21
N GLN A 56 -3.46 -2.82 -2.85
CA GLN A 56 -4.29 -1.64 -3.03
C GLN A 56 -3.44 -0.43 -3.45
N CYS A 57 -3.69 0.05 -4.67
CA CYS A 57 -2.95 1.19 -5.20
C CYS A 57 -3.86 2.40 -5.35
N CYS A 58 -3.33 3.58 -5.01
CA CYS A 58 -4.10 4.81 -5.10
C CYS A 58 -3.26 5.92 -5.73
N SER A 59 -3.90 6.77 -6.52
CA SER A 59 -3.22 7.88 -7.19
C SER A 59 -3.95 9.19 -6.94
N THR A 60 -4.52 9.33 -5.75
CA THR A 60 -5.25 10.54 -5.39
C THR A 60 -4.94 10.96 -3.95
N ASP A 61 -5.17 12.24 -3.66
CA ASP A 61 -4.92 12.76 -2.32
C ASP A 61 -5.86 12.12 -1.30
N LYS A 62 -5.29 11.68 -0.19
CA LYS A 62 -6.08 11.04 0.87
C LYS A 62 -6.78 9.80 0.34
N CYS A 63 -6.28 9.26 -0.77
CA CYS A 63 -6.86 8.06 -1.37
C CYS A 63 -6.27 6.80 -0.75
N ASN A 64 -4.95 6.72 -0.75
CA ASN A 64 -4.25 5.56 -0.19
C ASN A 64 -4.77 5.24 1.21
N LYS A 65 -5.48 4.12 1.33
CA LYS A 65 -6.03 3.69 2.60
C LYS A 65 -4.94 3.17 3.52
N LEU A 1 3.13 13.35 -3.62
CA LEU A 1 1.77 12.95 -3.27
C LEU A 1 1.69 12.51 -1.81
N THR A 2 0.59 12.85 -1.16
CA THR A 2 0.38 12.50 0.24
C THR A 2 -0.47 11.24 0.37
N CYS A 3 0.05 10.25 1.09
CA CYS A 3 -0.66 9.00 1.30
C CYS A 3 -0.48 8.49 2.72
N LEU A 4 -1.54 7.90 3.28
CA LEU A 4 -1.50 7.38 4.64
C LEU A 4 -1.11 5.90 4.64
N ILE A 5 -0.17 5.54 5.49
CA ILE A 5 0.28 4.16 5.59
C ILE A 5 0.53 3.77 7.04
N CYS A 6 0.42 2.47 7.33
CA CYS A 6 0.64 1.97 8.68
C CYS A 6 0.39 0.46 8.74
N PRO A 7 1.48 -0.32 8.76
CA PRO A 7 1.41 -1.78 8.82
C PRO A 7 0.90 -2.29 10.17
N GLU A 8 -0.42 -2.36 10.30
CA GLU A 8 -1.03 -2.83 11.54
C GLU A 8 -2.51 -3.13 11.33
N LYS A 9 -3.10 -3.88 12.26
CA LYS A 9 -4.51 -4.24 12.19
C LYS A 9 -5.39 -3.00 12.26
N ASP A 10 -4.82 -1.90 12.75
CA ASP A 10 -5.55 -0.65 12.87
C ASP A 10 -4.61 0.52 13.13
N CYS A 11 -4.30 1.27 12.08
CA CYS A 11 -3.40 2.41 12.18
C CYS A 11 -3.32 3.18 10.86
N GLN A 12 -3.20 4.49 10.95
CA GLN A 12 -3.11 5.33 9.76
C GLN A 12 -2.14 6.49 9.97
N LYS A 13 -0.93 6.33 9.46
CA LYS A 13 0.09 7.37 9.60
C LYS A 13 0.39 8.03 8.25
N VAL A 14 0.16 9.33 8.17
CA VAL A 14 0.40 10.08 6.95
C VAL A 14 1.83 9.88 6.45
N HIS A 15 2.02 9.97 5.14
CA HIS A 15 3.33 9.79 4.54
C HIS A 15 3.47 10.64 3.28
N THR A 16 4.71 10.96 2.92
CA THR A 16 4.98 11.77 1.73
C THR A 16 5.80 11.00 0.72
N CYS A 17 5.19 10.68 -0.42
CA CYS A 17 5.87 9.94 -1.47
C CYS A 17 6.60 10.89 -2.42
N ARG A 18 7.63 11.56 -1.91
CA ARG A 18 8.41 12.50 -2.69
C ARG A 18 9.45 11.76 -3.54
N ASN A 19 9.20 11.69 -4.84
CA ASN A 19 10.12 11.01 -5.75
C ASN A 19 9.57 11.02 -7.18
N GLU A 20 10.21 10.26 -8.06
CA GLU A 20 9.79 10.18 -9.45
C GLU A 20 8.41 9.52 -9.57
N GLU A 21 7.99 8.86 -8.49
CA GLU A 21 6.69 8.19 -8.49
C GLU A 21 5.55 9.21 -8.47
N LYS A 22 4.33 8.71 -8.30
CA LYS A 22 3.15 9.57 -8.28
C LYS A 22 2.04 8.94 -7.45
N ILE A 23 1.74 7.68 -7.72
CA ILE A 23 0.70 6.96 -7.00
C ILE A 23 1.29 6.14 -5.85
N CYS A 24 0.43 5.66 -4.97
CA CYS A 24 0.86 4.86 -3.83
C CYS A 24 0.17 3.50 -3.83
N VAL A 25 0.97 2.44 -3.83
CA VAL A 25 0.43 1.07 -3.83
C VAL A 25 0.93 0.29 -2.63
N LYS A 26 0.12 -0.66 -2.17
CA LYS A 26 0.48 -1.48 -1.03
C LYS A 26 -0.11 -2.89 -1.16
N ARG A 27 0.63 -3.88 -0.67
CA ARG A 27 0.17 -5.26 -0.73
C ARG A 27 0.37 -5.96 0.61
N PHE A 28 -0.60 -6.77 1.00
CA PHE A 28 -0.55 -7.50 2.26
C PHE A 28 -0.95 -8.96 2.07
N TYR A 29 -0.45 -9.83 2.95
CA TYR A 29 -0.74 -11.25 2.88
C TYR A 29 -1.33 -11.75 4.20
N ASP A 30 -2.29 -12.66 4.10
CA ASP A 30 -2.93 -13.22 5.28
C ASP A 30 -3.04 -14.74 5.18
N LYS A 31 -2.19 -15.44 5.92
CA LYS A 31 -2.20 -16.90 5.90
C LYS A 31 -1.55 -17.46 7.18
N ASN A 32 -1.49 -18.78 7.28
CA ASN A 32 -0.90 -19.44 8.44
C ASN A 32 0.61 -19.55 8.27
N GLN A 33 1.07 -19.64 7.03
CA GLN A 33 2.49 -19.75 6.75
C GLN A 33 3.10 -18.39 6.41
N LEU A 34 2.27 -17.49 5.89
CA LEU A 34 2.71 -16.16 5.53
C LEU A 34 2.28 -15.13 6.58
N GLY A 35 1.46 -15.58 7.52
CA GLY A 35 0.99 -14.69 8.57
C GLY A 35 0.40 -13.41 8.03
N TRP A 36 0.11 -12.46 8.92
CA TRP A 36 -0.47 -11.19 8.52
C TRP A 36 0.62 -10.12 8.36
N ARG A 37 0.90 -9.74 7.12
CA ARG A 37 1.92 -8.74 6.84
C ARG A 37 1.47 -7.80 5.73
N ALA A 38 1.94 -6.57 5.77
CA ALA A 38 1.59 -5.57 4.77
C ALA A 38 2.74 -4.59 4.54
N GLN A 39 2.90 -4.17 3.29
CA GLN A 39 3.97 -3.23 2.94
C GLN A 39 3.51 -2.29 1.83
N ARG A 40 3.86 -1.02 1.96
CA ARG A 40 3.49 -0.01 0.97
C ARG A 40 4.69 0.37 0.11
N GLY A 41 4.43 1.09 -0.97
CA GLY A 41 5.49 1.51 -1.87
C GLY A 41 5.03 2.52 -2.89
N CYS A 42 5.87 3.53 -3.15
CA CYS A 42 5.53 4.57 -4.11
C CYS A 42 5.86 4.12 -5.53
N ALA A 43 4.92 4.34 -6.45
CA ALA A 43 5.12 3.97 -7.85
C ALA A 43 4.27 4.83 -8.77
N VAL A 44 4.20 4.44 -10.04
CA VAL A 44 3.43 5.19 -11.02
C VAL A 44 2.54 4.25 -11.84
N SER A 45 2.46 3.00 -11.41
CA SER A 45 1.65 2.00 -12.11
C SER A 45 0.93 1.10 -11.10
N CYS A 46 -0.23 0.58 -11.50
CA CYS A 46 -1.02 -0.29 -10.64
C CYS A 46 -1.03 -1.71 -11.19
N PRO A 47 0.03 -2.47 -10.91
CA PRO A 47 0.18 -3.86 -11.36
C PRO A 47 -0.80 -4.79 -10.65
N LYS A 48 -0.58 -6.10 -10.80
CA LYS A 48 -1.42 -7.10 -10.18
C LYS A 48 -0.59 -8.10 -9.39
N ALA A 49 -1.28 -9.05 -8.74
CA ALA A 49 -0.60 -10.08 -7.96
C ALA A 49 -1.40 -11.37 -7.94
N LYS A 50 -0.98 -12.30 -7.09
CA LYS A 50 -1.66 -13.59 -6.98
C LYS A 50 -3.01 -13.44 -6.31
N PRO A 51 -3.89 -14.42 -6.51
CA PRO A 51 -5.24 -14.42 -5.93
C PRO A 51 -5.22 -14.62 -4.42
N ASN A 52 -4.10 -15.08 -3.90
CA ASN A 52 -3.94 -15.31 -2.47
C ASN A 52 -3.68 -14.01 -1.74
N GLU A 53 -2.70 -13.24 -2.22
CA GLU A 53 -2.34 -11.97 -1.61
C GLU A 53 -3.33 -10.87 -2.02
N THR A 54 -3.14 -9.68 -1.46
CA THR A 54 -4.01 -8.55 -1.76
C THR A 54 -3.20 -7.32 -2.12
N VAL A 55 -3.68 -6.57 -3.11
CA VAL A 55 -3.00 -5.36 -3.55
C VAL A 55 -3.97 -4.19 -3.68
N GLN A 56 -3.48 -2.98 -3.44
CA GLN A 56 -4.31 -1.78 -3.54
C GLN A 56 -3.46 -0.55 -3.81
N CYS A 57 -3.93 0.30 -4.72
CA CYS A 57 -3.22 1.52 -5.08
C CYS A 57 -4.16 2.72 -5.12
N CYS A 58 -3.60 3.92 -5.03
CA CYS A 58 -4.39 5.14 -5.06
C CYS A 58 -3.67 6.24 -5.83
N SER A 59 -4.43 7.08 -6.51
CA SER A 59 -3.86 8.18 -7.29
C SER A 59 -4.53 9.51 -6.93
N THR A 60 -4.39 9.90 -5.67
CA THR A 60 -4.97 11.15 -5.19
C THR A 60 -4.53 11.46 -3.77
N ASP A 61 -4.58 12.74 -3.41
CA ASP A 61 -4.18 13.17 -2.08
C ASP A 61 -5.16 12.67 -1.03
N LYS A 62 -4.64 12.10 0.05
CA LYS A 62 -5.47 11.58 1.14
C LYS A 62 -6.36 10.45 0.63
N CYS A 63 -6.00 9.87 -0.51
CA CYS A 63 -6.77 8.78 -1.10
C CYS A 63 -6.35 7.44 -0.50
N ASN A 64 -5.07 7.10 -0.65
CA ASN A 64 -4.54 5.85 -0.13
C ASN A 64 -4.87 5.69 1.35
N LYS A 65 -5.74 4.73 1.66
CA LYS A 65 -6.14 4.48 3.04
C LYS A 65 -4.95 4.06 3.88
N LEU A 1 1.49 13.76 -3.69
CA LEU A 1 0.24 13.65 -2.92
C LEU A 1 0.48 12.95 -1.59
N THR A 2 -0.42 13.17 -0.64
CA THR A 2 -0.31 12.55 0.67
C THR A 2 -1.12 11.26 0.74
N CYS A 3 -0.45 10.16 1.08
CA CYS A 3 -1.09 8.86 1.18
C CYS A 3 -0.73 8.18 2.49
N LEU A 4 -1.71 7.54 3.12
CA LEU A 4 -1.48 6.84 4.37
C LEU A 4 -0.64 5.58 4.15
N ILE A 5 0.01 5.12 5.22
CA ILE A 5 0.86 3.93 5.15
C ILE A 5 1.31 3.50 6.53
N CYS A 6 1.25 2.19 6.78
CA CYS A 6 1.66 1.64 8.07
C CYS A 6 1.33 0.16 8.16
N PRO A 7 2.36 -0.68 7.94
CA PRO A 7 2.21 -2.14 7.98
C PRO A 7 1.97 -2.66 9.40
N GLU A 8 0.72 -3.01 9.68
CA GLU A 8 0.34 -3.51 11.00
C GLU A 8 -1.14 -3.88 11.05
N LYS A 9 -1.59 -4.32 12.21
CA LYS A 9 -2.98 -4.71 12.40
C LYS A 9 -3.90 -3.51 12.16
N ASP A 10 -4.00 -2.63 13.14
CA ASP A 10 -4.85 -1.46 13.04
C ASP A 10 -4.04 -0.18 13.26
N CYS A 11 -3.67 0.48 12.18
CA CYS A 11 -2.90 1.71 12.25
C CYS A 11 -2.96 2.48 10.93
N GLN A 12 -2.20 3.57 10.85
CA GLN A 12 -2.18 4.39 9.65
C GLN A 12 -1.26 5.60 9.84
N LYS A 13 -0.19 5.64 9.05
CA LYS A 13 0.77 6.74 9.13
C LYS A 13 0.83 7.51 7.80
N VAL A 14 0.40 8.76 7.83
CA VAL A 14 0.40 9.60 6.63
C VAL A 14 1.81 9.69 6.04
N HIS A 15 1.88 9.68 4.72
CA HIS A 15 3.16 9.76 4.03
C HIS A 15 3.00 10.42 2.66
N THR A 16 3.75 11.49 2.42
CA THR A 16 3.68 12.20 1.16
C THR A 16 4.71 11.68 0.16
N CYS A 17 4.24 11.24 -1.00
CA CYS A 17 5.13 10.71 -2.03
C CYS A 17 5.92 11.83 -2.70
N ARG A 18 7.04 12.22 -2.08
CA ARG A 18 7.89 13.27 -2.61
C ARG A 18 8.98 12.69 -3.50
N ASN A 19 8.79 11.46 -3.95
CA ASN A 19 9.76 10.79 -4.80
C ASN A 19 9.40 10.93 -6.27
N GLU A 20 10.24 10.40 -7.15
CA GLU A 20 10.00 10.46 -8.59
C GLU A 20 8.63 9.91 -8.94
N GLU A 21 8.12 9.01 -8.10
CA GLU A 21 6.82 8.39 -8.32
C GLU A 21 5.70 9.42 -8.18
N LYS A 22 4.47 8.95 -8.15
CA LYS A 22 3.30 9.82 -8.02
C LYS A 22 2.19 9.14 -7.24
N ILE A 23 1.86 7.91 -7.63
CA ILE A 23 0.81 7.16 -6.97
C ILE A 23 1.38 6.31 -5.83
N CYS A 24 0.50 5.80 -4.97
CA CYS A 24 0.92 4.98 -3.85
C CYS A 24 0.23 3.61 -3.88
N VAL A 25 1.03 2.56 -3.88
CA VAL A 25 0.50 1.20 -3.91
C VAL A 25 1.06 0.37 -2.76
N LYS A 26 0.34 -0.70 -2.42
CA LYS A 26 0.76 -1.58 -1.33
C LYS A 26 0.16 -2.97 -1.50
N ARG A 27 0.90 -3.98 -1.09
CA ARG A 27 0.44 -5.37 -1.20
C ARG A 27 0.65 -6.11 0.12
N PHE A 28 -0.38 -6.84 0.56
CA PHE A 28 -0.30 -7.60 1.81
C PHE A 28 -0.73 -9.05 1.58
N TYR A 29 -0.28 -9.93 2.47
CA TYR A 29 -0.61 -11.34 2.37
C TYR A 29 -1.15 -11.87 3.69
N ASP A 30 -2.33 -12.47 3.64
CA ASP A 30 -2.96 -13.02 4.84
C ASP A 30 -3.11 -14.53 4.73
N LYS A 31 -2.50 -15.25 5.67
CA LYS A 31 -2.55 -16.71 5.68
C LYS A 31 -2.42 -17.25 7.10
N ASN A 32 -3.54 -17.67 7.68
CA ASN A 32 -3.55 -18.21 9.02
C ASN A 32 -3.05 -17.17 10.03
N GLN A 33 -2.95 -17.57 11.30
CA GLN A 33 -2.48 -16.68 12.35
C GLN A 33 -1.17 -16.01 11.96
N LEU A 34 -0.19 -16.82 11.59
CA LEU A 34 1.12 -16.30 11.19
C LEU A 34 1.23 -16.22 9.67
N GLY A 35 1.64 -15.06 9.17
CA GLY A 35 1.78 -14.87 7.74
C GLY A 35 1.30 -13.50 7.29
N TRP A 36 0.69 -12.76 8.20
CA TRP A 36 0.19 -11.42 7.88
C TRP A 36 1.33 -10.46 7.60
N ARG A 37 1.50 -10.11 6.32
CA ARG A 37 2.56 -9.19 5.92
C ARG A 37 2.01 -8.13 4.98
N ALA A 38 2.67 -6.97 4.95
CA ALA A 38 2.26 -5.87 4.09
C ALA A 38 3.45 -5.02 3.67
N GLN A 39 3.39 -4.46 2.47
CA GLN A 39 4.46 -3.63 1.96
C GLN A 39 3.91 -2.53 1.06
N ARG A 40 4.14 -1.28 1.47
CA ARG A 40 3.68 -0.13 0.70
C ARG A 40 4.83 0.58 0.00
N GLY A 41 4.51 1.35 -1.04
CA GLY A 41 5.53 2.06 -1.78
C GLY A 41 4.97 2.87 -2.92
N CYS A 42 5.57 4.02 -3.19
CA CYS A 42 5.12 4.89 -4.27
C CYS A 42 5.51 4.32 -5.63
N ALA A 43 4.75 4.69 -6.66
CA ALA A 43 5.02 4.22 -8.01
C ALA A 43 4.36 5.11 -9.05
N VAL A 44 4.42 4.70 -10.32
CA VAL A 44 3.83 5.47 -11.40
C VAL A 44 2.85 4.63 -12.21
N SER A 45 2.66 3.37 -11.78
CA SER A 45 1.76 2.47 -12.46
C SER A 45 1.07 1.54 -11.47
N CYS A 46 -0.07 0.98 -11.88
CA CYS A 46 -0.83 0.07 -11.02
C CYS A 46 -0.78 -1.36 -11.56
N PRO A 47 0.31 -2.07 -11.25
CA PRO A 47 0.51 -3.45 -11.69
C PRO A 47 -0.44 -4.42 -10.99
N LYS A 48 -0.19 -5.71 -11.16
CA LYS A 48 -1.02 -6.74 -10.55
C LYS A 48 -0.18 -7.69 -9.70
N ALA A 49 -0.81 -8.72 -9.17
CA ALA A 49 -0.13 -9.70 -8.33
C ALA A 49 -0.85 -11.04 -8.34
N LYS A 50 -0.37 -11.96 -7.51
CA LYS A 50 -0.98 -13.29 -7.42
C LYS A 50 -2.44 -13.19 -6.95
N PRO A 51 -3.24 -14.20 -7.32
CA PRO A 51 -4.65 -14.26 -6.94
C PRO A 51 -4.86 -14.50 -5.45
N ASN A 52 -3.79 -14.92 -4.77
CA ASN A 52 -3.84 -15.19 -3.34
C ASN A 52 -3.58 -13.92 -2.54
N GLU A 53 -2.55 -13.19 -2.92
CA GLU A 53 -2.19 -11.95 -2.23
C GLU A 53 -3.17 -10.83 -2.58
N THR A 54 -2.98 -9.67 -1.96
CA THR A 54 -3.85 -8.53 -2.19
C THR A 54 -3.03 -7.28 -2.50
N VAL A 55 -3.53 -6.46 -3.43
CA VAL A 55 -2.85 -5.22 -3.81
C VAL A 55 -3.82 -4.05 -3.84
N GLN A 56 -3.31 -2.87 -3.47
CA GLN A 56 -4.14 -1.67 -3.47
C GLN A 56 -3.33 -0.45 -3.90
N CYS A 57 -3.81 0.23 -4.94
CA CYS A 57 -3.13 1.41 -5.46
C CYS A 57 -4.10 2.58 -5.60
N CYS A 58 -3.60 3.79 -5.35
CA CYS A 58 -4.42 4.99 -5.44
C CYS A 58 -3.58 6.19 -5.87
N SER A 59 -4.25 7.25 -6.32
CA SER A 59 -3.57 8.45 -6.77
C SER A 59 -4.29 9.70 -6.27
N THR A 60 -4.90 9.59 -5.09
CA THR A 60 -5.62 10.71 -4.50
C THR A 60 -5.14 10.99 -3.08
N ASP A 61 -5.30 12.24 -2.65
CA ASP A 61 -4.88 12.64 -1.31
C ASP A 61 -5.80 12.04 -0.25
N LYS A 62 -5.21 11.50 0.81
CA LYS A 62 -5.97 10.88 1.88
C LYS A 62 -6.79 9.71 1.38
N CYS A 63 -6.39 9.16 0.23
CA CYS A 63 -7.09 8.03 -0.35
C CYS A 63 -6.44 6.71 0.05
N ASN A 64 -5.13 6.62 -0.14
CA ASN A 64 -4.40 5.41 0.21
C ASN A 64 -4.72 4.96 1.64
N LYS A 65 -5.42 3.84 1.76
CA LYS A 65 -5.79 3.31 3.06
C LYS A 65 -4.57 2.84 3.83
N LEU A 1 2.66 14.34 -3.23
CA LEU A 1 1.36 13.74 -2.92
C LEU A 1 1.36 13.10 -1.53
N THR A 2 0.22 13.16 -0.85
CA THR A 2 0.09 12.60 0.48
C THR A 2 -0.65 11.27 0.45
N CYS A 3 -0.12 10.28 1.15
CA CYS A 3 -0.73 8.96 1.21
C CYS A 3 -0.60 8.36 2.61
N LEU A 4 -1.51 7.44 2.93
CA LEU A 4 -1.50 6.78 4.23
C LEU A 4 -0.80 5.44 4.16
N ILE A 5 0.27 5.29 4.96
CA ILE A 5 1.02 4.05 4.98
C ILE A 5 1.22 3.56 6.41
N CYS A 6 1.09 2.25 6.61
CA CYS A 6 1.26 1.66 7.94
C CYS A 6 0.89 0.18 7.91
N PRO A 7 1.92 -0.68 7.78
CA PRO A 7 1.73 -2.14 7.74
C PRO A 7 1.30 -2.70 9.09
N GLU A 8 0.00 -2.79 9.30
CA GLU A 8 -0.54 -3.31 10.56
C GLU A 8 -2.05 -3.51 10.47
N LYS A 9 -2.61 -4.17 11.46
CA LYS A 9 -4.05 -4.42 11.50
C LYS A 9 -4.83 -3.13 11.28
N ASP A 10 -4.92 -2.31 12.31
CA ASP A 10 -5.64 -1.04 12.23
C ASP A 10 -4.72 0.13 12.56
N CYS A 11 -4.20 0.78 11.52
CA CYS A 11 -3.30 1.91 11.69
C CYS A 11 -2.94 2.54 10.35
N GLN A 12 -2.91 3.86 10.31
CA GLN A 12 -2.57 4.58 9.08
C GLN A 12 -1.65 5.75 9.37
N LYS A 13 -0.39 5.64 8.93
CA LYS A 13 0.59 6.68 9.14
C LYS A 13 0.80 7.50 7.86
N VAL A 14 0.44 8.78 7.92
CA VAL A 14 0.59 9.65 6.76
C VAL A 14 2.02 9.67 6.26
N HIS A 15 2.19 9.80 4.95
CA HIS A 15 3.52 9.81 4.35
C HIS A 15 3.50 10.58 3.02
N THR A 16 4.40 11.54 2.88
CA THR A 16 4.49 12.34 1.68
C THR A 16 5.50 11.75 0.69
N CYS A 17 5.02 11.40 -0.49
CA CYS A 17 5.88 10.82 -1.52
C CYS A 17 6.20 11.84 -2.60
N ARG A 18 7.21 12.67 -2.34
CA ARG A 18 7.62 13.70 -3.29
C ARG A 18 8.73 13.19 -4.21
N ASN A 19 8.86 11.87 -4.28
CA ASN A 19 9.89 11.25 -5.12
C ASN A 19 9.39 11.08 -6.54
N GLU A 20 10.15 10.34 -7.34
CA GLU A 20 9.79 10.10 -8.73
C GLU A 20 8.42 9.44 -8.84
N GLU A 21 8.00 8.79 -7.75
CA GLU A 21 6.71 8.11 -7.72
C GLU A 21 5.58 9.12 -7.52
N LYS A 22 4.36 8.71 -7.87
CA LYS A 22 3.20 9.58 -7.71
C LYS A 22 2.09 8.85 -6.96
N ILE A 23 1.69 7.69 -7.46
CA ILE A 23 0.64 6.91 -6.83
C ILE A 23 1.18 6.07 -5.68
N CYS A 24 0.29 5.59 -4.82
CA CYS A 24 0.68 4.77 -3.69
C CYS A 24 -0.12 3.47 -3.65
N VAL A 25 0.60 2.35 -3.51
CA VAL A 25 -0.03 1.04 -3.46
C VAL A 25 0.61 0.16 -2.39
N LYS A 26 -0.19 -0.72 -1.81
CA LYS A 26 0.29 -1.63 -0.77
C LYS A 26 -0.14 -3.06 -1.05
N ARG A 27 0.72 -4.01 -0.72
CA ARG A 27 0.43 -5.42 -0.94
C ARG A 27 0.76 -6.24 0.31
N PHE A 28 -0.18 -7.08 0.72
CA PHE A 28 0.00 -7.93 1.90
C PHE A 28 -0.52 -9.33 1.65
N TYR A 29 -0.08 -10.28 2.47
CA TYR A 29 -0.50 -11.68 2.34
C TYR A 29 -0.79 -12.29 3.71
N ASP A 30 -1.81 -13.14 3.75
CA ASP A 30 -2.20 -13.79 4.99
C ASP A 30 -2.78 -15.18 4.72
N LYS A 31 -2.09 -16.20 5.22
CA LYS A 31 -2.53 -17.58 5.04
C LYS A 31 -2.17 -18.44 6.25
N ASN A 32 -1.95 -17.79 7.39
CA ASN A 32 -1.61 -18.49 8.61
C ASN A 32 -1.42 -17.51 9.77
N GLN A 33 -1.28 -18.05 10.98
CA GLN A 33 -1.10 -17.23 12.16
C GLN A 33 0.02 -16.22 11.96
N LEU A 34 1.23 -16.73 11.74
CA LEU A 34 2.40 -15.88 11.53
C LEU A 34 2.71 -15.72 10.04
N GLY A 35 1.70 -15.31 9.28
CA GLY A 35 1.88 -15.13 7.84
C GLY A 35 1.34 -13.80 7.35
N TRP A 36 0.82 -13.00 8.27
CA TRP A 36 0.27 -11.70 7.93
C TRP A 36 1.37 -10.66 7.75
N ARG A 37 1.70 -10.37 6.49
CA ARG A 37 2.75 -9.40 6.19
C ARG A 37 2.26 -8.40 5.15
N ALA A 38 2.52 -7.12 5.40
CA ALA A 38 2.11 -6.06 4.48
C ALA A 38 3.30 -5.19 4.09
N GLN A 39 3.25 -4.63 2.89
CA GLN A 39 4.32 -3.77 2.40
C GLN A 39 3.78 -2.71 1.44
N ARG A 40 3.98 -1.45 1.79
CA ARG A 40 3.50 -0.34 0.96
C ARG A 40 4.63 0.20 0.08
N GLY A 41 4.27 0.98 -0.93
CA GLY A 41 5.26 1.53 -1.83
C GLY A 41 4.64 2.48 -2.85
N CYS A 42 5.38 3.53 -3.20
CA CYS A 42 4.91 4.51 -4.18
C CYS A 42 5.39 4.16 -5.58
N ALA A 43 4.51 4.36 -6.55
CA ALA A 43 4.85 4.07 -7.95
C ALA A 43 4.22 5.09 -8.89
N VAL A 44 4.28 4.81 -10.18
CA VAL A 44 3.72 5.71 -11.18
C VAL A 44 2.62 5.02 -11.99
N SER A 45 2.39 3.74 -11.70
CA SER A 45 1.38 2.96 -12.39
C SER A 45 0.91 1.79 -11.53
N CYS A 46 -0.40 1.73 -11.29
CA CYS A 46 -0.97 0.66 -10.47
C CYS A 46 -0.50 -0.70 -10.97
N PRO A 47 0.37 -1.35 -10.19
CA PRO A 47 0.91 -2.67 -10.53
C PRO A 47 -0.14 -3.78 -10.44
N LYS A 48 0.30 -5.02 -10.54
CA LYS A 48 -0.60 -6.17 -10.46
C LYS A 48 -0.09 -7.20 -9.45
N ALA A 49 -0.95 -8.14 -9.09
CA ALA A 49 -0.59 -9.18 -8.14
C ALA A 49 -1.41 -10.44 -8.38
N LYS A 50 -1.22 -11.43 -7.52
CA LYS A 50 -1.93 -12.71 -7.64
C LYS A 50 -3.31 -12.61 -6.99
N PRO A 51 -4.20 -13.53 -7.38
CA PRO A 51 -5.57 -13.59 -6.84
C PRO A 51 -5.61 -14.01 -5.38
N ASN A 52 -4.51 -14.60 -4.91
CA ASN A 52 -4.42 -15.06 -3.53
C ASN A 52 -4.06 -13.90 -2.60
N GLU A 53 -3.03 -13.14 -2.98
CA GLU A 53 -2.58 -12.00 -2.17
C GLU A 53 -3.57 -10.84 -2.29
N THR A 54 -3.26 -9.75 -1.58
CA THR A 54 -4.13 -8.57 -1.59
C THR A 54 -3.32 -7.31 -1.92
N VAL A 55 -3.87 -6.49 -2.81
CA VAL A 55 -3.20 -5.25 -3.20
C VAL A 55 -4.19 -4.11 -3.31
N GLN A 56 -3.75 -2.91 -2.94
CA GLN A 56 -4.61 -1.73 -2.99
C GLN A 56 -3.81 -0.51 -3.42
N CYS A 57 -4.08 -0.02 -4.63
CA CYS A 57 -3.38 1.14 -5.16
C CYS A 57 -4.32 2.35 -5.22
N CYS A 58 -3.74 3.54 -5.11
CA CYS A 58 -4.52 4.78 -5.14
C CYS A 58 -3.76 5.87 -5.89
N SER A 59 -4.51 6.73 -6.57
CA SER A 59 -3.92 7.83 -7.33
C SER A 59 -4.55 9.17 -6.95
N THR A 60 -4.60 9.44 -5.65
CA THR A 60 -5.18 10.69 -5.16
C THR A 60 -4.72 10.97 -3.73
N ASP A 61 -4.77 12.25 -3.35
CA ASP A 61 -4.35 12.67 -2.02
C ASP A 61 -5.29 12.08 -0.96
N LYS A 62 -4.70 11.56 0.12
CA LYS A 62 -5.47 10.98 1.20
C LYS A 62 -6.31 9.80 0.71
N CYS A 63 -5.92 9.25 -0.44
CA CYS A 63 -6.64 8.12 -1.02
C CYS A 63 -6.06 6.80 -0.53
N ASN A 64 -4.74 6.65 -0.63
CA ASN A 64 -4.07 5.44 -0.19
C ASN A 64 -4.49 5.07 1.23
N LYS A 65 -5.25 3.99 1.34
CA LYS A 65 -5.72 3.51 2.64
C LYS A 65 -4.56 3.22 3.57
N LEU A 1 2.97 13.62 -3.39
CA LEU A 1 1.64 13.16 -3.02
C LEU A 1 1.62 12.64 -1.58
N THR A 2 0.47 12.76 -0.93
CA THR A 2 0.32 12.30 0.44
C THR A 2 -0.48 11.01 0.52
N CYS A 3 0.05 10.03 1.24
CA CYS A 3 -0.62 8.75 1.39
C CYS A 3 -0.41 8.17 2.79
N LEU A 4 -1.38 7.41 3.27
CA LEU A 4 -1.29 6.79 4.59
C LEU A 4 -0.62 5.42 4.51
N ILE A 5 0.29 5.17 5.44
CA ILE A 5 1.00 3.89 5.48
C ILE A 5 1.12 3.37 6.90
N CYS A 6 1.15 2.05 7.05
CA CYS A 6 1.26 1.43 8.35
C CYS A 6 1.07 -0.09 8.26
N PRO A 7 2.20 -0.82 8.18
CA PRO A 7 2.18 -2.28 8.08
C PRO A 7 1.72 -2.94 9.37
N GLU A 8 0.41 -2.98 9.58
CA GLU A 8 -0.16 -3.59 10.78
C GLU A 8 -1.64 -3.92 10.57
N LYS A 9 -2.22 -4.64 11.53
CA LYS A 9 -3.62 -5.03 11.45
C LYS A 9 -4.51 -3.81 11.18
N ASP A 10 -4.78 -3.04 12.22
CA ASP A 10 -5.60 -1.85 12.09
C ASP A 10 -4.82 -0.59 12.50
N CYS A 11 -4.35 0.14 11.51
CA CYS A 11 -3.58 1.36 11.75
C CYS A 11 -3.16 2.01 10.44
N GLN A 12 -3.23 3.34 10.39
CA GLN A 12 -2.84 4.09 9.20
C GLN A 12 -2.28 5.45 9.57
N LYS A 13 -1.01 5.67 9.24
CA LYS A 13 -0.35 6.93 9.53
C LYS A 13 -0.01 7.67 8.25
N VAL A 14 -0.44 8.92 8.15
CA VAL A 14 -0.19 9.74 6.98
C VAL A 14 1.31 9.78 6.66
N HIS A 15 1.63 9.94 5.37
CA HIS A 15 3.02 10.00 4.94
C HIS A 15 3.16 10.85 3.68
N THR A 16 4.36 11.37 3.46
CA THR A 16 4.63 12.21 2.30
C THR A 16 5.63 11.55 1.36
N CYS A 17 5.16 11.19 0.17
CA CYS A 17 6.01 10.54 -0.83
C CYS A 17 6.30 11.48 -1.99
N ARG A 18 7.51 12.02 -2.02
CA ARG A 18 7.92 12.93 -3.08
C ARG A 18 9.05 12.34 -3.92
N ASN A 19 8.72 11.90 -5.14
CA ASN A 19 9.70 11.32 -6.04
C ASN A 19 9.16 11.23 -7.45
N GLU A 20 9.95 10.63 -8.35
CA GLU A 20 9.54 10.48 -9.74
C GLU A 20 8.16 9.85 -9.84
N GLU A 21 7.81 9.03 -8.85
CA GLU A 21 6.51 8.37 -8.83
C GLU A 21 5.39 9.37 -8.62
N LYS A 22 4.19 8.86 -8.37
CA LYS A 22 3.03 9.71 -8.16
C LYS A 22 1.98 9.00 -7.32
N ILE A 23 1.61 7.79 -7.74
CA ILE A 23 0.61 7.01 -7.02
C ILE A 23 1.25 6.19 -5.91
N CYS A 24 0.42 5.65 -5.02
CA CYS A 24 0.92 4.84 -3.91
C CYS A 24 0.11 3.55 -3.79
N VAL A 25 0.80 2.42 -3.82
CA VAL A 25 0.14 1.12 -3.71
C VAL A 25 0.81 0.27 -2.63
N LYS A 26 0.00 -0.56 -1.96
CA LYS A 26 0.51 -1.42 -0.90
C LYS A 26 0.08 -2.87 -1.14
N ARG A 27 1.00 -3.80 -0.90
CA ARG A 27 0.71 -5.22 -1.09
C ARG A 27 1.08 -6.01 0.15
N PHE A 28 0.16 -6.87 0.61
CA PHE A 28 0.39 -7.68 1.79
C PHE A 28 -0.09 -9.11 1.57
N TYR A 29 0.38 -10.03 2.39
CA TYR A 29 0.00 -11.44 2.29
C TYR A 29 -0.31 -12.01 3.66
N ASP A 30 -1.41 -12.76 3.74
CA ASP A 30 -1.82 -13.38 4.99
C ASP A 30 -2.61 -14.66 4.74
N LYS A 31 -2.01 -15.80 5.07
CA LYS A 31 -2.65 -17.09 4.87
C LYS A 31 -2.69 -17.88 6.17
N ASN A 32 -2.53 -17.18 7.29
CA ASN A 32 -2.56 -17.82 8.60
C ASN A 32 -2.33 -16.79 9.71
N GLN A 33 -2.84 -17.10 10.90
CA GLN A 33 -2.68 -16.21 12.05
C GLN A 33 -1.22 -16.00 12.38
N LEU A 34 -0.37 -16.89 11.90
CA LEU A 34 1.07 -16.80 12.15
C LEU A 34 1.78 -16.10 10.99
N GLY A 35 1.03 -15.78 9.95
CA GLY A 35 1.60 -15.11 8.79
C GLY A 35 0.85 -13.84 8.42
N TRP A 36 1.59 -12.75 8.26
CA TRP A 36 1.00 -11.46 7.90
C TRP A 36 2.08 -10.43 7.61
N ARG A 37 2.33 -10.18 6.34
CA ARG A 37 3.34 -9.21 5.93
C ARG A 37 2.75 -8.18 4.97
N ALA A 38 2.99 -6.91 5.26
CA ALA A 38 2.48 -5.83 4.41
C ALA A 38 3.59 -4.83 4.08
N GLN A 39 3.62 -4.38 2.83
CA GLN A 39 4.61 -3.42 2.39
C GLN A 39 4.03 -2.45 1.36
N ARG A 40 4.40 -1.18 1.48
CA ARG A 40 3.90 -0.15 0.58
C ARG A 40 4.99 0.29 -0.40
N GLY A 41 4.60 1.00 -1.45
CA GLY A 41 5.55 1.47 -2.43
C GLY A 41 4.96 2.50 -3.37
N CYS A 42 5.79 3.44 -3.80
CA CYS A 42 5.34 4.49 -4.71
C CYS A 42 5.62 4.11 -6.17
N ALA A 43 4.73 4.54 -7.06
CA ALA A 43 4.90 4.24 -8.49
C ALA A 43 4.09 5.22 -9.33
N VAL A 44 3.97 4.92 -10.63
CA VAL A 44 3.23 5.77 -11.55
C VAL A 44 2.20 4.96 -12.32
N SER A 45 2.07 3.68 -11.98
CA SER A 45 1.12 2.81 -12.65
C SER A 45 0.68 1.68 -11.72
N CYS A 46 -0.62 1.57 -11.50
CA CYS A 46 -1.17 0.54 -10.64
C CYS A 46 -0.64 -0.84 -11.03
N PRO A 47 0.23 -1.40 -10.18
CA PRO A 47 0.83 -2.73 -10.42
C PRO A 47 -0.18 -3.85 -10.29
N LYS A 48 0.25 -5.07 -10.59
CA LYS A 48 -0.61 -6.24 -10.50
C LYS A 48 -0.06 -7.25 -9.51
N ALA A 49 -0.87 -8.23 -9.16
CA ALA A 49 -0.46 -9.27 -8.21
C ALA A 49 -1.30 -10.54 -8.40
N LYS A 50 -1.01 -11.55 -7.58
CA LYS A 50 -1.73 -12.81 -7.65
C LYS A 50 -3.07 -12.71 -6.93
N PRO A 51 -3.98 -13.64 -7.26
CA PRO A 51 -5.33 -13.69 -6.65
C PRO A 51 -5.29 -14.08 -5.18
N ASN A 52 -4.14 -14.60 -4.75
CA ASN A 52 -3.98 -15.03 -3.35
C ASN A 52 -3.61 -13.84 -2.47
N GLU A 53 -2.62 -13.07 -2.89
CA GLU A 53 -2.18 -11.91 -2.14
C GLU A 53 -3.18 -10.77 -2.26
N THR A 54 -2.87 -9.65 -1.59
CA THR A 54 -3.75 -8.48 -1.61
C THR A 54 -2.99 -7.23 -1.99
N VAL A 55 -3.59 -6.40 -2.83
CA VAL A 55 -2.95 -5.16 -3.28
C VAL A 55 -3.96 -4.02 -3.35
N GLN A 56 -3.52 -2.81 -3.02
CA GLN A 56 -4.38 -1.64 -3.04
C GLN A 56 -3.62 -0.41 -3.51
N CYS A 57 -3.93 0.04 -4.72
CA CYS A 57 -3.27 1.21 -5.29
C CYS A 57 -4.22 2.41 -5.31
N CYS A 58 -3.66 3.60 -5.04
CA CYS A 58 -4.46 4.82 -5.02
C CYS A 58 -3.72 5.95 -5.74
N SER A 59 -4.48 6.84 -6.36
CA SER A 59 -3.90 7.97 -7.09
C SER A 59 -4.57 9.28 -6.67
N THR A 60 -4.48 9.61 -5.39
CA THR A 60 -5.07 10.82 -4.87
C THR A 60 -4.62 11.10 -3.44
N ASP A 61 -4.57 12.37 -3.06
CA ASP A 61 -4.17 12.76 -1.72
C ASP A 61 -5.13 12.22 -0.68
N LYS A 62 -4.59 11.53 0.32
CA LYS A 62 -5.41 10.96 1.39
C LYS A 62 -6.36 9.90 0.84
N CYS A 63 -6.00 9.32 -0.30
CA CYS A 63 -6.82 8.29 -0.93
C CYS A 63 -6.49 6.91 -0.37
N ASN A 64 -5.23 6.50 -0.51
CA ASN A 64 -4.78 5.21 -0.01
C ASN A 64 -5.17 5.02 1.45
N LYS A 65 -6.08 4.08 1.69
CA LYS A 65 -6.54 3.80 3.05
C LYS A 65 -5.91 2.51 3.57
N LEU A 1 2.09 14.96 -3.35
CA LEU A 1 0.94 14.13 -2.98
C LEU A 1 1.17 13.49 -1.61
N THR A 2 0.10 13.40 -0.83
CA THR A 2 0.17 12.81 0.50
C THR A 2 -0.73 11.59 0.61
N CYS A 3 -0.16 10.47 1.04
CA CYS A 3 -0.90 9.23 1.20
C CYS A 3 -0.53 8.52 2.48
N LEU A 4 -1.51 7.88 3.12
CA LEU A 4 -1.28 7.17 4.36
C LEU A 4 -0.49 5.89 4.12
N ILE A 5 0.30 5.49 5.11
CA ILE A 5 1.11 4.28 5.01
C ILE A 5 1.44 3.71 6.38
N CYS A 6 1.32 2.39 6.52
CA CYS A 6 1.59 1.72 7.77
C CYS A 6 1.21 0.25 7.70
N PRO A 7 2.20 -0.63 7.84
CA PRO A 7 1.99 -2.08 7.80
C PRO A 7 1.24 -2.59 9.02
N GLU A 8 -0.09 -2.62 8.94
CA GLU A 8 -0.91 -3.08 10.04
C GLU A 8 -2.39 -3.08 9.64
N LYS A 9 -3.19 -3.89 10.35
CA LYS A 9 -4.61 -3.99 10.08
C LYS A 9 -5.32 -2.68 10.42
N ASP A 10 -4.96 -2.10 11.56
CA ASP A 10 -5.56 -0.85 12.01
C ASP A 10 -4.48 0.19 12.33
N CYS A 11 -4.01 0.89 11.29
CA CYS A 11 -2.98 1.91 11.46
C CYS A 11 -2.66 2.57 10.13
N GLN A 12 -2.47 3.89 10.16
CA GLN A 12 -2.15 4.65 8.95
C GLN A 12 -1.32 5.87 9.29
N LYS A 13 -0.19 6.03 8.59
CA LYS A 13 0.70 7.17 8.81
C LYS A 13 0.88 7.96 7.53
N VAL A 14 0.38 9.19 7.52
CA VAL A 14 0.50 10.06 6.35
C VAL A 14 1.95 10.16 5.88
N HIS A 15 2.15 10.06 4.58
CA HIS A 15 3.49 10.14 4.00
C HIS A 15 3.44 10.74 2.60
N THR A 16 4.27 11.76 2.38
CA THR A 16 4.32 12.43 1.09
C THR A 16 5.14 11.62 0.08
N CYS A 17 4.52 11.28 -1.04
CA CYS A 17 5.19 10.51 -2.09
C CYS A 17 6.31 11.32 -2.73
N ARG A 18 7.42 10.66 -3.01
CA ARG A 18 8.57 11.32 -3.63
C ARG A 18 8.17 12.00 -4.94
N ASN A 19 9.11 12.70 -5.56
CA ASN A 19 8.86 13.40 -6.81
C ASN A 19 8.71 12.41 -7.96
N GLU A 20 9.65 11.48 -8.06
CA GLU A 20 9.62 10.47 -9.12
C GLU A 20 8.28 9.75 -9.14
N GLU A 21 7.82 9.33 -7.97
CA GLU A 21 6.55 8.63 -7.85
C GLU A 21 5.40 9.60 -7.58
N LYS A 22 4.18 9.09 -7.58
CA LYS A 22 3.00 9.91 -7.33
C LYS A 22 1.91 9.10 -6.62
N ILE A 23 1.70 7.87 -7.09
CA ILE A 23 0.69 7.01 -6.50
C ILE A 23 1.28 6.15 -5.37
N CYS A 24 0.41 5.58 -4.56
CA CYS A 24 0.85 4.74 -3.44
C CYS A 24 0.06 3.44 -3.41
N VAL A 25 0.79 2.32 -3.37
CA VAL A 25 0.17 1.01 -3.33
C VAL A 25 0.85 0.10 -2.31
N LYS A 26 0.06 -0.78 -1.70
CA LYS A 26 0.58 -1.70 -0.70
C LYS A 26 0.05 -3.12 -0.93
N ARG A 27 0.88 -4.10 -0.61
CA ARG A 27 0.48 -5.50 -0.78
C ARG A 27 0.77 -6.31 0.48
N PHE A 28 -0.16 -7.18 0.85
CA PHE A 28 -0.01 -8.01 2.04
C PHE A 28 -0.51 -9.42 1.78
N TYR A 29 -0.05 -10.37 2.59
CA TYR A 29 -0.44 -11.77 2.45
C TYR A 29 -0.76 -12.38 3.82
N ASP A 30 -1.87 -13.10 3.88
CA ASP A 30 -2.28 -13.75 5.12
C ASP A 30 -3.11 -15.00 4.83
N LYS A 31 -2.54 -16.16 5.12
CA LYS A 31 -3.22 -17.43 4.89
C LYS A 31 -2.99 -18.39 6.05
N ASN A 32 -2.62 -17.83 7.21
CA ASN A 32 -2.38 -18.63 8.40
C ASN A 32 -2.05 -17.75 9.59
N GLN A 33 -2.04 -18.34 10.79
CA GLN A 33 -1.74 -17.61 12.00
C GLN A 33 -0.43 -16.83 11.86
N LEU A 34 0.57 -17.48 11.30
CA LEU A 34 1.88 -16.85 11.10
C LEU A 34 2.15 -16.60 9.62
N GLY A 35 1.94 -15.36 9.18
CA GLY A 35 2.17 -15.02 7.80
C GLY A 35 1.65 -13.63 7.44
N TRP A 36 0.64 -13.18 8.18
CA TRP A 36 0.06 -11.87 7.95
C TRP A 36 1.13 -10.79 7.89
N ARG A 37 1.47 -10.36 6.68
CA ARG A 37 2.48 -9.32 6.50
C ARG A 37 2.08 -8.36 5.38
N ALA A 38 2.34 -7.08 5.61
CA ALA A 38 2.01 -6.06 4.63
C ALA A 38 3.24 -5.25 4.23
N GLN A 39 3.19 -4.65 3.05
CA GLN A 39 4.31 -3.84 2.55
C GLN A 39 3.82 -2.75 1.61
N ARG A 40 4.01 -1.50 2.01
CA ARG A 40 3.59 -0.37 1.20
C ARG A 40 4.72 0.13 0.31
N GLY A 41 4.37 0.87 -0.73
CA GLY A 41 5.38 1.39 -1.64
C GLY A 41 4.81 2.38 -2.63
N CYS A 42 5.59 3.40 -2.96
CA CYS A 42 5.15 4.43 -3.91
C CYS A 42 5.45 4.00 -5.34
N ALA A 43 4.84 4.71 -6.30
CA ALA A 43 5.04 4.40 -7.71
C ALA A 43 4.27 5.38 -8.59
N VAL A 44 4.17 5.05 -9.88
CA VAL A 44 3.46 5.91 -10.82
C VAL A 44 2.48 5.09 -11.66
N SER A 45 2.36 3.82 -11.34
CA SER A 45 1.46 2.93 -12.06
C SER A 45 1.04 1.75 -11.19
N CYS A 46 -0.27 1.59 -11.00
CA CYS A 46 -0.81 0.50 -10.19
C CYS A 46 -0.29 -0.85 -10.69
N PRO A 47 0.57 -1.49 -9.89
CA PRO A 47 1.14 -2.79 -10.23
C PRO A 47 0.11 -3.91 -10.17
N LYS A 48 0.57 -5.15 -10.36
CA LYS A 48 -0.31 -6.31 -10.33
C LYS A 48 0.19 -7.34 -9.32
N ALA A 49 -0.64 -8.34 -9.05
CA ALA A 49 -0.29 -9.40 -8.11
C ALA A 49 -1.11 -10.66 -8.36
N LYS A 50 -0.95 -11.65 -7.49
CA LYS A 50 -1.68 -12.91 -7.62
C LYS A 50 -3.07 -12.79 -6.99
N PRO A 51 -3.96 -13.71 -7.38
CA PRO A 51 -5.33 -13.74 -6.87
C PRO A 51 -5.40 -14.16 -5.41
N ASN A 52 -4.30 -14.70 -4.90
CA ASN A 52 -4.23 -15.14 -3.51
C ASN A 52 -3.87 -13.97 -2.59
N GLU A 53 -2.84 -13.23 -2.96
CA GLU A 53 -2.40 -12.09 -2.16
C GLU A 53 -3.36 -10.92 -2.31
N THR A 54 -3.08 -9.83 -1.60
CA THR A 54 -3.91 -8.64 -1.66
C THR A 54 -3.09 -7.40 -1.99
N VAL A 55 -3.65 -6.54 -2.83
CA VAL A 55 -2.97 -5.31 -3.23
C VAL A 55 -3.95 -4.15 -3.32
N GLN A 56 -3.56 -3.01 -2.75
CA GLN A 56 -4.40 -1.82 -2.77
C GLN A 56 -3.60 -0.59 -3.22
N CYS A 57 -3.93 -0.08 -4.40
CA CYS A 57 -3.25 1.08 -4.94
C CYS A 57 -4.18 2.30 -4.97
N CYS A 58 -3.60 3.49 -4.83
CA CYS A 58 -4.38 4.72 -4.83
C CYS A 58 -3.63 5.82 -5.57
N SER A 59 -4.38 6.71 -6.22
CA SER A 59 -3.80 7.81 -6.97
C SER A 59 -4.40 9.14 -6.55
N THR A 60 -4.70 9.26 -5.26
CA THR A 60 -5.29 10.48 -4.72
C THR A 60 -4.75 10.79 -3.33
N ASP A 61 -4.91 12.04 -2.91
CA ASP A 61 -4.44 12.46 -1.59
C ASP A 61 -5.30 11.86 -0.47
N LYS A 62 -4.65 11.29 0.52
CA LYS A 62 -5.36 10.68 1.64
C LYS A 62 -6.22 9.51 1.18
N CYS A 63 -5.89 8.98 0.01
CA CYS A 63 -6.63 7.85 -0.56
C CYS A 63 -6.04 6.53 -0.08
N ASN A 64 -4.73 6.39 -0.23
CA ASN A 64 -4.04 5.16 0.19
C ASN A 64 -4.38 4.81 1.63
N LYS A 65 -5.14 3.74 1.80
CA LYS A 65 -5.55 3.28 3.13
C LYS A 65 -4.42 2.50 3.80
N LEU A 1 2.97 13.76 -3.91
CA LEU A 1 1.67 13.23 -3.50
C LEU A 1 1.72 12.72 -2.07
N THR A 2 0.60 12.82 -1.36
CA THR A 2 0.51 12.37 0.02
C THR A 2 -0.29 11.08 0.13
N CYS A 3 0.06 10.25 1.11
CA CYS A 3 -0.64 8.99 1.33
C CYS A 3 -0.35 8.44 2.72
N LEU A 4 -1.39 7.91 3.37
CA LEU A 4 -1.25 7.35 4.71
C LEU A 4 -0.77 5.91 4.65
N ILE A 5 0.47 5.69 5.08
CA ILE A 5 1.06 4.35 5.08
C ILE A 5 1.05 3.76 6.48
N CYS A 6 0.98 2.43 6.56
CA CYS A 6 0.97 1.74 7.83
C CYS A 6 0.75 0.23 7.63
N PRO A 7 1.86 -0.53 7.61
CA PRO A 7 1.81 -1.98 7.43
C PRO A 7 1.22 -2.71 8.64
N GLU A 8 -0.08 -2.53 8.85
CA GLU A 8 -0.77 -3.16 9.97
C GLU A 8 -2.23 -3.45 9.63
N LYS A 9 -2.93 -4.10 10.55
CA LYS A 9 -4.33 -4.44 10.35
C LYS A 9 -5.16 -3.18 10.12
N ASP A 10 -5.47 -2.47 11.19
CA ASP A 10 -6.25 -1.25 11.11
C ASP A 10 -5.45 -0.05 11.58
N CYS A 11 -4.88 0.70 10.64
CA CYS A 11 -4.08 1.87 10.97
C CYS A 11 -3.54 2.54 9.70
N GLN A 12 -3.53 3.86 9.70
CA GLN A 12 -3.04 4.62 8.54
C GLN A 12 -2.38 5.92 8.99
N LYS A 13 -1.06 5.99 8.79
CA LYS A 13 -0.30 7.18 9.17
C LYS A 13 0.04 8.03 7.94
N VAL A 14 -0.47 9.25 7.91
CA VAL A 14 -0.21 10.15 6.79
C VAL A 14 1.28 10.23 6.48
N HIS A 15 1.61 10.15 5.19
CA HIS A 15 3.00 10.21 4.76
C HIS A 15 3.12 10.91 3.42
N THR A 16 4.01 11.91 3.35
CA THR A 16 4.21 12.66 2.12
C THR A 16 5.33 12.05 1.28
N CYS A 17 4.95 11.52 0.12
CA CYS A 17 5.91 10.89 -0.78
C CYS A 17 6.30 11.85 -1.90
N ARG A 18 7.59 12.20 -1.94
CA ARG A 18 8.10 13.10 -2.96
C ARG A 18 9.17 12.42 -3.82
N ASN A 19 8.82 12.13 -5.07
CA ASN A 19 9.75 11.49 -5.99
C ASN A 19 9.10 11.27 -7.36
N GLU A 20 9.82 10.59 -8.25
CA GLU A 20 9.32 10.32 -9.59
C GLU A 20 7.92 9.72 -9.53
N GLU A 21 7.64 8.99 -8.46
CA GLU A 21 6.33 8.37 -8.28
C GLU A 21 5.25 9.41 -8.04
N LYS A 22 4.04 9.12 -8.50
CA LYS A 22 2.91 10.03 -8.34
C LYS A 22 1.76 9.35 -7.60
N ILE A 23 1.91 8.06 -7.34
CA ILE A 23 0.89 7.30 -6.63
C ILE A 23 1.50 6.46 -5.52
N CYS A 24 0.65 5.86 -4.69
CA CYS A 24 1.11 5.03 -3.59
C CYS A 24 0.34 3.70 -3.56
N VAL A 25 1.08 2.61 -3.44
CA VAL A 25 0.48 1.29 -3.39
C VAL A 25 1.10 0.43 -2.29
N LYS A 26 0.30 -0.45 -1.70
CA LYS A 26 0.77 -1.32 -0.63
C LYS A 26 0.39 -2.77 -0.91
N ARG A 27 1.26 -3.69 -0.51
CA ARG A 27 1.01 -5.12 -0.72
C ARG A 27 1.36 -5.92 0.53
N PHE A 28 0.43 -6.75 0.98
CA PHE A 28 0.64 -7.57 2.16
C PHE A 28 0.11 -8.99 1.95
N TYR A 29 0.64 -9.93 2.70
CA TYR A 29 0.22 -11.33 2.60
C TYR A 29 -0.16 -11.89 3.96
N ASP A 30 -1.21 -12.69 3.98
CA ASP A 30 -1.69 -13.29 5.23
C ASP A 30 -1.76 -14.81 5.10
N LYS A 31 -1.08 -15.51 6.00
CA LYS A 31 -1.06 -16.96 5.98
C LYS A 31 -2.24 -17.53 6.78
N ASN A 32 -2.31 -18.85 6.87
CA ASN A 32 -3.39 -19.52 7.59
C ASN A 32 -2.98 -19.78 9.04
N GLN A 33 -2.12 -20.78 9.23
CA GLN A 33 -1.65 -21.13 10.57
C GLN A 33 -0.98 -19.94 11.24
N LEU A 34 -0.16 -19.22 10.47
CA LEU A 34 0.54 -18.06 11.00
C LEU A 34 1.28 -17.33 9.89
N GLY A 35 1.14 -16.00 9.85
CA GLY A 35 1.80 -15.21 8.84
C GLY A 35 1.07 -13.92 8.54
N TRP A 36 1.82 -12.82 8.42
CA TRP A 36 1.23 -11.52 8.15
C TRP A 36 2.31 -10.47 7.92
N ARG A 37 2.52 -10.11 6.66
CA ARG A 37 3.53 -9.11 6.32
C ARG A 37 2.97 -8.09 5.33
N ALA A 38 3.27 -6.81 5.56
CA ALA A 38 2.80 -5.74 4.70
C ALA A 38 3.95 -4.83 4.28
N GLN A 39 3.84 -4.26 3.09
CA GLN A 39 4.87 -3.36 2.58
C GLN A 39 4.27 -2.33 1.63
N ARG A 40 4.58 -1.05 1.88
CA ARG A 40 4.07 0.04 1.04
C ARG A 40 5.18 0.62 0.18
N GLY A 41 4.79 1.35 -0.86
CA GLY A 41 5.76 1.95 -1.76
C GLY A 41 5.12 2.78 -2.85
N CYS A 42 5.75 3.90 -3.20
CA CYS A 42 5.23 4.77 -4.25
C CYS A 42 5.50 4.20 -5.63
N ALA A 43 4.64 4.55 -6.59
CA ALA A 43 4.79 4.07 -7.96
C ALA A 43 4.15 5.04 -8.95
N VAL A 44 4.00 4.60 -10.19
CA VAL A 44 3.42 5.43 -11.23
C VAL A 44 2.38 4.64 -12.04
N SER A 45 2.07 3.44 -11.57
CA SER A 45 1.11 2.58 -12.25
C SER A 45 0.29 1.78 -11.24
N CYS A 46 -0.83 1.24 -11.70
CA CYS A 46 -1.71 0.46 -10.84
C CYS A 46 -1.74 -1.01 -11.28
N PRO A 47 -0.65 -1.74 -10.97
CA PRO A 47 -0.52 -3.15 -11.32
C PRO A 47 -1.47 -4.04 -10.52
N LYS A 48 -1.27 -5.34 -10.61
CA LYS A 48 -2.10 -6.30 -9.90
C LYS A 48 -1.24 -7.35 -9.19
N ALA A 49 -1.88 -8.39 -8.69
CA ALA A 49 -1.18 -9.47 -8.00
C ALA A 49 -2.00 -10.75 -7.98
N LYS A 50 -1.55 -11.73 -7.22
CA LYS A 50 -2.25 -13.01 -7.11
C LYS A 50 -3.52 -12.87 -6.27
N PRO A 51 -4.45 -13.82 -6.44
CA PRO A 51 -5.72 -13.82 -5.71
C PRO A 51 -5.53 -14.14 -4.23
N ASN A 52 -4.34 -14.61 -3.88
CA ASN A 52 -4.03 -14.95 -2.49
C ASN A 52 -3.56 -13.72 -1.72
N GLU A 53 -2.62 -12.98 -2.31
CA GLU A 53 -2.08 -11.79 -1.68
C GLU A 53 -3.05 -10.62 -1.82
N THR A 54 -2.71 -9.49 -1.19
CA THR A 54 -3.55 -8.29 -1.26
C THR A 54 -2.74 -7.08 -1.68
N VAL A 55 -3.27 -6.34 -2.66
CA VAL A 55 -2.61 -5.14 -3.16
C VAL A 55 -3.59 -4.01 -3.37
N GLN A 56 -3.20 -2.80 -2.97
CA GLN A 56 -4.06 -1.63 -3.12
C GLN A 56 -3.24 -0.42 -3.55
N CYS A 57 -3.51 0.08 -4.76
CA CYS A 57 -2.81 1.23 -5.29
C CYS A 57 -3.75 2.43 -5.44
N CYS A 58 -3.42 3.51 -4.75
CA CYS A 58 -4.23 4.73 -4.81
C CYS A 58 -3.50 5.85 -5.53
N SER A 59 -4.25 6.67 -6.25
CA SER A 59 -3.68 7.79 -6.99
C SER A 59 -4.41 9.09 -6.68
N THR A 60 -4.37 9.48 -5.41
CA THR A 60 -5.04 10.71 -4.98
C THR A 60 -4.59 11.10 -3.58
N ASP A 61 -4.58 12.41 -3.30
CA ASP A 61 -4.19 12.91 -1.99
C ASP A 61 -5.09 12.36 -0.89
N LYS A 62 -4.48 11.76 0.12
CA LYS A 62 -5.24 11.18 1.23
C LYS A 62 -6.11 10.03 0.75
N CYS A 63 -5.68 9.36 -0.30
CA CYS A 63 -6.43 8.23 -0.86
C CYS A 63 -5.89 6.91 -0.32
N ASN A 64 -4.57 6.73 -0.39
CA ASN A 64 -3.94 5.50 0.10
C ASN A 64 -4.37 5.20 1.53
N LYS A 65 -5.15 4.14 1.70
CA LYS A 65 -5.63 3.74 3.02
C LYS A 65 -4.97 2.44 3.45
N LEU A 1 2.40 13.10 -4.35
CA LEU A 1 1.10 12.67 -3.86
C LEU A 1 1.16 12.37 -2.36
N THR A 2 0.02 12.53 -1.69
CA THR A 2 -0.05 12.28 -0.25
C THR A 2 -0.87 11.03 0.04
N CYS A 3 -0.40 10.24 1.01
CA CYS A 3 -1.09 9.01 1.39
C CYS A 3 -0.52 8.45 2.69
N LEU A 4 -1.38 7.83 3.48
CA LEU A 4 -0.98 7.24 4.76
C LEU A 4 -0.31 5.89 4.54
N ILE A 5 0.63 5.55 5.42
CA ILE A 5 1.34 4.29 5.33
C ILE A 5 1.58 3.69 6.71
N CYS A 6 1.58 2.36 6.79
CA CYS A 6 1.80 1.67 8.06
C CYS A 6 1.57 0.17 7.90
N PRO A 7 2.57 -0.63 8.30
CA PRO A 7 2.50 -2.09 8.22
C PRO A 7 1.50 -2.68 9.21
N GLU A 8 0.21 -2.54 8.89
CA GLU A 8 -0.84 -3.06 9.75
C GLU A 8 -2.22 -2.80 9.14
N LYS A 9 -3.15 -3.70 9.40
CA LYS A 9 -4.52 -3.57 8.88
C LYS A 9 -5.31 -2.58 9.70
N ASP A 10 -4.80 -2.23 10.88
CA ASP A 10 -5.47 -1.28 11.76
C ASP A 10 -4.53 -0.13 12.14
N CYS A 11 -3.99 0.55 11.13
CA CYS A 11 -3.07 1.65 11.36
C CYS A 11 -2.64 2.29 10.04
N GLN A 12 -2.60 3.62 10.01
CA GLN A 12 -2.19 4.34 8.81
C GLN A 12 -1.72 5.75 9.15
N LYS A 13 -0.44 5.99 8.96
CA LYS A 13 0.15 7.30 9.25
C LYS A 13 0.34 8.10 7.97
N VAL A 14 -0.32 9.26 7.90
CA VAL A 14 -0.22 10.12 6.74
C VAL A 14 1.23 10.31 6.31
N HIS A 15 1.48 10.19 5.00
CA HIS A 15 2.83 10.34 4.47
C HIS A 15 2.79 11.09 3.13
N THR A 16 3.98 11.31 2.55
CA THR A 16 4.08 12.01 1.28
C THR A 16 5.17 11.39 0.41
N CYS A 17 4.78 10.95 -0.78
CA CYS A 17 5.71 10.34 -1.72
C CYS A 17 6.83 11.32 -2.09
N ARG A 18 7.97 11.20 -1.42
CA ARG A 18 9.10 12.07 -1.68
C ARG A 18 10.06 11.45 -2.70
N ASN A 19 9.54 10.47 -3.44
CA ASN A 19 10.34 9.80 -4.46
C ASN A 19 9.92 10.24 -5.86
N GLU A 20 10.42 9.53 -6.88
CA GLU A 20 10.09 9.85 -8.26
C GLU A 20 8.86 9.09 -8.72
N GLU A 21 7.82 9.10 -7.89
CA GLU A 21 6.58 8.42 -8.21
C GLU A 21 5.41 9.40 -8.25
N LYS A 22 4.22 8.88 -8.57
CA LYS A 22 3.02 9.71 -8.64
C LYS A 22 1.89 9.12 -7.80
N ILE A 23 1.83 7.79 -7.77
CA ILE A 23 0.80 7.10 -6.99
C ILE A 23 1.43 6.22 -5.91
N CYS A 24 0.60 5.75 -4.98
CA CYS A 24 1.06 4.90 -3.89
C CYS A 24 0.18 3.67 -3.75
N VAL A 25 0.81 2.50 -3.64
CA VAL A 25 0.08 1.25 -3.50
C VAL A 25 0.63 0.43 -2.33
N LYS A 26 -0.26 -0.31 -1.67
CA LYS A 26 0.13 -1.14 -0.54
C LYS A 26 -0.23 -2.60 -0.79
N ARG A 27 0.65 -3.50 -0.35
CA ARG A 27 0.41 -4.93 -0.53
C ARG A 27 0.70 -5.69 0.76
N PHE A 28 -0.19 -6.61 1.12
CA PHE A 28 -0.04 -7.40 2.33
C PHE A 28 -0.54 -8.83 2.11
N TYR A 29 -0.06 -9.75 2.95
CA TYR A 29 -0.45 -11.15 2.84
C TYR A 29 -1.02 -11.65 4.16
N ASP A 30 -2.06 -12.48 4.07
CA ASP A 30 -2.70 -13.04 5.25
C ASP A 30 -2.91 -14.54 5.11
N LYS A 31 -2.36 -15.29 6.05
CA LYS A 31 -2.49 -16.75 6.04
C LYS A 31 -2.02 -17.36 7.36
N ASN A 32 -2.48 -18.57 7.64
CA ASN A 32 -2.11 -19.25 8.87
C ASN A 32 -0.59 -19.30 9.04
N GLN A 33 0.07 -20.08 8.19
CA GLN A 33 1.53 -20.22 8.24
C GLN A 33 2.20 -18.86 8.08
N LEU A 34 1.96 -18.22 6.95
CA LEU A 34 2.54 -16.90 6.67
C LEU A 34 1.86 -15.82 7.49
N GLY A 35 2.50 -15.42 8.59
CA GLY A 35 1.95 -14.39 9.43
C GLY A 35 1.56 -13.14 8.67
N TRP A 36 0.52 -12.46 9.12
CA TRP A 36 0.05 -11.24 8.47
C TRP A 36 1.20 -10.26 8.28
N ARG A 37 1.45 -9.89 7.03
CA ARG A 37 2.53 -8.95 6.71
C ARG A 37 2.06 -7.93 5.68
N ALA A 38 2.36 -6.66 5.94
CA ALA A 38 1.98 -5.58 5.03
C ALA A 38 3.19 -4.72 4.66
N GLN A 39 3.11 -4.08 3.50
CA GLN A 39 4.20 -3.23 3.04
C GLN A 39 3.71 -2.25 1.97
N ARG A 40 3.85 -0.96 2.23
CA ARG A 40 3.42 0.07 1.30
C ARG A 40 4.60 0.64 0.54
N GLY A 41 4.34 1.18 -0.66
CA GLY A 41 5.39 1.75 -1.46
C GLY A 41 4.86 2.64 -2.57
N CYS A 42 5.66 3.61 -2.98
CA CYS A 42 5.27 4.54 -4.04
C CYS A 42 5.54 3.93 -5.42
N ALA A 43 4.84 4.43 -6.43
CA ALA A 43 5.01 3.95 -7.80
C ALA A 43 4.30 4.86 -8.79
N VAL A 44 4.52 4.60 -10.08
CA VAL A 44 3.90 5.40 -11.13
C VAL A 44 2.90 4.56 -11.94
N SER A 45 2.64 3.35 -11.47
CA SER A 45 1.70 2.45 -12.14
C SER A 45 0.93 1.61 -11.14
N CYS A 46 -0.22 1.11 -11.55
CA CYS A 46 -1.06 0.29 -10.69
C CYS A 46 -1.09 -1.15 -11.17
N PRO A 47 -0.05 -1.93 -10.81
CA PRO A 47 0.06 -3.33 -11.21
C PRO A 47 -0.96 -4.21 -10.49
N LYS A 48 -0.78 -5.52 -10.60
CA LYS A 48 -1.69 -6.47 -9.97
C LYS A 48 -0.91 -7.49 -9.13
N ALA A 49 -1.62 -8.47 -8.59
CA ALA A 49 -1.00 -9.50 -7.76
C ALA A 49 -1.83 -10.77 -7.76
N LYS A 50 -1.35 -11.79 -7.05
CA LYS A 50 -2.05 -13.06 -6.96
C LYS A 50 -3.37 -12.91 -6.22
N PRO A 51 -4.29 -13.88 -6.42
CA PRO A 51 -5.60 -13.88 -5.78
C PRO A 51 -5.50 -14.12 -4.27
N ASN A 52 -4.36 -14.62 -3.83
CA ASN A 52 -4.15 -14.91 -2.42
C ASN A 52 -3.80 -13.63 -1.65
N GLU A 53 -2.83 -12.88 -2.18
CA GLU A 53 -2.39 -11.65 -1.54
C GLU A 53 -3.38 -10.52 -1.82
N THR A 54 -3.17 -9.37 -1.20
CA THR A 54 -4.03 -8.21 -1.38
C THR A 54 -3.23 -6.97 -1.73
N VAL A 55 -3.71 -6.22 -2.72
CA VAL A 55 -3.03 -5.01 -3.16
C VAL A 55 -4.03 -3.87 -3.40
N GLN A 56 -3.70 -2.69 -2.90
CA GLN A 56 -4.56 -1.53 -3.05
C GLN A 56 -3.77 -0.30 -3.48
N CYS A 57 -3.97 0.13 -4.71
CA CYS A 57 -3.27 1.30 -5.24
C CYS A 57 -4.18 2.52 -5.26
N CYS A 58 -3.60 3.69 -5.00
CA CYS A 58 -4.36 4.94 -5.00
C CYS A 58 -3.60 6.04 -5.73
N SER A 59 -4.33 6.84 -6.50
CA SER A 59 -3.74 7.93 -7.27
C SER A 59 -4.40 9.26 -6.92
N THR A 60 -4.84 9.40 -5.68
CA THR A 60 -5.49 10.61 -5.23
C THR A 60 -5.02 11.00 -3.82
N ASP A 61 -5.12 12.29 -3.51
CA ASP A 61 -4.70 12.79 -2.21
C ASP A 61 -5.65 12.30 -1.11
N LYS A 62 -5.09 11.77 -0.04
CA LYS A 62 -5.88 11.27 1.07
C LYS A 62 -6.73 10.07 0.65
N CYS A 63 -6.31 9.42 -0.42
CA CYS A 63 -7.03 8.25 -0.94
C CYS A 63 -6.50 6.96 -0.31
N ASN A 64 -5.19 6.73 -0.47
CA ASN A 64 -4.57 5.54 0.08
C ASN A 64 -4.88 5.39 1.57
N LYS A 65 -5.67 4.36 1.90
CA LYS A 65 -6.04 4.11 3.28
C LYS A 65 -4.89 3.48 4.05
N LEU A 1 1.80 13.33 -3.21
CA LEU A 1 0.63 13.36 -2.37
C LEU A 1 0.86 12.61 -1.06
N THR A 2 -0.15 12.58 -0.20
CA THR A 2 -0.03 11.89 1.09
C THR A 2 -0.87 10.62 1.09
N CYS A 3 -0.24 9.50 1.45
CA CYS A 3 -0.91 8.21 1.50
C CYS A 3 -0.61 7.49 2.81
N LEU A 4 -1.60 6.80 3.34
CA LEU A 4 -1.44 6.06 4.59
C LEU A 4 -0.62 4.79 4.36
N ILE A 5 0.23 4.47 5.33
CA ILE A 5 1.08 3.28 5.25
C ILE A 5 1.54 2.83 6.62
N CYS A 6 1.59 1.52 6.83
CA CYS A 6 2.02 0.96 8.10
C CYS A 6 1.88 -0.56 8.10
N PRO A 7 2.96 -1.26 8.47
CA PRO A 7 2.97 -2.72 8.52
C PRO A 7 2.11 -3.27 9.66
N GLU A 8 0.82 -3.40 9.39
CA GLU A 8 -0.11 -3.92 10.40
C GLU A 8 -1.53 -4.03 9.83
N LYS A 9 -2.43 -4.57 10.62
CA LYS A 9 -3.82 -4.72 10.20
C LYS A 9 -4.69 -3.57 10.71
N ASP A 10 -4.33 -3.05 11.88
CA ASP A 10 -5.08 -1.94 12.47
C ASP A 10 -4.15 -0.75 12.72
N CYS A 11 -3.45 -0.32 11.69
CA CYS A 11 -2.53 0.81 11.79
C CYS A 11 -2.32 1.47 10.44
N GLN A 12 -2.27 2.80 10.44
CA GLN A 12 -2.08 3.56 9.20
C GLN A 12 -1.41 4.90 9.49
N LYS A 13 -0.18 5.05 9.00
CA LYS A 13 0.57 6.29 9.20
C LYS A 13 0.72 7.05 7.90
N VAL A 14 0.27 8.31 7.90
CA VAL A 14 0.35 9.15 6.72
C VAL A 14 1.78 9.28 6.23
N HIS A 15 1.98 9.19 4.92
CA HIS A 15 3.31 9.30 4.33
C HIS A 15 3.25 10.06 3.00
N THR A 16 4.11 11.06 2.87
CA THR A 16 4.16 11.87 1.66
C THR A 16 5.12 11.27 0.63
N CYS A 17 4.56 10.85 -0.50
CA CYS A 17 5.38 10.25 -1.56
C CYS A 17 6.42 11.24 -2.07
N ARG A 18 7.49 10.71 -2.65
CA ARG A 18 8.56 11.55 -3.18
C ARG A 18 8.22 12.07 -4.57
N ASN A 19 9.17 12.73 -5.21
CA ASN A 19 8.95 13.28 -6.54
C ASN A 19 9.16 12.21 -7.60
N GLU A 20 10.07 11.27 -7.34
CA GLU A 20 10.36 10.20 -8.27
C GLU A 20 9.08 9.49 -8.70
N GLU A 21 8.34 8.96 -7.72
CA GLU A 21 7.10 8.25 -7.99
C GLU A 21 5.94 9.23 -8.14
N LYS A 22 4.73 8.70 -8.20
CA LYS A 22 3.53 9.53 -8.33
C LYS A 22 2.40 9.01 -7.44
N ILE A 23 1.88 7.84 -7.78
CA ILE A 23 0.80 7.24 -7.01
C ILE A 23 1.34 6.38 -5.87
N CYS A 24 0.46 5.89 -5.03
CA CYS A 24 0.84 5.05 -3.90
C CYS A 24 0.18 3.68 -3.99
N VAL A 25 0.96 2.63 -3.73
CA VAL A 25 0.46 1.27 -3.78
C VAL A 25 0.64 0.57 -2.43
N LYS A 26 -0.34 -0.24 -2.05
CA LYS A 26 -0.29 -0.97 -0.81
C LYS A 26 -0.61 -2.45 -1.02
N ARG A 27 0.36 -3.31 -0.72
CA ARG A 27 0.18 -4.75 -0.87
C ARG A 27 0.49 -5.48 0.42
N PHE A 28 -0.31 -6.51 0.72
CA PHE A 28 -0.13 -7.29 1.94
C PHE A 28 -0.52 -8.75 1.71
N TYR A 29 0.02 -9.64 2.52
CA TYR A 29 -0.27 -11.06 2.42
C TYR A 29 -0.93 -11.59 3.69
N ASP A 30 -2.05 -12.27 3.53
CA ASP A 30 -2.78 -12.83 4.66
C ASP A 30 -3.20 -14.26 4.39
N LYS A 31 -2.55 -15.21 5.06
CA LYS A 31 -2.86 -16.63 4.89
C LYS A 31 -2.48 -17.41 6.14
N ASN A 32 -2.37 -16.72 7.27
CA ASN A 32 -2.02 -17.36 8.53
C ASN A 32 -1.95 -16.33 9.65
N GLN A 33 -1.89 -16.83 10.89
CA GLN A 33 -1.82 -15.95 12.06
C GLN A 33 -0.65 -14.98 11.94
N LEU A 34 0.55 -15.53 11.73
CA LEU A 34 1.75 -14.72 11.61
C LEU A 34 2.06 -14.44 10.14
N GLY A 35 1.19 -14.92 9.25
CA GLY A 35 1.40 -14.71 7.83
C GLY A 35 0.94 -13.34 7.37
N TRP A 36 0.46 -12.54 8.31
CA TRP A 36 -0.01 -11.20 8.00
C TRP A 36 1.15 -10.23 7.83
N ARG A 37 1.41 -9.83 6.60
CA ARG A 37 2.49 -8.91 6.30
C ARG A 37 2.05 -7.84 5.30
N ALA A 38 2.22 -6.57 5.70
CA ALA A 38 1.83 -5.46 4.84
C ALA A 38 3.05 -4.66 4.39
N GLN A 39 2.94 -4.01 3.23
CA GLN A 39 4.04 -3.22 2.70
C GLN A 39 3.53 -2.19 1.70
N ARG A 40 3.88 -0.94 1.91
CA ARG A 40 3.46 0.15 1.02
C ARG A 40 4.65 0.72 0.26
N GLY A 41 4.36 1.40 -0.85
CA GLY A 41 5.42 1.99 -1.65
C GLY A 41 4.88 2.80 -2.82
N CYS A 42 5.51 3.92 -3.10
CA CYS A 42 5.09 4.79 -4.19
C CYS A 42 5.46 4.18 -5.55
N ALA A 43 4.75 4.61 -6.59
CA ALA A 43 5.01 4.10 -7.93
C ALA A 43 4.37 4.99 -8.99
N VAL A 44 4.61 4.68 -10.25
CA VAL A 44 4.06 5.46 -11.36
C VAL A 44 3.08 4.63 -12.17
N SER A 45 2.76 3.44 -11.68
CA SER A 45 1.83 2.55 -12.36
C SER A 45 1.03 1.72 -11.37
N CYS A 46 -0.08 1.17 -11.82
CA CYS A 46 -0.94 0.36 -10.96
C CYS A 46 -0.96 -1.09 -11.45
N PRO A 47 0.11 -1.82 -11.12
CA PRO A 47 0.24 -3.24 -11.51
C PRO A 47 -0.72 -4.14 -10.75
N LYS A 48 -0.51 -5.45 -10.85
CA LYS A 48 -1.36 -6.42 -10.17
C LYS A 48 -0.53 -7.46 -9.45
N ALA A 49 -1.19 -8.45 -8.86
CA ALA A 49 -0.51 -9.52 -8.14
C ALA A 49 -1.33 -10.81 -8.15
N LYS A 50 -0.84 -11.81 -7.44
CA LYS A 50 -1.53 -13.10 -7.37
C LYS A 50 -2.82 -12.98 -6.57
N PRO A 51 -3.76 -13.90 -6.84
CA PRO A 51 -5.05 -13.93 -6.15
C PRO A 51 -4.93 -14.34 -4.69
N ASN A 52 -3.73 -14.78 -4.30
CA ASN A 52 -3.48 -15.20 -2.93
C ASN A 52 -3.17 -14.00 -2.04
N GLU A 53 -2.55 -12.97 -2.63
CA GLU A 53 -2.20 -11.78 -1.88
C GLU A 53 -3.21 -10.65 -2.15
N THR A 54 -2.91 -9.48 -1.61
CA THR A 54 -3.79 -8.32 -1.78
C THR A 54 -3.00 -7.10 -2.22
N VAL A 55 -3.58 -6.32 -3.13
CA VAL A 55 -2.94 -5.11 -3.63
C VAL A 55 -3.94 -4.00 -3.87
N GLN A 56 -3.53 -2.76 -3.61
CA GLN A 56 -4.42 -1.62 -3.80
C GLN A 56 -3.60 -0.32 -3.90
N CYS A 57 -3.76 0.38 -5.02
CA CYS A 57 -3.04 1.63 -5.24
C CYS A 57 -4.01 2.78 -5.45
N CYS A 58 -3.64 3.96 -4.96
CA CYS A 58 -4.49 5.14 -5.10
C CYS A 58 -3.72 6.28 -5.77
N SER A 59 -4.44 7.13 -6.49
CA SER A 59 -3.83 8.26 -7.19
C SER A 59 -4.46 9.57 -6.74
N THR A 60 -4.89 9.62 -5.49
CA THR A 60 -5.50 10.82 -4.93
C THR A 60 -5.07 11.05 -3.50
N ASP A 61 -5.09 12.30 -3.06
CA ASP A 61 -4.69 12.65 -1.70
C ASP A 61 -5.68 12.09 -0.69
N LYS A 62 -5.16 11.44 0.35
CA LYS A 62 -6.00 10.86 1.38
C LYS A 62 -6.89 9.76 0.82
N CYS A 63 -6.41 9.10 -0.24
CA CYS A 63 -7.15 8.02 -0.88
C CYS A 63 -6.61 6.67 -0.47
N ASN A 64 -5.30 6.50 -0.59
CA ASN A 64 -4.66 5.24 -0.23
C ASN A 64 -4.97 4.85 1.21
N LYS A 65 -5.76 3.81 1.38
CA LYS A 65 -6.14 3.33 2.70
C LYS A 65 -4.98 2.59 3.37
N LEU A 1 2.41 14.58 -3.19
CA LEU A 1 1.17 13.86 -2.89
C LEU A 1 1.23 13.23 -1.50
N THR A 2 0.10 13.25 -0.81
CA THR A 2 0.02 12.67 0.53
C THR A 2 -0.70 11.33 0.52
N CYS A 3 -0.06 10.31 1.09
CA CYS A 3 -0.65 8.98 1.13
C CYS A 3 -0.53 8.39 2.54
N LEU A 4 -1.51 7.58 2.93
CA LEU A 4 -1.51 6.95 4.24
C LEU A 4 -0.77 5.61 4.20
N ILE A 5 0.27 5.49 5.01
CA ILE A 5 1.04 4.26 5.06
C ILE A 5 1.26 3.81 6.51
N CYS A 6 1.15 2.51 6.74
CA CYS A 6 1.33 1.95 8.07
C CYS A 6 0.99 0.47 8.10
N PRO A 7 2.02 -0.38 8.01
CA PRO A 7 1.85 -1.84 8.01
C PRO A 7 1.41 -2.36 9.38
N GLU A 8 0.11 -2.52 9.55
CA GLU A 8 -0.44 -3.02 10.81
C GLU A 8 -1.94 -3.24 10.70
N LYS A 9 -2.52 -3.87 11.72
CA LYS A 9 -3.94 -4.14 11.75
C LYS A 9 -4.75 -2.88 11.45
N ASP A 10 -4.87 -2.01 12.45
CA ASP A 10 -5.60 -0.76 12.30
C ASP A 10 -4.72 0.43 12.61
N CYS A 11 -4.16 1.04 11.57
CA CYS A 11 -3.29 2.21 11.73
C CYS A 11 -2.92 2.80 10.38
N GLN A 12 -2.92 4.12 10.30
CA GLN A 12 -2.57 4.82 9.06
C GLN A 12 -1.68 6.02 9.34
N LYS A 13 -0.42 5.92 8.93
CA LYS A 13 0.54 7.01 9.12
C LYS A 13 0.76 7.78 7.83
N VAL A 14 0.36 9.05 7.83
CA VAL A 14 0.51 9.90 6.67
C VAL A 14 1.96 9.93 6.19
N HIS A 15 2.15 10.00 4.89
CA HIS A 15 3.49 10.03 4.31
C HIS A 15 3.48 10.72 2.95
N THR A 16 4.29 11.76 2.79
CA THR A 16 4.37 12.50 1.55
C THR A 16 5.35 11.83 0.58
N CYS A 17 4.84 11.42 -0.58
CA CYS A 17 5.67 10.78 -1.59
C CYS A 17 5.97 11.73 -2.74
N ARG A 18 6.97 12.59 -2.55
CA ARG A 18 7.35 13.56 -3.57
C ARG A 18 8.49 13.01 -4.43
N ASN A 19 8.67 11.69 -4.40
CA ASN A 19 9.72 11.05 -5.18
C ASN A 19 9.32 10.96 -6.65
N GLU A 20 10.16 10.30 -7.44
CA GLU A 20 9.91 10.16 -8.87
C GLU A 20 8.53 9.56 -9.11
N GLU A 21 8.05 8.77 -8.16
CA GLU A 21 6.74 8.14 -8.27
C GLU A 21 5.63 9.16 -8.09
N LYS A 22 4.39 8.69 -8.08
CA LYS A 22 3.23 9.56 -7.91
C LYS A 22 2.09 8.83 -7.19
N ILE A 23 1.87 7.58 -7.58
CA ILE A 23 0.82 6.77 -6.99
C ILE A 23 1.35 5.95 -5.81
N CYS A 24 0.47 5.65 -4.86
CA CYS A 24 0.85 4.88 -3.69
C CYS A 24 0.07 3.56 -3.63
N VAL A 25 0.78 2.45 -3.54
CA VAL A 25 0.16 1.14 -3.47
C VAL A 25 0.83 0.27 -2.41
N LYS A 26 0.03 -0.59 -1.78
CA LYS A 26 0.54 -1.49 -0.74
C LYS A 26 0.01 -2.90 -0.92
N ARG A 27 0.82 -3.88 -0.58
CA ARG A 27 0.43 -5.29 -0.72
C ARG A 27 0.71 -6.05 0.58
N PHE A 28 -0.25 -6.85 1.00
CA PHE A 28 -0.13 -7.65 2.22
C PHE A 28 -0.63 -9.07 2.01
N TYR A 29 -0.19 -9.98 2.86
CA TYR A 29 -0.60 -11.38 2.77
C TYR A 29 -1.13 -11.88 4.11
N ASP A 30 -2.21 -12.65 4.05
CA ASP A 30 -2.82 -13.21 5.26
C ASP A 30 -3.19 -14.67 5.06
N LYS A 31 -2.65 -15.54 5.92
CA LYS A 31 -2.94 -16.97 5.84
C LYS A 31 -2.53 -17.67 7.13
N ASN A 32 -2.92 -18.94 7.24
CA ASN A 32 -2.59 -19.72 8.42
C ASN A 32 -1.10 -20.05 8.48
N GLN A 33 -0.47 -19.76 9.61
CA GLN A 33 0.95 -20.03 9.77
C GLN A 33 1.78 -19.20 8.80
N LEU A 34 1.16 -18.16 8.24
CA LEU A 34 1.83 -17.29 7.29
C LEU A 34 2.14 -15.93 7.92
N GLY A 35 1.37 -15.58 8.95
CA GLY A 35 1.59 -14.31 9.63
C GLY A 35 1.21 -13.13 8.76
N TRP A 36 0.29 -12.30 9.26
CA TRP A 36 -0.15 -11.13 8.51
C TRP A 36 1.00 -10.17 8.26
N ARG A 37 1.34 -9.98 6.99
CA ARG A 37 2.43 -9.09 6.62
C ARG A 37 1.99 -8.12 5.53
N ALA A 38 2.33 -6.84 5.70
CA ALA A 38 1.97 -5.82 4.73
C ALA A 38 3.19 -5.00 4.32
N GLN A 39 3.13 -4.42 3.12
CA GLN A 39 4.23 -3.61 2.61
C GLN A 39 3.73 -2.55 1.63
N ARG A 40 3.99 -1.28 1.95
CA ARG A 40 3.56 -0.19 1.10
C ARG A 40 4.68 0.25 0.16
N GLY A 41 4.33 1.04 -0.84
CA GLY A 41 5.32 1.52 -1.79
C GLY A 41 4.72 2.41 -2.86
N CYS A 42 5.52 3.36 -3.35
CA CYS A 42 5.06 4.28 -4.39
C CYS A 42 5.37 3.75 -5.77
N ALA A 43 4.79 4.37 -6.79
CA ALA A 43 5.02 3.97 -8.17
C ALA A 43 4.35 4.93 -9.14
N VAL A 44 4.31 4.55 -10.42
CA VAL A 44 3.71 5.39 -11.45
C VAL A 44 2.63 4.63 -12.21
N SER A 45 2.46 3.36 -11.87
CA SER A 45 1.46 2.52 -12.52
C SER A 45 1.00 1.38 -11.60
N CYS A 46 -0.29 1.34 -11.33
CA CYS A 46 -0.86 0.31 -10.46
C CYS A 46 -0.42 -1.07 -10.91
N PRO A 47 0.45 -1.71 -10.12
CA PRO A 47 0.97 -3.06 -10.40
C PRO A 47 -0.11 -4.12 -10.25
N LYS A 48 0.32 -5.38 -10.31
CA LYS A 48 -0.60 -6.50 -10.18
C LYS A 48 -0.07 -7.54 -9.18
N ALA A 49 -0.91 -8.48 -8.81
CA ALA A 49 -0.53 -9.53 -7.86
C ALA A 49 -1.42 -10.75 -8.01
N LYS A 50 -1.03 -11.84 -7.34
CA LYS A 50 -1.80 -13.08 -7.39
C LYS A 50 -3.17 -12.90 -6.73
N PRO A 51 -4.10 -13.80 -7.07
CA PRO A 51 -5.47 -13.76 -6.52
C PRO A 51 -5.51 -14.12 -5.04
N ASN A 52 -4.37 -14.55 -4.51
CA ASN A 52 -4.27 -14.93 -3.11
C ASN A 52 -3.92 -13.72 -2.24
N GLU A 53 -2.90 -12.98 -2.66
CA GLU A 53 -2.45 -11.81 -1.92
C GLU A 53 -3.44 -10.65 -2.13
N THR A 54 -3.22 -9.56 -1.38
CA THR A 54 -4.07 -8.39 -1.48
C THR A 54 -3.26 -7.14 -1.80
N VAL A 55 -3.73 -6.37 -2.77
CA VAL A 55 -3.05 -5.14 -3.18
C VAL A 55 -4.03 -3.98 -3.30
N GLN A 56 -3.60 -2.80 -2.88
CA GLN A 56 -4.43 -1.61 -2.94
C GLN A 56 -3.62 -0.39 -3.39
N CYS A 57 -3.94 0.11 -4.58
CA CYS A 57 -3.24 1.27 -5.12
C CYS A 57 -4.17 2.48 -5.19
N CYS A 58 -3.59 3.68 -5.08
CA CYS A 58 -4.36 4.91 -5.13
C CYS A 58 -3.58 6.01 -5.84
N SER A 59 -4.30 6.89 -6.52
CA SER A 59 -3.67 8.00 -7.23
C SER A 59 -4.31 9.33 -6.86
N THR A 60 -4.46 9.56 -5.55
CA THR A 60 -5.06 10.80 -5.06
C THR A 60 -4.64 11.06 -3.62
N ASP A 61 -4.85 12.29 -3.16
CA ASP A 61 -4.51 12.67 -1.80
C ASP A 61 -5.48 12.05 -0.80
N LYS A 62 -4.94 11.58 0.32
CA LYS A 62 -5.75 10.96 1.36
C LYS A 62 -6.54 9.77 0.80
N CYS A 63 -6.07 9.23 -0.32
CA CYS A 63 -6.73 8.10 -0.96
C CYS A 63 -6.13 6.77 -0.48
N ASN A 64 -4.81 6.69 -0.52
CA ASN A 64 -4.11 5.49 -0.10
C ASN A 64 -4.57 5.04 1.29
N LYS A 65 -5.30 3.93 1.34
CA LYS A 65 -5.80 3.39 2.59
C LYS A 65 -4.72 2.59 3.32
N LEU A 1 2.33 14.19 -3.89
CA LEU A 1 1.02 13.71 -3.44
C LEU A 1 1.11 13.15 -2.03
N THR A 2 0.01 13.25 -1.29
CA THR A 2 -0.06 12.76 0.07
C THR A 2 -0.85 11.47 0.16
N CYS A 3 -0.28 10.47 0.84
CA CYS A 3 -0.94 9.17 0.99
C CYS A 3 -0.59 8.54 2.33
N LEU A 4 -1.57 7.91 2.96
CA LEU A 4 -1.35 7.26 4.25
C LEU A 4 -0.50 6.00 4.09
N ILE A 5 -0.06 5.45 5.22
CA ILE A 5 0.77 4.25 5.21
C ILE A 5 1.07 3.78 6.62
N CYS A 6 1.04 2.46 6.83
CA CYS A 6 1.31 1.88 8.13
C CYS A 6 1.05 0.38 8.13
N PRO A 7 2.11 -0.41 7.88
CA PRO A 7 2.01 -1.87 7.84
C PRO A 7 1.76 -2.47 9.22
N GLU A 8 0.55 -2.30 9.73
CA GLU A 8 0.18 -2.82 11.04
C GLU A 8 -1.30 -3.17 11.09
N LYS A 9 -1.70 -3.88 12.15
CA LYS A 9 -3.09 -4.28 12.32
C LYS A 9 -4.02 -3.07 12.21
N ASP A 10 -4.07 -2.26 13.26
CA ASP A 10 -4.92 -1.08 13.28
C ASP A 10 -4.09 0.19 13.43
N CYS A 11 -3.72 0.79 12.30
CA CYS A 11 -2.92 2.01 12.31
C CYS A 11 -2.74 2.54 10.89
N GLN A 12 -2.83 3.87 10.76
CA GLN A 12 -2.68 4.51 9.45
C GLN A 12 -1.94 5.83 9.58
N LYS A 13 -0.68 5.86 9.16
CA LYS A 13 0.14 7.06 9.23
C LYS A 13 0.02 7.87 7.95
N VAL A 14 0.86 8.90 7.81
CA VAL A 14 0.83 9.75 6.64
C VAL A 14 2.20 9.79 5.96
N HIS A 15 2.20 9.75 4.63
CA HIS A 15 3.43 9.77 3.86
C HIS A 15 3.24 10.49 2.53
N THR A 16 4.03 11.54 2.32
CA THR A 16 3.94 12.32 1.09
C THR A 16 5.01 11.89 0.08
N CYS A 17 4.56 11.36 -1.05
CA CYS A 17 5.47 10.91 -2.09
C CYS A 17 6.03 12.09 -2.88
N ARG A 18 7.25 12.50 -2.54
CA ARG A 18 7.90 13.61 -3.21
C ARG A 18 8.99 13.12 -4.17
N ASN A 19 8.91 11.84 -4.52
CA ASN A 19 9.89 11.24 -5.43
C ASN A 19 9.36 11.23 -6.86
N GLU A 20 10.11 10.58 -7.75
CA GLU A 20 9.72 10.49 -9.15
C GLU A 20 8.34 9.87 -9.29
N GLU A 21 7.96 9.07 -8.31
CA GLU A 21 6.65 8.40 -8.31
C GLU A 21 5.53 9.41 -8.10
N LYS A 22 4.31 8.91 -7.95
CA LYS A 22 3.15 9.77 -7.74
C LYS A 22 2.05 9.02 -6.99
N ILE A 23 1.81 7.78 -7.40
CA ILE A 23 0.78 6.97 -6.76
C ILE A 23 1.37 6.12 -5.63
N CYS A 24 0.51 5.68 -4.71
CA CYS A 24 0.95 4.88 -3.58
C CYS A 24 0.15 3.58 -3.51
N VAL A 25 0.86 2.45 -3.54
CA VAL A 25 0.22 1.14 -3.47
C VAL A 25 0.88 0.26 -2.41
N LYS A 26 0.08 -0.58 -1.77
CA LYS A 26 0.57 -1.47 -0.74
C LYS A 26 0.01 -2.88 -0.92
N ARG A 27 0.83 -3.88 -0.63
CA ARG A 27 0.41 -5.28 -0.75
C ARG A 27 0.71 -6.06 0.53
N PHE A 28 -0.27 -6.82 1.00
CA PHE A 28 -0.12 -7.61 2.20
C PHE A 28 -0.62 -9.03 2.00
N TYR A 29 -0.11 -9.95 2.81
CA TYR A 29 -0.50 -11.36 2.71
C TYR A 29 -0.97 -11.89 4.07
N ASP A 30 -2.05 -12.66 4.06
CA ASP A 30 -2.60 -13.23 5.28
C ASP A 30 -3.18 -14.61 5.02
N LYS A 31 -2.60 -15.63 5.66
CA LYS A 31 -3.05 -17.00 5.49
C LYS A 31 -2.75 -17.83 6.74
N ASN A 32 -3.38 -18.99 6.83
CA ASN A 32 -3.18 -19.88 7.97
C ASN A 32 -1.70 -20.25 8.13
N GLN A 33 -1.17 -20.04 9.33
CA GLN A 33 0.22 -20.34 9.60
C GLN A 33 1.15 -19.54 8.69
N LEU A 34 0.61 -18.47 8.12
CA LEU A 34 1.40 -17.61 7.23
C LEU A 34 1.67 -16.26 7.87
N GLY A 35 0.75 -15.82 8.74
CA GLY A 35 0.91 -14.55 9.41
C GLY A 35 0.42 -13.38 8.57
N TRP A 36 0.31 -12.23 9.19
CA TRP A 36 -0.16 -11.02 8.50
C TRP A 36 1.00 -10.06 8.24
N ARG A 37 1.38 -9.93 6.97
CA ARG A 37 2.47 -9.04 6.60
C ARG A 37 2.04 -8.07 5.50
N ALA A 38 2.35 -6.80 5.68
CA ALA A 38 2.00 -5.78 4.71
C ALA A 38 3.21 -4.97 4.29
N GLN A 39 3.19 -4.45 3.06
CA GLN A 39 4.29 -3.66 2.54
C GLN A 39 3.79 -2.58 1.58
N ARG A 40 4.06 -1.32 1.92
CA ARG A 40 3.62 -0.21 1.09
C ARG A 40 4.78 0.31 0.23
N GLY A 41 4.45 1.03 -0.83
CA GLY A 41 5.46 1.57 -1.71
C GLY A 41 4.91 2.61 -2.67
N CYS A 42 5.80 3.35 -3.31
CA CYS A 42 5.39 4.39 -4.26
C CYS A 42 5.65 3.94 -5.70
N ALA A 43 4.96 4.57 -6.65
CA ALA A 43 5.12 4.24 -8.05
C ALA A 43 4.29 5.18 -8.93
N VAL A 44 4.17 4.82 -10.21
CA VAL A 44 3.40 5.63 -11.15
C VAL A 44 2.33 4.79 -11.85
N SER A 45 2.24 3.52 -11.46
CA SER A 45 1.27 2.61 -12.06
C SER A 45 0.90 1.49 -11.08
N CYS A 46 -0.33 1.03 -11.17
CA CYS A 46 -0.81 -0.05 -10.31
C CYS A 46 -0.19 -1.38 -10.69
N PRO A 47 0.63 -1.94 -9.79
CA PRO A 47 1.31 -3.22 -10.02
C PRO A 47 0.33 -4.40 -10.00
N LYS A 48 0.83 -5.57 -10.36
CA LYS A 48 0.01 -6.78 -10.38
C LYS A 48 0.38 -7.71 -9.23
N ALA A 49 -0.55 -8.57 -8.85
CA ALA A 49 -0.32 -9.52 -7.77
C ALA A 49 -1.26 -10.71 -7.86
N LYS A 50 -0.87 -11.83 -7.28
CA LYS A 50 -1.67 -13.05 -7.30
C LYS A 50 -3.00 -12.82 -6.60
N PRO A 51 -4.01 -13.63 -6.95
CA PRO A 51 -5.35 -13.55 -6.36
C PRO A 51 -5.37 -13.99 -4.90
N ASN A 52 -4.28 -14.61 -4.46
CA ASN A 52 -4.17 -15.10 -3.08
C ASN A 52 -3.82 -13.95 -2.14
N GLU A 53 -2.97 -13.04 -2.60
CA GLU A 53 -2.55 -11.90 -1.79
C GLU A 53 -3.52 -10.74 -1.96
N THR A 54 -3.20 -9.62 -1.30
CA THR A 54 -4.05 -8.44 -1.39
C THR A 54 -3.22 -7.20 -1.76
N VAL A 55 -3.76 -6.39 -2.66
CA VAL A 55 -3.08 -5.18 -3.11
C VAL A 55 -4.04 -4.00 -3.17
N GLN A 56 -3.54 -2.82 -2.81
CA GLN A 56 -4.36 -1.61 -2.83
C GLN A 56 -3.56 -0.42 -3.34
N CYS A 57 -3.85 0.02 -4.55
CA CYS A 57 -3.15 1.15 -5.15
C CYS A 57 -4.08 2.36 -5.26
N CYS A 58 -3.52 3.54 -5.00
CA CYS A 58 -4.29 4.78 -5.07
C CYS A 58 -3.52 5.86 -5.83
N SER A 59 -4.25 6.68 -6.58
CA SER A 59 -3.65 7.74 -7.36
C SER A 59 -4.32 9.08 -7.08
N THR A 60 -4.51 9.39 -5.79
CA THR A 60 -5.15 10.63 -5.39
C THR A 60 -4.77 11.01 -3.96
N ASP A 61 -4.90 12.28 -3.64
CA ASP A 61 -4.56 12.78 -2.30
C ASP A 61 -5.58 12.28 -1.27
N LYS A 62 -5.09 11.80 -0.13
CA LYS A 62 -5.95 11.30 0.92
C LYS A 62 -6.72 10.07 0.46
N CYS A 63 -6.28 9.48 -0.65
CA CYS A 63 -6.93 8.30 -1.19
C CYS A 63 -6.37 7.03 -0.56
N ASN A 64 -5.04 6.91 -0.56
CA ASN A 64 -4.38 5.74 0.01
C ASN A 64 -4.90 5.46 1.41
N LYS A 65 -5.64 4.36 1.56
CA LYS A 65 -6.19 3.96 2.85
C LYS A 65 -5.68 2.59 3.27
N LEU A 1 2.69 13.45 -3.66
CA LEU A 1 1.39 12.89 -3.27
C LEU A 1 1.40 12.46 -1.81
N THR A 2 0.26 12.61 -1.15
CA THR A 2 0.14 12.23 0.26
C THR A 2 -0.63 10.93 0.41
N CYS A 3 -0.07 10.01 1.19
CA CYS A 3 -0.70 8.71 1.41
C CYS A 3 -0.44 8.22 2.84
N LEU A 4 -1.36 7.42 3.36
CA LEU A 4 -1.23 6.88 4.71
C LEU A 4 -0.59 5.50 4.69
N ILE A 5 0.66 5.42 5.13
CA ILE A 5 1.39 4.16 5.17
C ILE A 5 1.47 3.61 6.59
N CYS A 6 1.53 2.29 6.70
CA CYS A 6 1.62 1.64 8.01
C CYS A 6 1.55 0.12 7.85
N PRO A 7 2.69 -0.55 8.06
CA PRO A 7 2.78 -2.01 7.95
C PRO A 7 2.05 -2.72 9.09
N GLU A 8 0.74 -2.84 8.96
CA GLU A 8 -0.08 -3.50 9.97
C GLU A 8 -1.46 -3.84 9.42
N LYS A 9 -2.28 -4.46 10.26
CA LYS A 9 -3.62 -4.85 9.87
C LYS A 9 -4.63 -3.73 10.14
N ASP A 10 -4.44 -3.06 11.28
CA ASP A 10 -5.33 -1.96 11.67
C ASP A 10 -4.52 -0.74 12.09
N CYS A 11 -4.05 0.02 11.11
CA CYS A 11 -3.27 1.23 11.39
C CYS A 11 -2.87 1.93 10.10
N GLN A 12 -2.94 3.25 10.10
CA GLN A 12 -2.59 4.04 8.92
C GLN A 12 -2.08 5.43 9.33
N LYS A 13 -0.84 5.72 8.97
CA LYS A 13 -0.24 7.01 9.29
C LYS A 13 0.06 7.81 8.03
N VAL A 14 -0.43 9.04 7.98
CA VAL A 14 -0.21 9.90 6.82
C VAL A 14 1.27 10.10 6.55
N HIS A 15 1.62 10.25 5.28
CA HIS A 15 3.01 10.45 4.89
C HIS A 15 3.11 10.85 3.42
N THR A 16 3.77 11.97 3.16
CA THR A 16 3.94 12.47 1.80
C THR A 16 5.13 11.80 1.11
N CYS A 17 4.85 11.11 0.01
CA CYS A 17 5.91 10.42 -0.74
C CYS A 17 6.34 11.25 -1.95
N ARG A 18 6.90 12.42 -1.68
CA ARG A 18 7.35 13.31 -2.75
C ARG A 18 8.52 12.69 -3.51
N ASN A 19 8.29 12.34 -4.77
CA ASN A 19 9.33 11.73 -5.60
C ASN A 19 8.87 11.65 -7.06
N GLU A 20 9.74 11.10 -7.90
CA GLU A 20 9.43 10.97 -9.32
C GLU A 20 8.12 10.22 -9.54
N GLU A 21 7.76 9.39 -8.56
CA GLU A 21 6.54 8.60 -8.63
C GLU A 21 5.31 9.51 -8.65
N LYS A 22 4.13 8.90 -8.55
CA LYS A 22 2.89 9.65 -8.56
C LYS A 22 1.81 8.93 -7.76
N ILE A 23 1.68 7.63 -8.00
CA ILE A 23 0.69 6.82 -7.30
C ILE A 23 1.33 6.02 -6.17
N CYS A 24 0.53 5.65 -5.17
CA CYS A 24 1.02 4.88 -4.03
C CYS A 24 0.23 3.58 -3.87
N VAL A 25 0.93 2.46 -3.87
CA VAL A 25 0.30 1.17 -3.72
C VAL A 25 0.99 0.33 -2.64
N LYS A 26 0.21 -0.44 -1.90
CA LYS A 26 0.75 -1.28 -0.84
C LYS A 26 0.24 -2.71 -0.98
N ARG A 27 1.14 -3.68 -0.77
CA ARG A 27 0.79 -5.09 -0.87
C ARG A 27 1.14 -5.83 0.42
N PHE A 28 0.24 -6.70 0.85
CA PHE A 28 0.45 -7.48 2.07
C PHE A 28 -0.07 -8.90 1.91
N TYR A 29 0.43 -9.81 2.73
CA TYR A 29 0.02 -11.20 2.68
C TYR A 29 -0.38 -11.71 4.07
N ASP A 30 -1.42 -12.54 4.11
CA ASP A 30 -1.91 -13.10 5.37
C ASP A 30 -2.05 -14.61 5.27
N LYS A 31 -1.37 -15.32 6.16
CA LYS A 31 -1.43 -16.77 6.18
C LYS A 31 -2.56 -17.27 7.08
N ASN A 32 -2.88 -18.56 6.98
CA ASN A 32 -3.94 -19.15 7.79
C ASN A 32 -3.46 -19.39 9.22
N GLN A 33 -2.63 -20.42 9.39
CA GLN A 33 -2.11 -20.76 10.71
C GLN A 33 -1.48 -19.53 11.38
N LEU A 34 -0.59 -18.86 10.66
CA LEU A 34 0.08 -17.68 11.18
C LEU A 34 0.87 -16.97 10.08
N GLY A 35 0.74 -15.66 10.02
CA GLY A 35 1.44 -14.89 9.02
C GLY A 35 0.74 -13.59 8.68
N TRP A 36 1.51 -12.51 8.57
CA TRP A 36 0.95 -11.20 8.25
C TRP A 36 2.05 -10.18 8.00
N ARG A 37 2.22 -9.79 6.74
CA ARG A 37 3.25 -8.82 6.37
C ARG A 37 2.70 -7.81 5.36
N ALA A 38 2.94 -6.54 5.61
CA ALA A 38 2.48 -5.48 4.73
C ALA A 38 3.60 -4.52 4.38
N GLN A 39 3.64 -4.08 3.13
CA GLN A 39 4.67 -3.15 2.67
C GLN A 39 4.12 -2.21 1.60
N ARG A 40 4.27 -0.91 1.83
CA ARG A 40 3.80 0.09 0.89
C ARG A 40 4.91 0.56 -0.03
N GLY A 41 4.55 1.16 -1.15
CA GLY A 41 5.54 1.64 -2.09
C GLY A 41 4.98 2.70 -3.04
N CYS A 42 5.86 3.51 -3.61
CA CYS A 42 5.45 4.56 -4.54
C CYS A 42 5.89 4.23 -5.97
N ALA A 43 4.99 4.44 -6.91
CA ALA A 43 5.28 4.17 -8.31
C ALA A 43 4.48 5.08 -9.24
N VAL A 44 4.48 4.76 -10.52
CA VAL A 44 3.75 5.57 -11.51
C VAL A 44 2.73 4.72 -12.25
N SER A 45 2.52 3.50 -11.77
CA SER A 45 1.57 2.59 -12.40
C SER A 45 0.88 1.71 -11.35
N CYS A 46 -0.28 1.17 -11.71
CA CYS A 46 -1.04 0.32 -10.80
C CYS A 46 -1.06 -1.12 -11.30
N PRO A 47 0.01 -1.87 -10.97
CA PRO A 47 0.13 -3.28 -11.38
C PRO A 47 -0.85 -4.19 -10.65
N LYS A 48 -0.66 -5.50 -10.79
CA LYS A 48 -1.53 -6.47 -10.14
C LYS A 48 -0.71 -7.46 -9.32
N ALA A 49 -1.39 -8.46 -8.78
CA ALA A 49 -0.73 -9.49 -7.98
C ALA A 49 -1.53 -10.78 -7.96
N LYS A 50 -1.11 -11.73 -7.14
CA LYS A 50 -1.79 -13.02 -7.03
C LYS A 50 -3.13 -12.86 -6.32
N PRO A 51 -4.04 -13.81 -6.56
CA PRO A 51 -5.38 -13.81 -5.96
C PRO A 51 -5.34 -14.07 -4.46
N ASN A 52 -4.22 -14.62 -3.99
CA ASN A 52 -4.05 -14.93 -2.58
C ASN A 52 -3.64 -13.69 -1.79
N GLU A 53 -2.64 -12.98 -2.29
CA GLU A 53 -2.15 -11.77 -1.65
C GLU A 53 -3.13 -10.62 -1.84
N THR A 54 -2.80 -9.47 -1.26
CA THR A 54 -3.64 -8.28 -1.38
C THR A 54 -2.83 -7.07 -1.84
N VAL A 55 -3.44 -6.27 -2.71
CA VAL A 55 -2.78 -5.08 -3.23
C VAL A 55 -3.77 -3.93 -3.41
N GLN A 56 -3.41 -2.76 -2.90
CA GLN A 56 -4.26 -1.59 -3.01
C GLN A 56 -3.49 -0.38 -3.53
N CYS A 57 -3.87 0.11 -4.70
CA CYS A 57 -3.20 1.26 -5.30
C CYS A 57 -4.14 2.46 -5.36
N CYS A 58 -3.59 3.65 -5.16
CA CYS A 58 -4.37 4.88 -5.20
C CYS A 58 -3.58 6.01 -5.85
N SER A 59 -4.30 6.94 -6.46
CA SER A 59 -3.67 8.08 -7.13
C SER A 59 -4.32 9.39 -6.70
N THR A 60 -4.29 9.66 -5.40
CA THR A 60 -4.88 10.88 -4.86
C THR A 60 -4.47 11.08 -3.41
N ASP A 61 -4.48 12.34 -2.96
CA ASP A 61 -4.12 12.67 -1.59
C ASP A 61 -5.15 12.12 -0.61
N LYS A 62 -4.68 11.36 0.37
CA LYS A 62 -5.55 10.77 1.37
C LYS A 62 -6.52 9.79 0.74
N CYS A 63 -6.16 9.28 -0.43
CA CYS A 63 -6.99 8.32 -1.14
C CYS A 63 -6.74 6.89 -0.65
N ASN A 64 -5.48 6.49 -0.69
CA ASN A 64 -5.11 5.14 -0.25
C ASN A 64 -5.70 4.84 1.12
N LYS A 65 -5.22 5.54 2.14
CA LYS A 65 -5.71 5.34 3.50
C LYS A 65 -5.72 6.66 4.27
N LEU A 1 1.50 13.14 -3.90
CA LEU A 1 0.21 12.86 -3.31
C LEU A 1 0.36 12.41 -1.86
N THR A 2 -0.64 12.72 -1.03
CA THR A 2 -0.61 12.33 0.36
C THR A 2 -1.42 11.06 0.60
N CYS A 3 -0.84 10.14 1.37
CA CYS A 3 -1.51 8.88 1.67
C CYS A 3 -0.90 8.21 2.91
N LEU A 4 -1.71 7.48 3.65
CA LEU A 4 -1.25 6.79 4.86
C LEU A 4 -0.45 5.55 4.50
N ILE A 5 0.43 5.14 5.40
CA ILE A 5 1.25 3.95 5.19
C ILE A 5 1.85 3.46 6.50
N CYS A 6 1.82 2.14 6.69
CA CYS A 6 2.37 1.53 7.90
C CYS A 6 2.08 0.03 7.93
N PRO A 7 3.14 -0.78 8.13
CA PRO A 7 3.03 -2.23 8.18
C PRO A 7 2.30 -2.70 9.44
N GLU A 8 0.98 -2.76 9.36
CA GLU A 8 0.17 -3.20 10.50
C GLU A 8 -1.31 -3.24 10.12
N LYS A 9 -2.16 -3.61 11.09
CA LYS A 9 -3.59 -3.68 10.86
C LYS A 9 -4.31 -2.52 11.53
N ASP A 10 -3.68 -1.94 12.54
CA ASP A 10 -4.26 -0.82 13.27
C ASP A 10 -3.26 0.34 13.36
N CYS A 11 -2.60 0.63 12.25
CA CYS A 11 -1.61 1.71 12.20
C CYS A 11 -1.55 2.32 10.81
N GLN A 12 -1.44 3.64 10.75
CA GLN A 12 -1.36 4.36 9.47
C GLN A 12 -0.58 5.66 9.63
N LYS A 13 0.59 5.72 9.01
CA LYS A 13 1.43 6.91 9.06
C LYS A 13 1.35 7.70 7.76
N VAL A 14 0.90 8.95 7.85
CA VAL A 14 0.78 9.80 6.69
C VAL A 14 2.12 9.94 5.96
N HIS A 15 2.08 9.81 4.64
CA HIS A 15 3.29 9.91 3.83
C HIS A 15 2.98 10.53 2.47
N THR A 16 3.78 11.52 2.06
CA THR A 16 3.59 12.18 0.79
C THR A 16 4.65 11.75 -0.22
N CYS A 17 4.21 11.18 -1.33
CA CYS A 17 5.12 10.73 -2.37
C CYS A 17 5.73 11.91 -3.13
N ARG A 18 6.73 12.55 -2.52
CA ARG A 18 7.38 13.70 -3.12
C ARG A 18 8.63 13.26 -3.90
N ASN A 19 8.70 11.96 -4.21
CA ASN A 19 9.83 11.42 -4.96
C ASN A 19 9.50 11.27 -6.43
N GLU A 20 10.35 10.57 -7.16
CA GLU A 20 10.14 10.34 -8.58
C GLU A 20 8.74 9.82 -8.85
N GLU A 21 8.19 9.09 -7.89
CA GLU A 21 6.84 8.52 -8.02
C GLU A 21 5.78 9.60 -7.79
N LYS A 22 4.52 9.18 -7.76
CA LYS A 22 3.41 10.10 -7.55
C LYS A 22 2.28 9.41 -6.79
N ILE A 23 1.99 8.17 -7.16
CA ILE A 23 0.92 7.41 -6.52
C ILE A 23 1.49 6.49 -5.44
N CYS A 24 0.60 5.85 -4.69
CA CYS A 24 1.00 4.94 -3.63
C CYS A 24 0.13 3.68 -3.63
N VAL A 25 0.79 2.52 -3.54
CA VAL A 25 0.09 1.24 -3.53
C VAL A 25 0.53 0.38 -2.36
N LYS A 26 -0.40 -0.41 -1.83
CA LYS A 26 -0.12 -1.29 -0.70
C LYS A 26 -0.16 -2.75 -1.13
N ARG A 27 0.66 -3.57 -0.48
CA ARG A 27 0.72 -4.99 -0.79
C ARG A 27 1.02 -5.81 0.46
N PHE A 28 0.05 -6.62 0.88
CA PHE A 28 0.21 -7.45 2.06
C PHE A 28 -0.19 -8.90 1.77
N TYR A 29 0.24 -9.81 2.62
CA TYR A 29 -0.07 -11.23 2.46
C TYR A 29 -0.63 -11.82 3.75
N ASP A 30 -1.71 -12.56 3.63
CA ASP A 30 -2.35 -13.18 4.79
C ASP A 30 -3.24 -14.34 4.37
N LYS A 31 -2.77 -15.56 4.58
CA LYS A 31 -3.53 -16.75 4.22
C LYS A 31 -3.38 -17.84 5.29
N ASN A 32 -3.36 -17.41 6.55
CA ASN A 32 -3.22 -18.34 7.67
C ASN A 32 -3.19 -17.60 8.99
N GLN A 33 -3.58 -18.29 10.06
CA GLN A 33 -3.60 -17.69 11.40
C GLN A 33 -2.25 -17.08 11.74
N LEU A 34 -1.19 -17.86 11.51
CA LEU A 34 0.17 -17.40 11.80
C LEU A 34 0.84 -16.85 10.53
N GLY A 35 0.41 -15.67 10.10
CA GLY A 35 0.99 -15.06 8.92
C GLY A 35 0.27 -13.78 8.53
N TRP A 36 1.00 -12.68 8.48
CA TRP A 36 0.43 -11.39 8.11
C TRP A 36 1.52 -10.34 7.94
N ARG A 37 1.82 -10.00 6.69
CA ARG A 37 2.84 -9.02 6.38
C ARG A 37 2.33 -7.98 5.38
N ALA A 38 2.66 -6.72 5.63
CA ALA A 38 2.23 -5.64 4.75
C ALA A 38 3.41 -4.85 4.23
N GLN A 39 3.27 -4.28 3.03
CA GLN A 39 4.34 -3.49 2.43
C GLN A 39 3.77 -2.44 1.47
N ARG A 40 4.04 -1.18 1.78
CA ARG A 40 3.54 -0.08 0.95
C ARG A 40 4.70 0.62 0.24
N GLY A 41 4.40 1.21 -0.91
CA GLY A 41 5.42 1.91 -1.67
C GLY A 41 4.84 2.80 -2.75
N CYS A 42 5.53 3.89 -3.07
CA CYS A 42 5.08 4.82 -4.10
C CYS A 42 5.50 4.34 -5.47
N ALA A 43 4.74 4.76 -6.49
CA ALA A 43 5.02 4.38 -7.87
C ALA A 43 4.36 5.34 -8.85
N VAL A 44 4.38 4.97 -10.12
CA VAL A 44 3.77 5.79 -11.17
C VAL A 44 2.82 4.97 -12.03
N SER A 45 2.57 3.73 -11.61
CA SER A 45 1.68 2.84 -12.35
C SER A 45 0.85 1.99 -11.39
N CYS A 46 -0.17 1.32 -11.93
CA CYS A 46 -1.04 0.47 -11.13
C CYS A 46 -0.91 -0.99 -11.56
N PRO A 47 0.17 -1.65 -11.12
CA PRO A 47 0.42 -3.06 -11.45
C PRO A 47 -0.55 -4.00 -10.75
N LYS A 48 -0.26 -5.29 -10.82
CA LYS A 48 -1.11 -6.30 -10.19
C LYS A 48 -0.28 -7.30 -9.39
N ALA A 49 -0.90 -8.38 -8.97
CA ALA A 49 -0.23 -9.42 -8.20
C ALA A 49 -0.95 -10.75 -8.28
N LYS A 50 -0.57 -11.70 -7.44
CA LYS A 50 -1.19 -13.02 -7.42
C LYS A 50 -2.55 -12.97 -6.73
N PRO A 51 -3.39 -13.96 -7.01
CA PRO A 51 -4.73 -14.06 -6.43
C PRO A 51 -4.70 -14.37 -4.94
N ASN A 52 -3.53 -14.79 -4.46
CA ASN A 52 -3.36 -15.13 -3.05
C ASN A 52 -3.10 -13.87 -2.22
N GLU A 53 -2.15 -13.06 -2.67
CA GLU A 53 -1.81 -11.83 -1.96
C GLU A 53 -2.87 -10.76 -2.18
N THR A 54 -2.65 -9.59 -1.61
CA THR A 54 -3.59 -8.48 -1.74
C THR A 54 -2.86 -7.18 -2.10
N VAL A 55 -3.32 -6.54 -3.17
CA VAL A 55 -2.71 -5.29 -3.62
C VAL A 55 -3.78 -4.23 -3.87
N GLN A 56 -3.47 -2.99 -3.50
CA GLN A 56 -4.40 -1.89 -3.69
C GLN A 56 -3.65 -0.58 -3.96
N CYS A 57 -3.68 -0.15 -5.22
CA CYS A 57 -3.00 1.08 -5.61
C CYS A 57 -3.97 2.26 -5.62
N CYS A 58 -3.49 3.42 -5.16
CA CYS A 58 -4.32 4.62 -5.11
C CYS A 58 -3.57 5.80 -5.71
N SER A 59 -4.31 6.65 -6.43
CA SER A 59 -3.72 7.82 -7.05
C SER A 59 -4.48 9.09 -6.66
N THR A 60 -4.98 9.11 -5.43
CA THR A 60 -5.72 10.26 -4.93
C THR A 60 -5.32 10.59 -3.50
N ASP A 61 -5.57 11.84 -3.10
CA ASP A 61 -5.23 12.28 -1.75
C ASP A 61 -6.13 11.61 -0.72
N LYS A 62 -5.51 11.05 0.32
CA LYS A 62 -6.25 10.38 1.37
C LYS A 62 -7.02 9.18 0.83
N CYS A 63 -6.59 8.67 -0.32
CA CYS A 63 -7.23 7.53 -0.95
C CYS A 63 -6.62 6.22 -0.46
N ASN A 64 -5.30 6.14 -0.51
CA ASN A 64 -4.59 4.94 -0.07
C ASN A 64 -5.05 4.51 1.32
N LYS A 65 -5.75 3.39 1.39
CA LYS A 65 -6.25 2.87 2.65
C LYS A 65 -5.86 1.40 2.83
N LEU A 1 1.31 14.07 -3.73
CA LEU A 1 0.11 13.92 -2.93
C LEU A 1 0.41 13.19 -1.63
N THR A 2 -0.51 13.30 -0.67
CA THR A 2 -0.34 12.64 0.62
C THR A 2 -1.00 11.26 0.62
N CYS A 3 -0.24 10.26 1.08
CA CYS A 3 -0.75 8.89 1.15
C CYS A 3 -0.49 8.28 2.52
N LEU A 4 -1.46 7.52 3.01
CA LEU A 4 -1.34 6.88 4.32
C LEU A 4 -0.57 5.57 4.20
N ILE A 5 0.44 5.41 5.05
CA ILE A 5 1.25 4.20 5.06
C ILE A 5 1.41 3.64 6.47
N CYS A 6 1.31 2.33 6.59
CA CYS A 6 1.45 1.67 7.89
C CYS A 6 1.08 0.19 7.78
N PRO A 7 1.98 -0.68 8.26
CA PRO A 7 1.78 -2.13 8.24
C PRO A 7 0.69 -2.58 9.21
N GLU A 8 0.75 -2.06 10.43
CA GLU A 8 -0.23 -2.40 11.46
C GLU A 8 -1.65 -2.19 10.94
N LYS A 9 -2.51 -3.17 11.19
CA LYS A 9 -3.90 -3.08 10.76
C LYS A 9 -4.59 -1.86 11.36
N ASP A 10 -4.34 -1.61 12.64
CA ASP A 10 -4.92 -0.47 13.32
C ASP A 10 -3.92 0.67 13.45
N CYS A 11 -3.62 1.32 12.33
CA CYS A 11 -2.67 2.42 12.32
C CYS A 11 -2.51 3.00 10.91
N GLN A 12 -2.34 4.31 10.82
CA GLN A 12 -2.19 4.97 9.54
C GLN A 12 -1.26 6.18 9.65
N LYS A 13 -0.03 6.03 9.16
CA LYS A 13 0.95 7.10 9.22
C LYS A 13 1.03 7.84 7.88
N VAL A 14 0.68 9.12 7.89
CA VAL A 14 0.72 9.93 6.68
C VAL A 14 2.10 9.88 6.02
N HIS A 15 2.12 10.00 4.70
CA HIS A 15 3.37 9.96 3.95
C HIS A 15 3.13 10.34 2.48
N THR A 16 3.71 11.46 2.07
CA THR A 16 3.57 11.93 0.69
C THR A 16 4.41 11.09 -0.26
N CYS A 17 4.04 11.11 -1.54
CA CYS A 17 4.77 10.36 -2.55
C CYS A 17 5.97 11.16 -3.08
N ARG A 18 7.05 10.47 -3.38
CA ARG A 18 8.26 11.11 -3.89
C ARG A 18 7.95 11.89 -5.16
N ASN A 19 8.98 12.52 -5.73
CA ASN A 19 8.83 13.31 -6.95
C ASN A 19 8.58 12.39 -8.16
N GLU A 20 9.52 11.48 -8.40
CA GLU A 20 9.40 10.55 -9.52
C GLU A 20 8.06 9.84 -9.49
N GLU A 21 7.72 9.26 -8.34
CA GLU A 21 6.45 8.54 -8.18
C GLU A 21 5.30 9.51 -7.96
N LYS A 22 4.11 9.09 -8.36
CA LYS A 22 2.91 9.92 -8.21
C LYS A 22 1.76 9.11 -7.63
N ILE A 23 2.02 7.85 -7.32
CA ILE A 23 1.01 6.97 -6.76
C ILE A 23 1.57 6.15 -5.60
N CYS A 24 0.70 5.78 -4.66
CA CYS A 24 1.11 4.99 -3.51
C CYS A 24 0.32 3.70 -3.43
N VAL A 25 1.04 2.57 -3.43
CA VAL A 25 0.41 1.26 -3.37
C VAL A 25 1.07 0.38 -2.31
N LYS A 26 0.29 -0.49 -1.69
CA LYS A 26 0.80 -1.39 -0.66
C LYS A 26 0.31 -2.81 -0.90
N ARG A 27 1.14 -3.79 -0.56
CA ARG A 27 0.80 -5.20 -0.73
C ARG A 27 1.04 -5.98 0.56
N PHE A 28 0.06 -6.79 0.95
CA PHE A 28 0.16 -7.58 2.16
C PHE A 28 -0.29 -9.02 1.91
N TYR A 29 0.25 -9.94 2.71
CA TYR A 29 -0.10 -11.36 2.57
C TYR A 29 -0.60 -11.93 3.88
N ASP A 30 -1.67 -12.71 3.81
CA ASP A 30 -2.25 -13.33 5.01
C ASP A 30 -2.33 -14.84 4.85
N LYS A 31 -1.69 -15.55 5.77
CA LYS A 31 -1.68 -17.01 5.74
C LYS A 31 -2.94 -17.57 6.40
N ASN A 32 -3.02 -18.90 6.48
CA ASN A 32 -4.17 -19.56 7.09
C ASN A 32 -3.90 -19.89 8.55
N GLN A 33 -2.93 -20.76 8.79
CA GLN A 33 -2.57 -21.16 10.14
C GLN A 33 -1.90 -20.01 10.90
N LEU A 34 -1.02 -19.29 10.21
CA LEU A 34 -0.33 -18.16 10.81
C LEU A 34 0.49 -17.40 9.76
N GLY A 35 0.33 -16.09 9.75
CA GLY A 35 1.07 -15.27 8.79
C GLY A 35 0.33 -13.99 8.45
N TRP A 36 1.04 -12.87 8.49
CA TRP A 36 0.45 -11.57 8.16
C TRP A 36 1.53 -10.51 8.02
N ARG A 37 1.79 -10.11 6.78
CA ARG A 37 2.80 -9.10 6.51
C ARG A 37 2.30 -8.08 5.49
N ALA A 38 2.69 -6.82 5.66
CA ALA A 38 2.27 -5.76 4.76
C ALA A 38 3.39 -4.77 4.51
N GLN A 39 3.49 -4.27 3.29
CA GLN A 39 4.53 -3.32 2.92
C GLN A 39 4.02 -2.34 1.86
N ARG A 40 4.26 -1.06 2.09
CA ARG A 40 3.83 -0.02 1.16
C ARG A 40 4.94 0.31 0.17
N GLY A 41 4.60 1.11 -0.84
CA GLY A 41 5.58 1.49 -1.85
C GLY A 41 4.99 2.37 -2.93
N CYS A 42 5.63 3.50 -3.19
CA CYS A 42 5.16 4.43 -4.21
C CYS A 42 5.60 3.99 -5.60
N ALA A 43 5.05 4.64 -6.62
CA ALA A 43 5.40 4.31 -8.00
C ALA A 43 4.74 5.28 -8.97
N VAL A 44 4.77 4.95 -10.26
CA VAL A 44 4.18 5.78 -11.29
C VAL A 44 3.03 5.08 -11.98
N SER A 45 2.80 3.82 -11.61
CA SER A 45 1.73 3.04 -12.19
C SER A 45 1.09 2.12 -11.15
N CYS A 46 -0.07 1.57 -11.47
CA CYS A 46 -0.78 0.69 -10.57
C CYS A 46 -0.76 -0.75 -11.09
N PRO A 47 0.32 -1.48 -10.76
CA PRO A 47 0.49 -2.87 -11.18
C PRO A 47 -0.47 -3.81 -10.47
N LYS A 48 -0.23 -5.12 -10.61
CA LYS A 48 -1.07 -6.12 -9.98
C LYS A 48 -0.24 -7.13 -9.21
N ALA A 49 -0.87 -8.24 -8.81
CA ALA A 49 -0.17 -9.29 -8.06
C ALA A 49 -0.93 -10.61 -8.17
N LYS A 50 -0.52 -11.57 -7.35
CA LYS A 50 -1.15 -12.89 -7.34
C LYS A 50 -2.54 -12.82 -6.71
N PRO A 51 -3.38 -13.82 -7.02
CA PRO A 51 -4.75 -13.90 -6.50
C PRO A 51 -4.77 -14.23 -5.02
N ASN A 52 -3.66 -14.72 -4.50
CA ASN A 52 -3.55 -15.07 -3.09
C ASN A 52 -3.25 -13.84 -2.24
N GLU A 53 -2.26 -13.06 -2.67
CA GLU A 53 -1.88 -11.85 -1.94
C GLU A 53 -2.87 -10.73 -2.20
N THR A 54 -2.67 -9.60 -1.53
CA THR A 54 -3.54 -8.44 -1.69
C THR A 54 -2.75 -7.18 -1.98
N VAL A 55 -3.28 -6.33 -2.85
CA VAL A 55 -2.61 -5.09 -3.21
C VAL A 55 -3.60 -3.93 -3.28
N GLN A 56 -3.22 -2.78 -2.72
CA GLN A 56 -4.08 -1.61 -2.72
C GLN A 56 -3.31 -0.38 -3.22
N CYS A 57 -3.62 0.04 -4.44
CA CYS A 57 -2.97 1.20 -5.03
C CYS A 57 -3.92 2.39 -5.09
N CYS A 58 -3.37 3.59 -4.91
CA CYS A 58 -4.17 4.81 -4.93
C CYS A 58 -3.38 5.96 -5.53
N SER A 59 -4.08 6.87 -6.21
CA SER A 59 -3.45 8.02 -6.84
C SER A 59 -4.19 9.31 -6.49
N THR A 60 -4.71 9.37 -5.27
CA THR A 60 -5.44 10.54 -4.81
C THR A 60 -5.10 10.87 -3.35
N ASP A 61 -5.32 12.12 -2.97
CA ASP A 61 -5.03 12.56 -1.61
C ASP A 61 -5.95 11.85 -0.61
N LYS A 62 -5.36 11.35 0.47
CA LYS A 62 -6.11 10.65 1.50
C LYS A 62 -6.81 9.42 0.93
N CYS A 63 -6.34 8.97 -0.24
CA CYS A 63 -6.92 7.81 -0.89
C CYS A 63 -6.28 6.52 -0.37
N ASN A 64 -4.95 6.50 -0.37
CA ASN A 64 -4.22 5.32 0.09
C ASN A 64 -4.73 4.87 1.46
N LYS A 65 -5.40 3.71 1.47
CA LYS A 65 -5.94 3.16 2.70
C LYS A 65 -5.13 1.96 3.17
N LEU A 1 3.11 13.58 -3.61
CA LEU A 1 1.80 13.70 -2.98
C LEU A 1 1.81 13.11 -1.57
N THR A 2 0.63 12.97 -0.98
CA THR A 2 0.50 12.42 0.36
C THR A 2 -0.25 11.10 0.35
N CYS A 3 0.25 10.12 1.09
CA CYS A 3 -0.38 8.81 1.16
C CYS A 3 -0.35 8.27 2.59
N LEU A 4 -1.43 7.64 3.01
CA LEU A 4 -1.52 7.07 4.36
C LEU A 4 -1.04 5.62 4.36
N ILE A 5 0.17 5.42 4.86
CA ILE A 5 0.75 4.08 4.94
C ILE A 5 0.71 3.54 6.36
N CYS A 6 0.62 2.21 6.49
CA CYS A 6 0.57 1.57 7.79
C CYS A 6 0.37 0.07 7.64
N PRO A 7 1.47 -0.69 7.68
CA PRO A 7 1.43 -2.14 7.56
C PRO A 7 0.81 -2.82 8.78
N GLU A 8 -0.50 -2.69 8.92
CA GLU A 8 -1.22 -3.29 10.04
C GLU A 8 -2.64 -3.64 9.64
N LYS A 9 -3.42 -4.13 10.62
CA LYS A 9 -4.81 -4.52 10.38
C LYS A 9 -5.67 -3.28 10.13
N ASP A 10 -5.86 -2.47 11.17
CA ASP A 10 -6.67 -1.27 11.06
C ASP A 10 -5.88 -0.04 11.51
N CYS A 11 -5.30 0.68 10.57
CA CYS A 11 -4.52 1.87 10.87
C CYS A 11 -3.97 2.51 9.59
N GLN A 12 -3.94 3.83 9.57
CA GLN A 12 -3.45 4.57 8.42
C GLN A 12 -2.73 5.84 8.84
N LYS A 13 -1.41 5.86 8.66
CA LYS A 13 -0.61 7.02 9.03
C LYS A 13 -0.21 7.82 7.80
N VAL A 14 -0.53 9.12 7.81
CA VAL A 14 -0.22 9.99 6.68
C VAL A 14 1.28 9.99 6.39
N HIS A 15 1.62 10.09 5.11
CA HIS A 15 3.02 10.09 4.69
C HIS A 15 3.23 11.01 3.50
N THR A 16 4.48 11.38 3.25
CA THR A 16 4.82 12.25 2.13
C THR A 16 5.74 11.56 1.14
N CYS A 17 5.24 11.31 -0.06
CA CYS A 17 6.03 10.66 -1.10
C CYS A 17 6.56 11.67 -2.10
N ARG A 18 7.74 12.21 -1.82
CA ARG A 18 8.36 13.20 -2.69
C ARG A 18 9.31 12.53 -3.69
N ASN A 19 9.16 11.22 -3.85
CA ASN A 19 9.99 10.46 -4.76
C ASN A 19 9.61 10.73 -6.21
N GLU A 20 10.15 9.92 -7.12
CA GLU A 20 9.87 10.09 -8.54
C GLU A 20 8.68 9.21 -8.95
N GLU A 21 7.62 9.25 -8.15
CA GLU A 21 6.42 8.48 -8.43
C GLU A 21 5.22 9.38 -8.62
N LYS A 22 4.03 8.78 -8.69
CA LYS A 22 2.80 9.54 -8.87
C LYS A 22 1.69 8.99 -7.99
N ILE A 23 1.59 7.66 -7.91
CA ILE A 23 0.59 7.02 -7.10
C ILE A 23 1.21 6.15 -6.01
N CYS A 24 0.40 5.71 -5.06
CA CYS A 24 0.88 4.87 -3.97
C CYS A 24 0.11 3.56 -3.91
N VAL A 25 0.83 2.47 -3.69
CA VAL A 25 0.21 1.15 -3.61
C VAL A 25 0.91 0.27 -2.57
N LYS A 26 0.15 -0.61 -1.94
CA LYS A 26 0.69 -1.50 -0.92
C LYS A 26 0.20 -2.93 -1.14
N ARG A 27 1.03 -3.91 -0.77
CA ARG A 27 0.68 -5.32 -0.92
C ARG A 27 0.98 -6.09 0.37
N PHE A 28 0.03 -6.92 0.78
CA PHE A 28 0.19 -7.71 2.00
C PHE A 28 -0.35 -9.13 1.80
N TYR A 29 0.17 -10.07 2.57
CA TYR A 29 -0.25 -11.45 2.48
C TYR A 29 -0.72 -11.98 3.84
N ASP A 30 -1.73 -12.83 3.82
CA ASP A 30 -2.26 -13.41 5.04
C ASP A 30 -2.26 -14.94 4.98
N LYS A 31 -1.62 -15.57 5.95
CA LYS A 31 -1.55 -17.03 6.00
C LYS A 31 -1.35 -17.51 7.44
N ASN A 32 -1.74 -18.76 7.69
CA ASN A 32 -1.61 -19.34 9.03
C ASN A 32 -0.16 -19.36 9.47
N GLN A 33 0.11 -19.94 10.63
CA GLN A 33 1.45 -20.03 11.17
C GLN A 33 2.12 -18.66 11.17
N LEU A 34 1.34 -17.62 11.41
CA LEU A 34 1.85 -16.26 11.46
C LEU A 34 2.52 -15.89 10.13
N GLY A 35 1.75 -15.32 9.23
CA GLY A 35 2.28 -14.93 7.94
C GLY A 35 1.78 -13.56 7.49
N TRP A 36 1.07 -12.88 8.38
CA TRP A 36 0.54 -11.56 8.07
C TRP A 36 1.66 -10.56 7.84
N ARG A 37 1.89 -10.20 6.58
CA ARG A 37 2.94 -9.24 6.23
C ARG A 37 2.43 -8.23 5.22
N ALA A 38 2.74 -6.96 5.45
CA ALA A 38 2.33 -5.89 4.56
C ALA A 38 3.49 -4.98 4.19
N GLN A 39 3.45 -4.41 2.99
CA GLN A 39 4.51 -3.53 2.52
C GLN A 39 3.97 -2.53 1.51
N ARG A 40 4.25 -1.25 1.74
CA ARG A 40 3.79 -0.19 0.85
C ARG A 40 4.87 0.16 -0.17
N GLY A 41 4.50 0.96 -1.16
CA GLY A 41 5.45 1.37 -2.19
C GLY A 41 4.85 2.35 -3.17
N CYS A 42 5.57 3.45 -3.41
CA CYS A 42 5.10 4.48 -4.34
C CYS A 42 5.58 4.18 -5.75
N ALA A 43 4.67 4.24 -6.71
CA ALA A 43 5.00 3.99 -8.11
C ALA A 43 4.23 4.93 -9.03
N VAL A 44 4.34 4.70 -10.33
CA VAL A 44 3.66 5.52 -11.32
C VAL A 44 2.59 4.73 -12.06
N SER A 45 2.32 3.52 -11.58
CA SER A 45 1.33 2.65 -12.19
C SER A 45 0.63 1.80 -11.13
N CYS A 46 -0.57 1.34 -11.46
CA CYS A 46 -1.35 0.51 -10.55
C CYS A 46 -1.46 -0.92 -11.07
N PRO A 47 -0.41 -1.72 -10.84
CA PRO A 47 -0.36 -3.11 -11.28
C PRO A 47 -1.32 -4.00 -10.50
N LYS A 48 -1.18 -5.31 -10.66
CA LYS A 48 -2.03 -6.27 -9.97
C LYS A 48 -1.19 -7.32 -9.24
N ALA A 49 -1.85 -8.39 -8.81
CA ALA A 49 -1.16 -9.47 -8.09
C ALA A 49 -1.98 -10.76 -8.13
N LYS A 50 -1.55 -11.74 -7.35
CA LYS A 50 -2.25 -13.03 -7.30
C LYS A 50 -3.57 -12.90 -6.54
N PRO A 51 -4.47 -13.87 -6.76
CA PRO A 51 -5.78 -13.89 -6.11
C PRO A 51 -5.68 -14.20 -4.62
N ASN A 52 -4.52 -14.70 -4.20
CA ASN A 52 -4.29 -15.04 -2.80
C ASN A 52 -3.87 -13.81 -2.00
N GLU A 53 -2.90 -13.07 -2.54
CA GLU A 53 -2.40 -11.87 -1.88
C GLU A 53 -3.37 -10.70 -2.07
N THR A 54 -3.06 -9.58 -1.42
CA THR A 54 -3.90 -8.39 -1.53
C THR A 54 -3.09 -7.17 -1.92
N VAL A 55 -3.65 -6.35 -2.80
CA VAL A 55 -2.97 -5.14 -3.27
C VAL A 55 -3.96 -4.00 -3.50
N GLN A 56 -3.61 -2.82 -3.01
CA GLN A 56 -4.47 -1.65 -3.17
C GLN A 56 -3.64 -0.40 -3.42
N CYS A 57 -4.03 0.37 -4.44
CA CYS A 57 -3.33 1.60 -4.79
C CYS A 57 -4.25 2.80 -4.70
N CYS A 58 -3.69 3.99 -4.89
CA CYS A 58 -4.48 5.23 -4.83
C CYS A 58 -3.76 6.36 -5.57
N SER A 59 -4.53 7.25 -6.17
CA SER A 59 -3.98 8.37 -6.91
C SER A 59 -4.59 9.68 -6.44
N THR A 60 -4.29 10.06 -5.20
CA THR A 60 -4.81 11.30 -4.63
C THR A 60 -4.23 11.55 -3.24
N ASP A 61 -4.08 12.83 -2.90
CA ASP A 61 -3.54 13.21 -1.60
C ASP A 61 -4.38 12.62 -0.47
N LYS A 62 -3.73 11.93 0.46
CA LYS A 62 -4.41 11.33 1.59
C LYS A 62 -5.46 10.33 1.12
N CYS A 63 -5.18 9.65 0.00
CA CYS A 63 -6.10 8.67 -0.55
C CYS A 63 -5.70 7.26 -0.13
N ASN A 64 -4.44 6.91 -0.39
CA ASN A 64 -3.94 5.58 -0.04
C ASN A 64 -4.23 5.26 1.41
N LYS A 65 -5.13 4.30 1.64
CA LYS A 65 -5.50 3.89 2.98
C LYS A 65 -4.29 3.34 3.73
N LEU A 1 1.50 13.81 -3.79
CA LEU A 1 0.26 13.28 -3.26
C LEU A 1 0.43 12.76 -1.84
N THR A 2 -0.61 12.90 -1.02
CA THR A 2 -0.57 12.44 0.35
C THR A 2 -1.27 11.09 0.51
N CYS A 3 -0.54 10.12 1.03
CA CYS A 3 -1.09 8.78 1.24
C CYS A 3 -0.55 8.16 2.52
N LEU A 4 -1.41 7.46 3.25
CA LEU A 4 -1.01 6.80 4.49
C LEU A 4 -0.15 5.58 4.21
N ILE A 5 0.61 5.16 5.21
CA ILE A 5 1.47 3.99 5.08
C ILE A 5 1.84 3.42 6.44
N CYS A 6 1.80 2.09 6.55
CA CYS A 6 2.12 1.41 7.80
C CYS A 6 1.82 -0.09 7.70
N PRO A 7 2.88 -0.90 7.74
CA PRO A 7 2.74 -2.37 7.66
C PRO A 7 2.11 -2.96 8.91
N GLU A 8 0.82 -2.68 9.10
CA GLU A 8 0.10 -3.19 10.27
C GLU A 8 -1.39 -3.34 9.95
N LYS A 9 -2.14 -3.81 10.94
CA LYS A 9 -3.58 -3.99 10.78
C LYS A 9 -4.35 -2.81 11.37
N ASP A 10 -3.79 -2.20 12.40
CA ASP A 10 -4.43 -1.05 13.04
C ASP A 10 -3.43 0.09 13.21
N CYS A 11 -2.97 0.64 12.09
CA CYS A 11 -2.01 1.74 12.12
C CYS A 11 -1.82 2.32 10.73
N GLN A 12 -1.75 3.65 10.65
CA GLN A 12 -1.57 4.33 9.38
C GLN A 12 -0.85 5.66 9.58
N LYS A 13 0.29 5.82 8.91
CA LYS A 13 1.08 7.03 9.02
C LYS A 13 1.10 7.79 7.69
N VAL A 14 0.58 9.00 7.70
CA VAL A 14 0.54 9.83 6.50
C VAL A 14 1.92 10.01 5.90
N HIS A 15 2.02 9.88 4.58
CA HIS A 15 3.30 10.03 3.89
C HIS A 15 3.09 10.55 2.47
N THR A 16 3.86 11.56 2.09
CA THR A 16 3.76 12.15 0.77
C THR A 16 4.68 11.44 -0.21
N CYS A 17 4.10 10.93 -1.30
CA CYS A 17 4.87 10.23 -2.32
C CYS A 17 6.07 11.07 -2.78
N ARG A 18 7.27 10.58 -2.50
CA ARG A 18 8.49 11.29 -2.88
C ARG A 18 8.55 11.49 -4.38
N ASN A 19 9.66 12.05 -4.86
CA ASN A 19 9.85 12.30 -6.28
C ASN A 19 9.82 10.99 -7.07
N GLU A 20 9.77 11.10 -8.39
CA GLU A 20 9.74 9.93 -9.26
C GLU A 20 8.53 9.06 -8.95
N GLU A 21 7.55 9.63 -8.27
CA GLU A 21 6.34 8.91 -7.91
C GLU A 21 5.14 9.85 -7.85
N LYS A 22 3.94 9.27 -7.76
CA LYS A 22 2.72 10.05 -7.68
C LYS A 22 1.60 9.26 -7.01
N ILE A 23 1.51 7.98 -7.36
CA ILE A 23 0.48 7.11 -6.78
C ILE A 23 1.07 6.20 -5.71
N CYS A 24 0.21 5.70 -4.83
CA CYS A 24 0.64 4.82 -3.75
C CYS A 24 -0.16 3.52 -3.76
N VAL A 25 0.54 2.40 -3.58
CA VAL A 25 -0.10 1.09 -3.56
C VAL A 25 0.36 0.27 -2.36
N LYS A 26 -0.55 -0.55 -1.84
CA LYS A 26 -0.24 -1.39 -0.69
C LYS A 26 -0.45 -2.86 -1.02
N ARG A 27 0.43 -3.71 -0.51
CA ARG A 27 0.35 -5.14 -0.75
C ARG A 27 0.63 -5.93 0.52
N PHE A 28 -0.25 -6.88 0.83
CA PHE A 28 -0.10 -7.70 2.02
C PHE A 28 -0.66 -9.11 1.79
N TYR A 29 -0.27 -10.03 2.66
CA TYR A 29 -0.73 -11.42 2.54
C TYR A 29 -1.13 -11.97 3.91
N ASP A 30 -2.24 -12.71 3.94
CA ASP A 30 -2.72 -13.29 5.18
C ASP A 30 -3.63 -14.49 4.90
N LYS A 31 -3.14 -15.69 5.25
CA LYS A 31 -3.92 -16.91 5.04
C LYS A 31 -3.67 -17.91 6.15
N ASN A 32 -3.33 -17.40 7.34
CA ASN A 32 -3.07 -18.25 8.50
C ASN A 32 -2.72 -17.41 9.72
N GLN A 33 -2.61 -18.07 10.86
CA GLN A 33 -2.28 -17.38 12.11
C GLN A 33 -1.02 -16.54 11.94
N LEU A 34 0.10 -17.20 11.71
CA LEU A 34 1.38 -16.52 11.53
C LEU A 34 1.72 -16.37 10.05
N GLY A 35 1.03 -15.46 9.37
CA GLY A 35 1.28 -15.25 7.96
C GLY A 35 0.81 -13.88 7.49
N TRP A 36 0.65 -12.96 8.43
CA TRP A 36 0.21 -11.61 8.10
C TRP A 36 1.40 -10.69 7.86
N ARG A 37 1.55 -10.24 6.61
CA ARG A 37 2.64 -9.35 6.25
C ARG A 37 2.16 -8.22 5.34
N ALA A 38 2.46 -6.99 5.72
CA ALA A 38 2.05 -5.83 4.94
C ALA A 38 3.26 -5.13 4.34
N GLN A 39 3.06 -4.46 3.21
CA GLN A 39 4.12 -3.75 2.53
C GLN A 39 3.56 -2.73 1.53
N ARG A 40 3.88 -1.46 1.75
CA ARG A 40 3.41 -0.40 0.88
C ARG A 40 4.55 0.18 0.05
N GLY A 41 4.21 0.93 -0.99
CA GLY A 41 5.21 1.52 -1.84
C GLY A 41 4.63 2.54 -2.81
N CYS A 42 5.41 3.59 -3.09
CA CYS A 42 4.96 4.64 -4.00
C CYS A 42 5.54 4.42 -5.40
N ALA A 43 4.89 5.04 -6.40
CA ALA A 43 5.33 4.91 -7.78
C ALA A 43 4.43 5.72 -8.71
N VAL A 44 4.57 5.47 -10.01
CA VAL A 44 3.78 6.18 -11.01
C VAL A 44 2.89 5.21 -11.79
N SER A 45 2.89 3.95 -11.37
CA SER A 45 2.10 2.93 -12.03
C SER A 45 1.63 1.87 -11.04
N CYS A 46 0.58 1.15 -11.40
CA CYS A 46 0.04 0.10 -10.54
C CYS A 46 0.83 -1.19 -10.70
N PRO A 47 1.00 -1.93 -9.59
CA PRO A 47 1.73 -3.19 -9.57
C PRO A 47 0.98 -4.31 -10.30
N LYS A 48 1.48 -5.54 -10.17
CA LYS A 48 0.85 -6.69 -10.81
C LYS A 48 0.84 -7.89 -9.88
N ALA A 49 0.57 -7.64 -8.61
CA ALA A 49 0.53 -8.70 -7.61
C ALA A 49 -0.37 -9.85 -8.08
N LYS A 50 -0.31 -10.97 -7.36
CA LYS A 50 -1.12 -12.13 -7.70
C LYS A 50 -2.54 -11.98 -7.18
N PRO A 51 -3.48 -12.74 -7.76
CA PRO A 51 -4.90 -12.70 -7.38
C PRO A 51 -5.12 -13.31 -6.00
N ASN A 52 -4.11 -13.97 -5.46
CA ASN A 52 -4.20 -14.60 -4.15
C ASN A 52 -4.00 -13.57 -3.04
N GLU A 53 -2.91 -12.81 -3.14
CA GLU A 53 -2.59 -11.79 -2.16
C GLU A 53 -3.58 -10.63 -2.23
N THR A 54 -3.28 -9.55 -1.53
CA THR A 54 -4.14 -8.37 -1.51
C THR A 54 -3.36 -7.12 -1.89
N VAL A 55 -3.62 -6.61 -3.09
CA VAL A 55 -2.94 -5.41 -3.58
C VAL A 55 -3.94 -4.34 -4.00
N GLN A 56 -3.75 -3.13 -3.50
CA GLN A 56 -4.64 -2.02 -3.83
C GLN A 56 -3.85 -0.75 -4.10
N CYS A 57 -3.92 -0.27 -5.33
CA CYS A 57 -3.20 0.95 -5.72
C CYS A 57 -4.17 2.11 -5.91
N CYS A 58 -3.84 3.26 -5.33
CA CYS A 58 -4.67 4.45 -5.43
C CYS A 58 -3.85 5.66 -5.84
N SER A 59 -4.53 6.70 -6.31
CA SER A 59 -3.86 7.92 -6.75
C SER A 59 -4.65 9.16 -6.32
N THR A 60 -5.32 9.06 -5.18
CA THR A 60 -6.10 10.16 -4.65
C THR A 60 -5.62 10.58 -3.27
N ASP A 61 -5.81 11.86 -2.94
CA ASP A 61 -5.39 12.38 -1.65
C ASP A 61 -6.23 11.80 -0.52
N LYS A 62 -5.57 11.29 0.50
CA LYS A 62 -6.25 10.70 1.65
C LYS A 62 -7.03 9.46 1.22
N CYS A 63 -6.58 8.81 0.16
CA CYS A 63 -7.23 7.61 -0.34
C CYS A 63 -6.50 6.35 0.13
N ASN A 64 -5.19 6.32 -0.10
CA ASN A 64 -4.38 5.17 0.31
C ASN A 64 -4.62 4.82 1.77
N LYS A 65 -5.28 3.70 2.00
CA LYS A 65 -5.58 3.24 3.35
C LYS A 65 -4.30 2.95 4.12
N LEU A 1 2.43 13.62 -4.07
CA LEU A 1 1.20 13.02 -3.59
C LEU A 1 1.34 12.55 -2.14
N THR A 2 0.27 12.67 -1.38
CA THR A 2 0.27 12.26 0.02
C THR A 2 -0.52 10.96 0.22
N CYS A 3 -0.06 10.12 1.14
CA CYS A 3 -0.72 8.86 1.43
C CYS A 3 -0.32 8.33 2.79
N LEU A 4 -1.29 7.77 3.53
CA LEU A 4 -1.04 7.23 4.85
C LEU A 4 -0.58 5.77 4.77
N ILE A 5 0.68 5.52 5.10
CA ILE A 5 1.23 4.18 5.07
C ILE A 5 1.37 3.61 6.47
N CYS A 6 1.24 2.28 6.58
CA CYS A 6 1.35 1.61 7.87
C CYS A 6 1.04 0.12 7.73
N PRO A 7 2.10 -0.70 7.68
CA PRO A 7 1.97 -2.15 7.55
C PRO A 7 1.40 -2.80 8.81
N GLU A 8 0.09 -2.75 8.96
CA GLU A 8 -0.57 -3.33 10.12
C GLU A 8 -2.07 -3.52 9.86
N LYS A 9 -2.76 -4.11 10.83
CA LYS A 9 -4.19 -4.37 10.70
C LYS A 9 -4.97 -3.06 10.65
N ASP A 10 -5.00 -2.35 11.78
CA ASP A 10 -5.70 -1.07 11.86
C ASP A 10 -4.75 0.05 12.23
N CYS A 11 -4.25 0.77 11.23
CA CYS A 11 -3.33 1.88 11.45
C CYS A 11 -2.91 2.51 10.14
N GLN A 12 -2.81 3.84 10.13
CA GLN A 12 -2.42 4.56 8.92
C GLN A 12 -1.69 5.85 9.29
N LYS A 13 -0.41 5.92 8.92
CA LYS A 13 0.40 7.10 9.21
C LYS A 13 0.62 7.93 7.95
N VAL A 14 0.10 9.15 7.96
CA VAL A 14 0.24 10.05 6.82
C VAL A 14 1.69 10.13 6.35
N HIS A 15 1.89 10.08 5.03
CA HIS A 15 3.23 10.14 4.47
C HIS A 15 3.25 11.01 3.20
N THR A 16 4.41 11.59 2.90
CA THR A 16 4.54 12.44 1.73
C THR A 16 5.51 11.83 0.72
N CYS A 17 4.98 11.48 -0.45
CA CYS A 17 5.78 10.88 -1.51
C CYS A 17 6.18 11.93 -2.55
N ARG A 18 7.25 12.66 -2.27
CA ARG A 18 7.72 13.69 -3.19
C ARG A 18 8.79 13.15 -4.13
N ASN A 19 8.83 11.82 -4.25
CA ASN A 19 9.82 11.17 -5.11
C ASN A 19 9.33 11.14 -6.56
N GLU A 20 10.13 10.53 -7.42
CA GLU A 20 9.78 10.43 -8.84
C GLU A 20 8.40 9.82 -9.02
N GLU A 21 7.99 8.98 -8.06
CA GLU A 21 6.68 8.34 -8.10
C GLU A 21 5.57 9.34 -7.85
N LYS A 22 4.34 8.84 -7.80
CA LYS A 22 3.18 9.70 -7.55
C LYS A 22 2.11 8.95 -6.75
N ILE A 23 1.62 7.85 -7.31
CA ILE A 23 0.60 7.05 -6.65
C ILE A 23 1.21 6.21 -5.53
N CYS A 24 0.34 5.67 -4.67
CA CYS A 24 0.79 4.84 -3.56
C CYS A 24 0.02 3.52 -3.52
N VAL A 25 0.77 2.42 -3.50
CA VAL A 25 0.17 1.10 -3.46
C VAL A 25 0.88 0.20 -2.45
N LYS A 26 0.12 -0.70 -1.83
CA LYS A 26 0.68 -1.62 -0.84
C LYS A 26 0.16 -3.04 -1.07
N ARG A 27 1.00 -4.03 -0.79
CA ARG A 27 0.63 -5.43 -0.96
C ARG A 27 0.97 -6.23 0.29
N PHE A 28 0.05 -7.11 0.69
CA PHE A 28 0.27 -7.95 1.87
C PHE A 28 -0.22 -9.37 1.61
N TYR A 29 0.27 -10.30 2.41
CA TYR A 29 -0.11 -11.71 2.27
C TYR A 29 -0.40 -12.33 3.64
N ASP A 30 -1.40 -13.21 3.69
CA ASP A 30 -1.77 -13.88 4.93
C ASP A 30 -2.39 -15.25 4.64
N LYS A 31 -1.72 -16.30 5.07
CA LYS A 31 -2.20 -17.66 4.87
C LYS A 31 -2.12 -18.46 6.17
N ASN A 32 -2.18 -17.77 7.29
CA ASN A 32 -2.13 -18.42 8.60
C ASN A 32 -2.22 -17.40 9.72
N GLN A 33 -2.60 -17.86 10.92
CA GLN A 33 -2.73 -16.98 12.07
C GLN A 33 -1.41 -16.26 12.35
N LEU A 34 -0.31 -16.94 12.13
CA LEU A 34 1.01 -16.37 12.36
C LEU A 34 1.58 -15.77 11.08
N GLY A 35 0.80 -15.84 10.00
CA GLY A 35 1.24 -15.30 8.73
C GLY A 35 0.49 -14.03 8.36
N TRP A 36 1.24 -12.94 8.22
CA TRP A 36 0.64 -11.65 7.87
C TRP A 36 1.72 -10.59 7.66
N ARG A 37 2.10 -10.37 6.40
CA ARG A 37 3.11 -9.37 6.08
C ARG A 37 2.60 -8.39 5.04
N ALA A 38 2.91 -7.11 5.24
CA ALA A 38 2.48 -6.07 4.32
C ALA A 38 3.65 -5.17 3.93
N GLN A 39 3.54 -4.54 2.75
CA GLN A 39 4.58 -3.65 2.27
C GLN A 39 4.01 -2.60 1.33
N ARG A 40 4.32 -1.34 1.60
CA ARG A 40 3.83 -0.24 0.78
C ARG A 40 4.89 0.21 -0.21
N GLY A 41 4.49 1.03 -1.19
CA GLY A 41 5.42 1.52 -2.18
C GLY A 41 4.75 2.41 -3.21
N CYS A 42 5.38 3.55 -3.50
CA CYS A 42 4.83 4.49 -4.47
C CYS A 42 5.10 4.02 -5.90
N ALA A 43 4.50 4.70 -6.87
CA ALA A 43 4.67 4.35 -8.27
C ALA A 43 3.95 5.34 -9.17
N VAL A 44 3.88 5.01 -10.46
CA VAL A 44 3.21 5.87 -11.43
C VAL A 44 2.11 5.13 -12.18
N SER A 45 2.00 3.82 -11.90
CA SER A 45 0.99 2.99 -12.55
C SER A 45 0.59 1.83 -11.64
N CYS A 46 -0.70 1.74 -11.35
CA CYS A 46 -1.22 0.67 -10.50
C CYS A 46 -0.75 -0.70 -10.99
N PRO A 47 0.17 -1.31 -10.23
CA PRO A 47 0.71 -2.63 -10.56
C PRO A 47 -0.31 -3.75 -10.42
N LYS A 48 0.15 -4.99 -10.51
CA LYS A 48 -0.73 -6.14 -10.38
C LYS A 48 -0.13 -7.18 -9.44
N ALA A 49 -0.92 -8.21 -9.13
CA ALA A 49 -0.46 -9.27 -8.24
C ALA A 49 -1.24 -10.55 -8.47
N LYS A 50 -1.03 -11.55 -7.60
CA LYS A 50 -1.72 -12.83 -7.72
C LYS A 50 -3.08 -12.76 -7.04
N PRO A 51 -3.97 -13.71 -7.40
CA PRO A 51 -5.32 -13.79 -6.84
C PRO A 51 -5.32 -14.21 -5.38
N ASN A 52 -4.17 -14.70 -4.91
CA ASN A 52 -4.04 -15.14 -3.52
C ASN A 52 -3.67 -13.97 -2.62
N GLU A 53 -2.67 -13.20 -3.03
CA GLU A 53 -2.23 -12.05 -2.25
C GLU A 53 -3.21 -10.89 -2.37
N THR A 54 -2.94 -9.81 -1.64
CA THR A 54 -3.81 -8.64 -1.67
C THR A 54 -3.02 -7.38 -1.99
N VAL A 55 -3.61 -6.51 -2.81
CA VAL A 55 -2.96 -5.27 -3.20
C VAL A 55 -3.95 -4.11 -3.23
N GLN A 56 -3.49 -2.93 -2.84
CA GLN A 56 -4.36 -1.75 -2.82
C GLN A 56 -3.58 -0.51 -3.27
N CYS A 57 -3.93 0.00 -4.45
CA CYS A 57 -3.27 1.18 -4.99
C CYS A 57 -4.21 2.39 -5.00
N CYS A 58 -3.65 3.58 -4.84
CA CYS A 58 -4.43 4.80 -4.83
C CYS A 58 -3.73 5.91 -5.61
N SER A 59 -4.53 6.74 -6.28
CA SER A 59 -3.98 7.83 -7.08
C SER A 59 -4.56 9.18 -6.63
N THR A 60 -4.98 9.24 -5.36
CA THR A 60 -5.56 10.46 -4.82
C THR A 60 -4.96 10.78 -3.45
N ASP A 61 -5.07 12.05 -3.06
CA ASP A 61 -4.53 12.49 -1.77
C ASP A 61 -5.36 11.94 -0.62
N LYS A 62 -4.68 11.43 0.40
CA LYS A 62 -5.35 10.86 1.57
C LYS A 62 -6.23 9.67 1.17
N CYS A 63 -5.97 9.13 -0.01
CA CYS A 63 -6.73 7.98 -0.51
C CYS A 63 -6.12 6.67 -0.03
N ASN A 64 -4.82 6.50 -0.25
CA ASN A 64 -4.12 5.29 0.16
C ASN A 64 -4.38 4.99 1.63
N LYS A 65 -5.16 3.94 1.89
CA LYS A 65 -5.48 3.54 3.25
C LYS A 65 -4.76 2.26 3.63
N LEU A 1 2.06 14.14 -3.28
CA LEU A 1 0.77 13.59 -2.88
C LEU A 1 0.84 13.01 -1.47
N THR A 2 -0.27 13.08 -0.74
CA THR A 2 -0.33 12.55 0.62
C THR A 2 -1.01 11.19 0.65
N CYS A 3 -0.34 10.21 1.24
CA CYS A 3 -0.88 8.85 1.34
C CYS A 3 -0.57 8.24 2.70
N LEU A 4 -1.48 7.42 3.20
CA LEU A 4 -1.30 6.77 4.50
C LEU A 4 -0.56 5.45 4.34
N ILE A 5 0.47 5.26 5.17
CA ILE A 5 1.26 4.05 5.12
C ILE A 5 1.45 3.46 6.52
N CYS A 6 1.33 2.14 6.63
CA CYS A 6 1.50 1.46 7.90
C CYS A 6 1.13 -0.01 7.78
N PRO A 7 2.05 -0.89 8.22
CA PRO A 7 1.85 -2.34 8.16
C PRO A 7 0.79 -2.81 9.16
N GLU A 8 0.88 -2.32 10.38
CA GLU A 8 -0.07 -2.69 11.43
C GLU A 8 -1.51 -2.43 10.97
N LYS A 9 -2.39 -3.38 11.25
CA LYS A 9 -3.79 -3.26 10.87
C LYS A 9 -4.36 -1.92 11.30
N ASP A 10 -4.70 -1.79 12.58
CA ASP A 10 -5.24 -0.56 13.11
C ASP A 10 -4.15 0.50 13.28
N CYS A 11 -3.79 1.14 12.17
CA CYS A 11 -2.76 2.17 12.19
C CYS A 11 -2.53 2.73 10.79
N GLN A 12 -2.36 4.05 10.71
CA GLN A 12 -2.13 4.71 9.43
C GLN A 12 -1.21 5.91 9.60
N LYS A 13 0.04 5.75 9.17
CA LYS A 13 1.03 6.83 9.27
C LYS A 13 1.10 7.62 7.96
N VAL A 14 0.70 8.88 8.02
CA VAL A 14 0.73 9.75 6.84
C VAL A 14 2.12 9.81 6.25
N HIS A 15 2.20 9.91 4.93
CA HIS A 15 3.48 9.98 4.23
C HIS A 15 3.32 10.62 2.85
N THR A 16 4.10 11.66 2.59
CA THR A 16 4.03 12.36 1.31
C THR A 16 5.00 11.75 0.30
N CYS A 17 4.44 11.20 -0.77
CA CYS A 17 5.26 10.58 -1.82
C CYS A 17 5.95 11.64 -2.67
N ARG A 18 7.03 12.21 -2.15
CA ARG A 18 7.78 13.23 -2.87
C ARG A 18 8.91 12.61 -3.67
N ASN A 19 8.82 11.31 -3.91
CA ASN A 19 9.85 10.59 -4.67
C ASN A 19 9.56 10.67 -6.17
N GLU A 20 10.39 9.99 -6.95
CA GLU A 20 10.23 9.96 -8.40
C GLU A 20 8.83 9.48 -8.79
N GLU A 21 8.22 8.70 -7.89
CA GLU A 21 6.88 8.17 -8.14
C GLU A 21 5.83 9.27 -8.00
N LYS A 22 4.56 8.87 -7.97
CA LYS A 22 3.46 9.80 -7.84
C LYS A 22 2.31 9.19 -7.05
N ILE A 23 1.91 7.98 -7.43
CA ILE A 23 0.83 7.28 -6.76
C ILE A 23 1.36 6.44 -5.60
N CYS A 24 0.44 5.89 -4.82
CA CYS A 24 0.81 5.05 -3.68
C CYS A 24 0.03 3.74 -3.69
N VAL A 25 0.75 2.63 -3.58
CA VAL A 25 0.14 1.31 -3.58
C VAL A 25 0.59 0.48 -2.38
N LYS A 26 -0.29 -0.35 -1.87
CA LYS A 26 0.02 -1.20 -0.73
C LYS A 26 -0.13 -2.68 -1.08
N ARG A 27 0.72 -3.51 -0.49
CA ARG A 27 0.67 -4.95 -0.74
C ARG A 27 0.96 -5.73 0.54
N PHE A 28 0.10 -6.71 0.83
CA PHE A 28 0.24 -7.53 2.01
C PHE A 28 -0.24 -8.96 1.76
N TYR A 29 0.25 -9.89 2.56
CA TYR A 29 -0.13 -11.30 2.41
C TYR A 29 -0.68 -11.85 3.72
N ASP A 30 -1.80 -12.57 3.62
CA ASP A 30 -2.44 -13.15 4.80
C ASP A 30 -2.45 -14.67 4.70
N LYS A 31 -1.87 -15.32 5.71
CA LYS A 31 -1.82 -16.78 5.74
C LYS A 31 -2.83 -17.34 6.74
N ASN A 32 -2.73 -18.64 7.02
CA ASN A 32 -3.64 -19.29 7.94
C ASN A 32 -3.54 -18.66 9.34
N GLN A 33 -2.46 -18.96 10.04
CA GLN A 33 -2.25 -18.41 11.38
C GLN A 33 -1.09 -17.42 11.39
N LEU A 34 0.04 -17.83 10.81
CA LEU A 34 1.23 -16.99 10.76
C LEU A 34 1.62 -16.71 9.32
N GLY A 35 2.10 -15.49 9.07
CA GLY A 35 2.51 -15.11 7.72
C GLY A 35 2.01 -13.73 7.33
N TRP A 36 1.23 -13.12 8.22
CA TRP A 36 0.68 -11.79 7.96
C TRP A 36 1.79 -10.77 7.78
N ARG A 37 1.95 -10.27 6.55
CA ARG A 37 2.98 -9.29 6.25
C ARG A 37 2.44 -8.20 5.32
N ALA A 38 2.77 -6.95 5.61
CA ALA A 38 2.33 -5.83 4.80
C ALA A 38 3.51 -4.97 4.35
N GLN A 39 3.31 -4.19 3.29
CA GLN A 39 4.35 -3.33 2.77
C GLN A 39 3.79 -2.36 1.72
N ARG A 40 4.00 -1.07 1.93
CA ARG A 40 3.52 -0.05 1.01
C ARG A 40 4.67 0.52 0.19
N GLY A 41 4.32 1.27 -0.86
CA GLY A 41 5.33 1.87 -1.71
C GLY A 41 4.73 2.70 -2.82
N CYS A 42 5.38 3.82 -3.13
CA CYS A 42 4.90 4.70 -4.19
C CYS A 42 5.26 4.15 -5.57
N ALA A 43 4.53 4.59 -6.59
CA ALA A 43 4.78 4.14 -7.95
C ALA A 43 4.19 5.11 -8.97
N VAL A 44 4.21 4.73 -10.24
CA VAL A 44 3.68 5.57 -11.30
C VAL A 44 2.70 4.81 -12.17
N SER A 45 2.37 3.58 -11.75
CA SER A 45 1.44 2.74 -12.49
C SER A 45 0.64 1.86 -11.53
N CYS A 46 -0.43 1.26 -12.05
CA CYS A 46 -1.29 0.40 -11.25
C CYS A 46 -1.18 -1.06 -11.71
N PRO A 47 -0.10 -1.73 -11.31
CA PRO A 47 0.13 -3.14 -11.67
C PRO A 47 -0.85 -4.09 -10.99
N LYS A 48 -0.56 -5.38 -11.08
CA LYS A 48 -1.42 -6.39 -10.47
C LYS A 48 -0.59 -7.38 -9.65
N ALA A 49 -1.26 -8.41 -9.13
CA ALA A 49 -0.60 -9.42 -8.33
C ALA A 49 -1.36 -10.74 -8.36
N LYS A 50 -0.96 -11.67 -7.50
CA LYS A 50 -1.61 -12.97 -7.43
C LYS A 50 -2.95 -12.87 -6.70
N PRO A 51 -3.83 -13.85 -6.95
CA PRO A 51 -5.16 -13.90 -6.33
C PRO A 51 -5.10 -14.20 -4.84
N ASN A 52 -3.93 -14.66 -4.38
CA ASN A 52 -3.74 -14.98 -2.98
C ASN A 52 -3.39 -13.74 -2.17
N GLU A 53 -2.43 -12.97 -2.65
CA GLU A 53 -2.00 -11.75 -1.98
C GLU A 53 -3.06 -10.66 -2.12
N THR A 54 -2.77 -9.49 -1.56
CA THR A 54 -3.69 -8.35 -1.62
C THR A 54 -2.95 -7.07 -1.96
N VAL A 55 -3.23 -6.51 -3.13
CA VAL A 55 -2.59 -5.27 -3.57
C VAL A 55 -3.63 -4.23 -3.96
N GLN A 56 -3.41 -2.99 -3.54
CA GLN A 56 -4.32 -1.90 -3.83
C GLN A 56 -3.56 -0.61 -4.10
N CYS A 57 -3.63 -0.12 -5.34
CA CYS A 57 -2.94 1.11 -5.71
C CYS A 57 -3.93 2.28 -5.79
N CYS A 58 -3.57 3.39 -5.17
CA CYS A 58 -4.41 4.58 -5.17
C CYS A 58 -3.69 5.76 -5.81
N SER A 59 -4.46 6.62 -6.47
CA SER A 59 -3.89 7.79 -7.13
C SER A 59 -4.67 9.05 -6.77
N THR A 60 -4.62 9.43 -5.49
CA THR A 60 -5.33 10.61 -5.02
C THR A 60 -4.98 10.90 -3.57
N ASP A 61 -5.18 12.16 -3.16
CA ASP A 61 -4.90 12.56 -1.78
C ASP A 61 -5.85 11.90 -0.81
N LYS A 62 -5.31 11.36 0.28
CA LYS A 62 -6.12 10.68 1.29
C LYS A 62 -6.88 9.50 0.69
N CYS A 63 -6.39 9.00 -0.44
CA CYS A 63 -7.02 7.87 -1.11
C CYS A 63 -6.43 6.55 -0.63
N ASN A 64 -5.10 6.49 -0.60
CA ASN A 64 -4.41 5.28 -0.16
C ASN A 64 -4.96 4.79 1.17
N LYS A 65 -5.64 3.65 1.14
CA LYS A 65 -6.22 3.07 2.34
C LYS A 65 -5.74 1.62 2.54
#